data_1YO6
#
_entry.id   1YO6
#
_cell.length_a   74.870
_cell.length_b   86.320
_cell.length_c   242.560
_cell.angle_alpha   90.00
_cell.angle_beta   90.00
_cell.angle_gamma   90.00
#
_symmetry.space_group_name_H-M   'P 21 21 21'
#
loop_
_entity.id
_entity.type
_entity.pdbx_description
1 polymer 'Putative Carbonyl Reductase Sniffer'
2 water water
#
_entity_poly.entity_id   1
_entity_poly.type   'polypeptide(L)'
_entity_poly.pdbx_seq_one_letter_code
;MSPGSVVVTGANRGIGLGLVQQLVKDKNIRHIIATARDVEKATELKSIKDSRVHVLPLTVTCDKSLDTFVSKVGEIVGSD
GLSLLINNAGVLLSYGTNTEPNRAVIAEQLDVNTTSVVLLTQKLLPLLKNAASKESGDQLSVSRAAVITISSGLGSITDN
TSGSAQFPVLAYRMSKAAINMFGRTLAVDLKDDNVLVVNFCPGWVQTNLGGKNAALTVEQSTAELISSFNKLDNSHNGRF
FMRNLKPYEF
;
_entity_poly.pdbx_strand_id   A,B,C,D,E,F
#
# COMPACT_ATOMS: atom_id res chain seq x y z
N MET A 1 -37.55 -19.32 7.71
CA MET A 1 -36.89 -20.17 8.73
C MET A 1 -35.90 -19.40 9.58
N SER A 2 -35.61 -19.94 10.77
CA SER A 2 -34.69 -19.32 11.71
C SER A 2 -33.41 -20.15 11.82
N PRO A 3 -32.32 -19.55 12.33
CA PRO A 3 -31.08 -20.30 12.47
C PRO A 3 -31.18 -21.14 13.75
N GLY A 4 -30.62 -22.35 13.72
CA GLY A 4 -30.69 -23.19 14.89
C GLY A 4 -29.85 -22.70 16.05
N SER A 5 -28.69 -22.14 15.72
CA SER A 5 -27.79 -21.64 16.74
C SER A 5 -27.08 -20.35 16.33
N VAL A 6 -26.97 -19.43 17.27
CA VAL A 6 -26.30 -18.17 17.01
C VAL A 6 -25.28 -17.82 18.07
N VAL A 7 -24.17 -17.25 17.60
CA VAL A 7 -23.09 -16.80 18.47
C VAL A 7 -23.04 -15.26 18.34
N VAL A 8 -22.96 -14.57 19.47
CA VAL A 8 -22.86 -13.11 19.47
C VAL A 8 -21.78 -12.72 20.45
N THR A 9 -20.66 -12.25 19.93
CA THR A 9 -19.54 -11.83 20.74
C THR A 9 -19.77 -10.41 21.25
N GLY A 10 -19.47 -10.20 22.53
CA GLY A 10 -19.65 -8.88 23.13
C GLY A 10 -21.12 -8.57 23.34
N ALA A 11 -21.83 -9.44 24.05
CA ALA A 11 -23.26 -9.24 24.28
C ALA A 11 -23.59 -8.62 25.64
N ASN A 12 -22.56 -8.25 26.39
CA ASN A 12 -22.75 -7.66 27.72
C ASN A 12 -23.35 -6.28 27.66
N ARG A 13 -23.25 -5.63 26.51
CA ARG A 13 -23.78 -4.28 26.39
C ARG A 13 -23.74 -3.79 24.94
N GLY A 14 -24.36 -2.64 24.70
CA GLY A 14 -24.38 -2.08 23.35
C GLY A 14 -25.09 -2.98 22.36
N ILE A 15 -24.67 -2.90 21.09
CA ILE A 15 -25.23 -3.68 19.99
C ILE A 15 -25.32 -5.17 20.28
N GLY A 16 -24.29 -5.71 20.90
CA GLY A 16 -24.24 -7.13 21.23
C GLY A 16 -25.38 -7.56 22.12
N LEU A 17 -25.65 -6.79 23.16
CA LEU A 17 -26.75 -7.10 24.08
C LEU A 17 -28.12 -6.97 23.41
N GLY A 18 -28.33 -5.86 22.70
CA GLY A 18 -29.58 -5.63 22.01
C GLY A 18 -29.91 -6.75 21.04
N LEU A 19 -28.91 -7.17 20.27
CA LEU A 19 -29.08 -8.26 19.31
C LEU A 19 -29.52 -9.54 20.00
N VAL A 20 -28.99 -9.81 21.19
CA VAL A 20 -29.36 -11.01 21.90
C VAL A 20 -30.81 -10.91 22.37
N GLN A 21 -31.22 -9.72 22.82
CA GLN A 21 -32.59 -9.51 23.27
C GLN A 21 -33.50 -9.66 22.07
N GLN A 22 -33.03 -9.21 20.90
CA GLN A 22 -33.81 -9.33 19.68
C GLN A 22 -33.90 -10.80 19.30
N LEU A 23 -32.78 -11.49 19.49
CA LEU A 23 -32.68 -12.91 19.17
C LEU A 23 -33.56 -13.79 20.06
N VAL A 24 -33.65 -13.50 21.35
CA VAL A 24 -34.49 -14.33 22.22
C VAL A 24 -35.97 -14.28 21.84
N LYS A 25 -36.39 -13.20 21.20
CA LYS A 25 -37.78 -13.07 20.77
C LYS A 25 -38.12 -14.11 19.71
N ASP A 26 -37.11 -14.67 19.05
CA ASP A 26 -37.39 -15.70 18.05
C ASP A 26 -37.28 -17.04 18.75
N LYS A 27 -38.43 -17.56 19.19
CA LYS A 27 -38.51 -18.83 19.91
C LYS A 27 -38.14 -20.09 19.11
N ASN A 28 -38.01 -19.97 17.79
CA ASN A 28 -37.65 -21.12 16.97
C ASN A 28 -36.14 -21.32 16.91
N ILE A 29 -35.38 -20.40 17.49
CA ILE A 29 -33.92 -20.55 17.51
C ILE A 29 -33.62 -21.49 18.68
N ARG A 30 -32.82 -22.53 18.42
CA ARG A 30 -32.49 -23.49 19.45
C ARG A 30 -31.44 -23.01 20.44
N HIS A 31 -30.32 -22.49 19.95
CA HIS A 31 -29.27 -22.01 20.85
C HIS A 31 -28.91 -20.56 20.60
N ILE A 32 -28.55 -19.87 21.67
CA ILE A 32 -28.13 -18.49 21.61
C ILE A 32 -26.90 -18.35 22.49
N ILE A 33 -25.75 -18.28 21.85
CA ILE A 33 -24.48 -18.19 22.54
C ILE A 33 -23.97 -16.75 22.66
N ALA A 34 -24.03 -16.20 23.88
CA ALA A 34 -23.57 -14.83 24.15
C ALA A 34 -22.24 -14.85 24.92
N THR A 35 -21.29 -14.01 24.51
CA THR A 35 -19.98 -13.97 25.16
C THR A 35 -19.66 -12.63 25.81
N ALA A 36 -18.85 -12.69 26.84
CA ALA A 36 -18.40 -11.52 27.58
C ALA A 36 -16.96 -11.78 28.04
N ARG A 37 -16.15 -10.74 28.04
CA ARG A 37 -14.77 -10.88 28.48
C ARG A 37 -14.83 -11.19 29.96
N ASP A 38 -15.62 -10.37 30.65
CA ASP A 38 -15.84 -10.50 32.08
C ASP A 38 -17.30 -10.87 32.25
N VAL A 39 -17.56 -12.17 32.37
CA VAL A 39 -18.93 -12.65 32.51
C VAL A 39 -19.55 -12.27 33.86
N GLU A 40 -18.87 -12.59 34.96
CA GLU A 40 -19.39 -12.28 36.28
C GLU A 40 -19.90 -10.83 36.37
N LYS A 41 -19.50 -10.00 35.42
CA LYS A 41 -19.91 -8.60 35.41
C LYS A 41 -21.07 -8.32 34.48
N ALA A 42 -21.27 -9.19 33.49
CA ALA A 42 -22.37 -9.01 32.54
C ALA A 42 -23.67 -9.34 33.24
N THR A 43 -24.11 -8.46 34.12
CA THR A 43 -25.33 -8.67 34.87
C THR A 43 -26.57 -8.54 33.99
N GLU A 44 -26.66 -7.46 33.22
CA GLU A 44 -27.81 -7.25 32.36
C GLU A 44 -27.90 -8.33 31.28
N LEU A 45 -26.75 -8.86 30.86
CA LEU A 45 -26.73 -9.91 29.86
C LEU A 45 -27.27 -11.15 30.57
N LYS A 46 -26.77 -11.37 31.79
CA LYS A 46 -27.15 -12.52 32.62
C LYS A 46 -28.63 -12.55 33.02
N SER A 47 -29.18 -11.39 33.36
CA SER A 47 -30.58 -11.31 33.79
C SER A 47 -31.55 -11.93 32.79
N ILE A 48 -31.16 -12.02 31.52
CA ILE A 48 -32.04 -12.59 30.51
C ILE A 48 -32.42 -14.01 30.90
N LYS A 49 -33.72 -14.21 31.07
CA LYS A 49 -34.28 -15.49 31.48
C LYS A 49 -34.02 -16.66 30.55
N ASP A 50 -35.05 -17.06 29.82
CA ASP A 50 -35.02 -18.17 28.86
C ASP A 50 -33.76 -19.05 28.85
N SER A 51 -34.00 -20.35 29.02
CA SER A 51 -32.96 -21.38 29.10
C SER A 51 -32.03 -21.62 27.92
N ARG A 52 -32.40 -21.19 26.72
CA ARG A 52 -31.54 -21.44 25.57
C ARG A 52 -30.37 -20.47 25.38
N VAL A 53 -30.27 -19.45 26.23
CA VAL A 53 -29.17 -18.51 26.10
C VAL A 53 -27.97 -18.88 26.99
N HIS A 54 -26.83 -19.10 26.36
CA HIS A 54 -25.62 -19.48 27.07
C HIS A 54 -24.59 -18.36 27.11
N VAL A 55 -24.35 -17.82 28.29
CA VAL A 55 -23.39 -16.76 28.48
C VAL A 55 -21.99 -17.32 28.76
N LEU A 56 -21.17 -17.40 27.72
CA LEU A 56 -19.83 -17.94 27.86
C LEU A 56 -18.77 -16.83 27.88
N PRO A 57 -17.66 -17.04 28.60
CA PRO A 57 -16.56 -16.08 28.70
C PRO A 57 -15.71 -16.11 27.43
N LEU A 58 -15.22 -14.94 27.01
CA LEU A 58 -14.39 -14.87 25.82
C LEU A 58 -13.56 -13.60 25.72
N THR A 59 -12.25 -13.79 25.60
CA THR A 59 -11.29 -12.70 25.44
C THR A 59 -10.82 -12.94 24.00
N VAL A 60 -11.28 -12.10 23.09
CA VAL A 60 -10.95 -12.28 21.69
C VAL A 60 -9.47 -12.17 21.39
N THR A 61 -8.71 -11.57 22.29
CA THR A 61 -7.30 -11.43 22.06
C THR A 61 -6.46 -12.58 22.60
N CYS A 62 -7.09 -13.49 23.34
CA CYS A 62 -6.39 -14.65 23.92
C CYS A 62 -6.75 -15.91 23.14
N ASP A 63 -5.76 -16.50 22.47
CA ASP A 63 -5.99 -17.69 21.67
C ASP A 63 -6.45 -18.91 22.47
N LYS A 64 -6.26 -18.86 23.78
CA LYS A 64 -6.67 -19.95 24.66
C LYS A 64 -8.13 -19.77 24.98
N SER A 65 -8.54 -18.53 25.22
CA SER A 65 -9.92 -18.20 25.52
C SER A 65 -10.75 -18.47 24.26
N LEU A 66 -10.07 -18.45 23.12
CA LEU A 66 -10.73 -18.70 21.84
C LEU A 66 -10.97 -20.19 21.65
N ASP A 67 -9.93 -20.99 21.87
CA ASP A 67 -10.03 -22.44 21.73
C ASP A 67 -11.04 -23.02 22.71
N THR A 68 -10.99 -22.53 23.96
CA THR A 68 -11.93 -23.01 24.95
C THR A 68 -13.35 -22.69 24.51
N PHE A 69 -13.56 -21.46 24.06
CA PHE A 69 -14.86 -21.03 23.61
C PHE A 69 -15.34 -21.81 22.39
N VAL A 70 -14.49 -21.99 21.39
CA VAL A 70 -14.89 -22.74 20.19
C VAL A 70 -15.32 -24.16 20.57
N SER A 71 -14.61 -24.77 21.52
CA SER A 71 -14.95 -26.11 21.94
C SER A 71 -16.30 -26.15 22.65
N LYS A 72 -16.53 -25.18 23.54
CA LYS A 72 -17.79 -25.12 24.25
C LYS A 72 -18.95 -24.97 23.27
N VAL A 73 -18.84 -24.02 22.34
CA VAL A 73 -19.92 -23.85 21.37
C VAL A 73 -20.07 -25.13 20.57
N GLY A 74 -18.96 -25.84 20.39
CA GLY A 74 -19.01 -27.10 19.65
C GLY A 74 -19.79 -28.15 20.41
N GLU A 75 -19.53 -28.22 21.72
CA GLU A 75 -20.20 -29.16 22.60
C GLU A 75 -21.70 -28.84 22.66
N ILE A 76 -22.04 -27.56 22.55
CA ILE A 76 -23.44 -27.14 22.60
C ILE A 76 -24.22 -27.47 21.32
N VAL A 77 -23.78 -26.95 20.18
CA VAL A 77 -24.47 -27.19 18.91
C VAL A 77 -24.39 -28.63 18.40
N GLY A 78 -23.46 -29.41 18.93
CA GLY A 78 -23.33 -30.78 18.48
C GLY A 78 -23.25 -30.90 16.97
N SER A 79 -23.69 -32.04 16.45
CA SER A 79 -23.64 -32.31 15.01
C SER A 79 -24.46 -31.35 14.16
N ASP A 80 -25.28 -30.52 14.81
CA ASP A 80 -26.11 -29.57 14.06
C ASP A 80 -25.30 -28.48 13.36
N GLY A 81 -24.16 -28.12 13.94
CA GLY A 81 -23.32 -27.10 13.36
C GLY A 81 -23.72 -25.71 13.84
N LEU A 82 -22.91 -24.72 13.49
CA LEU A 82 -23.19 -23.34 13.91
C LEU A 82 -23.81 -22.63 12.71
N SER A 83 -25.05 -22.19 12.84
CA SER A 83 -25.72 -21.51 11.75
C SER A 83 -25.31 -20.05 11.59
N LEU A 84 -25.35 -19.30 12.68
CA LEU A 84 -25.06 -17.89 12.65
C LEU A 84 -23.92 -17.38 13.52
N LEU A 85 -22.92 -16.78 12.89
CA LEU A 85 -21.81 -16.19 13.62
C LEU A 85 -21.90 -14.71 13.35
N ILE A 86 -22.18 -13.94 14.38
CA ILE A 86 -22.26 -12.50 14.21
C ILE A 86 -21.11 -11.90 15.03
N ASN A 87 -20.05 -11.50 14.32
CA ASN A 87 -18.87 -10.92 14.94
C ASN A 87 -19.13 -9.47 15.36
N ASN A 88 -19.50 -9.30 16.61
CA ASN A 88 -19.80 -7.98 17.14
C ASN A 88 -18.70 -7.39 18.00
N ALA A 89 -18.01 -8.24 18.78
CA ALA A 89 -16.94 -7.80 19.66
C ALA A 89 -15.90 -6.95 18.95
N GLY A 90 -15.61 -5.78 19.51
CA GLY A 90 -14.64 -4.88 18.93
C GLY A 90 -14.48 -3.68 19.82
N VAL A 91 -13.64 -2.73 19.42
CA VAL A 91 -13.42 -1.54 20.23
C VAL A 91 -13.00 -0.36 19.37
N LEU A 92 -13.15 0.85 19.91
CA LEU A 92 -12.74 2.04 19.19
C LEU A 92 -11.67 2.76 19.98
N LEU A 93 -10.41 2.54 19.62
CA LEU A 93 -9.29 3.17 20.29
C LEU A 93 -9.07 4.54 19.67
N SER A 94 -8.74 5.52 20.50
CA SER A 94 -8.49 6.86 20.04
C SER A 94 -7.14 6.97 19.33
N TYR A 95 -7.15 7.38 18.06
CA TYR A 95 -5.92 7.54 17.30
C TYR A 95 -6.15 8.11 15.90
N GLY A 96 -5.57 9.29 15.68
CA GLY A 96 -5.70 9.95 14.39
C GLY A 96 -4.31 10.28 13.88
N THR A 97 -4.23 10.92 12.73
CA THR A 97 -2.96 11.31 12.13
C THR A 97 -2.12 12.23 13.03
N ASN A 98 -2.80 13.13 13.76
CA ASN A 98 -2.14 14.08 14.65
C ASN A 98 -2.00 13.58 16.10
N THR A 99 -1.89 12.27 16.26
CA THR A 99 -1.74 11.70 17.57
C THR A 99 -0.28 11.31 17.70
N GLU A 100 0.32 11.55 18.87
CA GLU A 100 1.72 11.20 19.08
C GLU A 100 1.86 9.79 18.51
N PRO A 101 2.69 9.61 17.47
CA PRO A 101 2.85 8.28 16.89
C PRO A 101 2.97 7.25 17.98
N ASN A 102 2.13 6.23 17.94
CA ASN A 102 2.17 5.18 18.95
C ASN A 102 1.85 3.80 18.35
N ARG A 103 2.87 2.96 18.24
CA ARG A 103 2.68 1.65 17.65
C ARG A 103 1.75 0.72 18.43
N ALA A 104 1.86 0.73 19.76
CA ALA A 104 1.03 -0.14 20.60
C ALA A 104 -0.46 0.11 20.42
N VAL A 105 -0.84 1.38 20.29
CA VAL A 105 -2.25 1.67 20.10
C VAL A 105 -2.73 1.20 18.73
N ILE A 106 -2.01 1.55 17.67
CA ILE A 106 -2.42 1.11 16.34
C ILE A 106 -2.52 -0.42 16.32
N ALA A 107 -1.51 -1.09 16.89
CA ALA A 107 -1.49 -2.55 16.94
C ALA A 107 -2.66 -3.17 17.73
N GLU A 108 -3.12 -2.49 18.77
CA GLU A 108 -4.22 -3.02 19.58
C GLU A 108 -5.55 -2.91 18.84
N GLN A 109 -5.70 -1.79 18.12
CA GLN A 109 -6.90 -1.52 17.36
C GLN A 109 -7.10 -2.59 16.31
N LEU A 110 -6.01 -2.97 15.65
CA LEU A 110 -6.05 -3.99 14.59
C LEU A 110 -6.20 -5.40 15.18
N ASP A 111 -5.49 -5.66 16.27
CA ASP A 111 -5.54 -6.96 16.93
C ASP A 111 -6.97 -7.25 17.38
N VAL A 112 -7.61 -6.27 18.01
CA VAL A 112 -8.98 -6.46 18.48
C VAL A 112 -10.03 -6.48 17.34
N ASN A 113 -10.09 -5.44 16.52
CA ASN A 113 -11.08 -5.34 15.45
C ASN A 113 -10.81 -6.15 14.20
N THR A 114 -9.57 -6.58 13.99
CA THR A 114 -9.29 -7.33 12.79
C THR A 114 -8.85 -8.75 13.00
N THR A 115 -7.58 -8.93 13.31
CA THR A 115 -7.05 -10.28 13.49
C THR A 115 -7.86 -11.17 14.44
N SER A 116 -8.33 -10.66 15.58
CA SER A 116 -9.12 -11.49 16.51
C SER A 116 -10.42 -11.95 15.85
N VAL A 117 -11.06 -11.08 15.07
CA VAL A 117 -12.29 -11.43 14.40
C VAL A 117 -12.03 -12.54 13.37
N VAL A 118 -10.91 -12.43 12.66
CA VAL A 118 -10.52 -13.41 11.65
C VAL A 118 -10.19 -14.73 12.31
N LEU A 119 -9.46 -14.66 13.41
CA LEU A 119 -9.06 -15.84 14.15
C LEU A 119 -10.29 -16.61 14.62
N LEU A 120 -11.27 -15.90 15.16
CA LEU A 120 -12.49 -16.54 15.66
C LEU A 120 -13.30 -17.18 14.54
N THR A 121 -13.45 -16.46 13.43
CA THR A 121 -14.20 -16.97 12.27
C THR A 121 -13.53 -18.24 11.74
N GLN A 122 -12.21 -18.21 11.62
CA GLN A 122 -11.44 -19.36 11.12
C GLN A 122 -11.65 -20.59 11.98
N LYS A 123 -11.59 -20.44 13.29
CA LYS A 123 -11.80 -21.57 14.20
C LYS A 123 -13.23 -22.10 14.12
N LEU A 124 -14.20 -21.21 13.88
CA LEU A 124 -15.60 -21.60 13.80
C LEU A 124 -16.06 -22.03 12.39
N LEU A 125 -15.12 -22.19 11.46
CA LEU A 125 -15.47 -22.58 10.09
C LEU A 125 -15.99 -24.01 10.00
N PRO A 126 -15.30 -24.96 10.63
CA PRO A 126 -15.77 -26.35 10.58
C PRO A 126 -17.26 -26.42 10.95
N LEU A 127 -17.60 -25.82 12.08
CA LEU A 127 -18.97 -25.78 12.58
C LEU A 127 -19.93 -25.11 11.60
N LEU A 128 -19.42 -24.14 10.84
CA LEU A 128 -20.23 -23.40 9.87
C LEU A 128 -20.44 -24.21 8.59
N LYS A 129 -19.38 -24.82 8.10
CA LYS A 129 -19.47 -25.62 6.89
C LYS A 129 -20.49 -26.74 7.14
N ASN A 130 -20.54 -27.19 8.39
CA ASN A 130 -21.45 -28.27 8.78
C ASN A 130 -22.90 -27.82 8.75
N ALA A 131 -23.18 -26.66 9.30
CA ALA A 131 -24.53 -26.13 9.29
C ALA A 131 -24.96 -25.99 7.83
N ALA A 132 -24.04 -25.51 6.99
CA ALA A 132 -24.32 -25.32 5.57
C ALA A 132 -24.66 -26.61 4.85
N SER A 133 -23.92 -27.67 5.14
CA SER A 133 -24.14 -28.97 4.51
C SER A 133 -25.50 -29.56 4.89
N LYS A 134 -25.94 -29.32 6.12
CA LYS A 134 -27.22 -29.84 6.58
C LYS A 134 -28.44 -29.27 5.86
N GLU A 135 -28.40 -29.34 4.53
CA GLU A 135 -29.47 -28.88 3.65
C GLU A 135 -28.86 -28.79 2.27
N SER A 136 -29.28 -29.68 1.38
CA SER A 136 -28.76 -29.69 0.03
C SER A 136 -29.16 -28.42 -0.68
N GLY A 137 -28.47 -28.13 -1.79
CA GLY A 137 -28.81 -26.95 -2.55
C GLY A 137 -27.75 -25.87 -2.63
N ASP A 138 -28.11 -24.83 -3.37
CA ASP A 138 -27.25 -23.69 -3.59
C ASP A 138 -28.04 -22.40 -3.34
N GLN A 139 -28.26 -22.09 -2.07
CA GLN A 139 -29.00 -20.91 -1.69
C GLN A 139 -28.48 -20.43 -0.35
N LEU A 140 -28.07 -19.16 -0.31
CA LEU A 140 -27.50 -18.57 0.89
C LEU A 140 -28.53 -17.87 1.77
N SER A 141 -28.43 -18.09 3.07
CA SER A 141 -29.32 -17.49 4.07
C SER A 141 -28.68 -17.58 5.46
N VAL A 142 -29.09 -16.70 6.36
CA VAL A 142 -28.56 -16.72 7.71
C VAL A 142 -29.13 -17.88 8.52
N SER A 143 -30.21 -18.50 8.03
CA SER A 143 -30.79 -19.63 8.75
C SER A 143 -30.03 -20.90 8.40
N ARG A 144 -29.27 -20.86 7.31
CA ARG A 144 -28.49 -22.01 6.90
C ARG A 144 -27.13 -21.89 7.56
N ALA A 145 -26.35 -20.90 7.12
CA ALA A 145 -25.02 -20.65 7.66
C ALA A 145 -24.56 -19.27 7.22
N ALA A 146 -24.28 -18.39 8.17
CA ALA A 146 -23.83 -17.05 7.84
C ALA A 146 -22.82 -16.50 8.81
N VAL A 147 -21.93 -15.66 8.31
CA VAL A 147 -20.93 -15.02 9.13
C VAL A 147 -21.20 -13.56 8.92
N ILE A 148 -21.72 -12.92 9.96
CA ILE A 148 -22.03 -11.51 9.88
C ILE A 148 -21.10 -10.73 10.79
N THR A 149 -20.49 -9.71 10.24
CA THR A 149 -19.57 -8.92 11.01
C THR A 149 -20.12 -7.52 11.15
N ILE A 150 -20.13 -7.04 12.38
CA ILE A 150 -20.59 -5.69 12.64
C ILE A 150 -19.40 -4.79 12.34
N SER A 151 -19.49 -4.04 11.24
CA SER A 151 -18.41 -3.15 10.85
C SER A 151 -18.80 -1.71 11.17
N SER A 152 -18.44 -0.79 10.29
CA SER A 152 -18.74 0.62 10.49
C SER A 152 -18.65 1.40 9.18
N GLY A 153 -19.52 2.39 9.04
CA GLY A 153 -19.54 3.21 7.85
C GLY A 153 -18.23 3.94 7.70
N LEU A 154 -17.51 4.09 8.81
CA LEU A 154 -16.21 4.76 8.78
C LEU A 154 -15.19 3.84 8.12
N GLY A 155 -15.59 2.60 7.90
CA GLY A 155 -14.70 1.64 7.27
C GLY A 155 -14.68 1.80 5.77
N SER A 156 -15.69 2.47 5.23
CA SER A 156 -15.80 2.70 3.80
C SER A 156 -14.75 3.72 3.37
N ILE A 157 -13.84 3.30 2.50
CA ILE A 157 -12.78 4.17 2.02
C ILE A 157 -13.32 5.27 1.11
N THR A 158 -14.15 4.88 0.17
CA THR A 158 -14.69 5.85 -0.77
C THR A 158 -15.62 6.89 -0.14
N ASP A 159 -16.26 6.54 0.97
CA ASP A 159 -17.16 7.48 1.66
C ASP A 159 -16.40 8.33 2.68
N ASN A 160 -15.11 8.08 2.83
CA ASN A 160 -14.29 8.82 3.79
C ASN A 160 -13.99 10.26 3.38
N THR A 161 -14.84 11.18 3.82
CA THR A 161 -14.69 12.60 3.53
C THR A 161 -14.24 13.35 4.76
N SER A 162 -14.31 12.72 5.93
CA SER A 162 -13.94 13.38 7.18
C SER A 162 -12.56 13.12 7.76
N GLY A 163 -11.92 12.03 7.37
CA GLY A 163 -10.59 11.73 7.87
C GLY A 163 -10.50 11.46 9.36
N SER A 164 -9.37 11.80 9.99
CA SER A 164 -9.18 11.56 11.42
C SER A 164 -8.67 12.79 12.19
N ALA A 165 -8.80 13.97 11.60
CA ALA A 165 -8.32 15.16 12.30
C ALA A 165 -9.30 15.56 13.39
N GLN A 166 -10.53 15.87 13.00
CA GLN A 166 -11.52 16.27 13.97
C GLN A 166 -11.88 15.13 14.91
N PHE A 167 -11.88 13.90 14.39
CA PHE A 167 -12.19 12.71 15.16
C PHE A 167 -11.05 11.69 15.01
N PRO A 168 -10.35 11.40 16.11
CA PRO A 168 -9.21 10.47 16.15
C PRO A 168 -9.56 9.01 15.85
N VAL A 169 -10.01 8.73 14.63
CA VAL A 169 -10.44 7.39 14.23
C VAL A 169 -9.66 6.73 13.09
N LEU A 170 -8.42 7.15 12.86
CA LEU A 170 -7.62 6.56 11.79
C LEU A 170 -7.43 5.04 11.93
N ALA A 171 -6.87 4.62 13.07
CA ALA A 171 -6.63 3.20 13.32
C ALA A 171 -7.91 2.42 13.19
N TYR A 172 -8.96 2.92 13.82
CA TYR A 172 -10.27 2.30 13.78
C TYR A 172 -10.74 2.13 12.34
N ARG A 173 -10.69 3.21 11.56
CA ARG A 173 -11.10 3.15 10.16
C ARG A 173 -10.34 2.04 9.43
N MET A 174 -9.05 1.93 9.70
CA MET A 174 -8.26 0.90 9.03
C MET A 174 -8.66 -0.50 9.45
N SER A 175 -8.90 -0.68 10.75
CA SER A 175 -9.28 -1.97 11.28
C SER A 175 -10.59 -2.45 10.68
N LYS A 176 -11.45 -1.52 10.30
CA LYS A 176 -12.75 -1.88 9.70
C LYS A 176 -12.64 -2.02 8.19
N ALA A 177 -11.69 -1.31 7.61
CA ALA A 177 -11.49 -1.41 6.18
C ALA A 177 -10.98 -2.85 5.99
N ALA A 178 -10.02 -3.22 6.82
CA ALA A 178 -9.44 -4.55 6.75
C ALA A 178 -10.54 -5.58 6.95
N ILE A 179 -11.30 -5.43 8.03
CA ILE A 179 -12.36 -6.39 8.31
C ILE A 179 -13.38 -6.40 7.19
N ASN A 180 -13.48 -5.30 6.44
CA ASN A 180 -14.42 -5.31 5.32
C ASN A 180 -13.78 -6.10 4.18
N MET A 181 -12.44 -6.09 4.11
CA MET A 181 -11.72 -6.84 3.09
C MET A 181 -11.79 -8.33 3.42
N PHE A 182 -11.74 -8.65 4.70
CA PHE A 182 -11.84 -10.05 5.13
C PHE A 182 -13.17 -10.61 4.66
N GLY A 183 -14.26 -9.94 5.03
CA GLY A 183 -15.57 -10.41 4.63
C GLY A 183 -15.68 -10.68 3.14
N ARG A 184 -15.14 -9.78 2.33
CA ARG A 184 -15.17 -9.92 0.88
C ARG A 184 -14.42 -11.17 0.42
N THR A 185 -13.32 -11.44 1.09
CA THR A 185 -12.46 -12.55 0.77
C THR A 185 -13.04 -13.86 1.29
N LEU A 186 -13.64 -13.80 2.48
CA LEU A 186 -14.23 -14.97 3.09
C LEU A 186 -15.36 -15.51 2.21
N ALA A 187 -16.25 -14.63 1.77
CA ALA A 187 -17.37 -15.04 0.95
C ALA A 187 -16.90 -15.80 -0.29
N VAL A 188 -15.84 -15.29 -0.92
CA VAL A 188 -15.31 -15.94 -2.12
C VAL A 188 -14.76 -17.31 -1.74
N ASP A 189 -13.85 -17.33 -0.78
CA ASP A 189 -13.23 -18.54 -0.29
C ASP A 189 -14.24 -19.61 0.14
N LEU A 190 -15.38 -19.20 0.70
CA LEU A 190 -16.40 -20.14 1.16
C LEU A 190 -17.54 -20.35 0.16
N LYS A 191 -17.31 -20.00 -1.09
CA LYS A 191 -18.30 -20.14 -2.15
C LYS A 191 -18.86 -21.55 -2.24
N ASP A 192 -17.97 -22.52 -2.46
CA ASP A 192 -18.37 -23.92 -2.58
C ASP A 192 -18.81 -24.56 -1.27
N ASP A 193 -18.72 -23.82 -0.17
CA ASP A 193 -19.13 -24.31 1.16
C ASP A 193 -20.51 -23.75 1.50
N ASN A 194 -20.99 -22.89 0.62
CA ASN A 194 -22.30 -22.27 0.77
C ASN A 194 -22.59 -21.42 2.00
N VAL A 195 -21.55 -21.05 2.76
CA VAL A 195 -21.81 -20.20 3.92
C VAL A 195 -21.83 -18.74 3.49
N LEU A 196 -22.87 -18.04 3.94
CA LEU A 196 -23.06 -16.64 3.62
C LEU A 196 -22.22 -15.73 4.49
N VAL A 197 -21.75 -14.62 3.93
CA VAL A 197 -20.96 -13.67 4.70
C VAL A 197 -21.29 -12.23 4.27
N VAL A 198 -21.65 -11.43 5.26
CA VAL A 198 -22.02 -10.04 5.02
C VAL A 198 -21.55 -9.18 6.19
N ASN A 199 -21.31 -7.90 5.91
CA ASN A 199 -20.88 -6.96 6.93
C ASN A 199 -21.86 -5.79 6.99
N PHE A 200 -22.16 -5.34 8.21
CA PHE A 200 -23.10 -4.25 8.42
C PHE A 200 -22.50 -3.16 9.27
N CYS A 201 -23.20 -2.05 9.30
CA CYS A 201 -22.82 -0.93 10.13
C CYS A 201 -24.08 -0.57 10.86
N PRO A 202 -24.03 -0.54 12.18
CA PRO A 202 -25.20 -0.19 12.98
C PRO A 202 -25.29 1.35 12.96
N GLY A 203 -26.30 1.92 13.59
CA GLY A 203 -26.34 3.38 13.57
C GLY A 203 -25.16 3.98 14.34
N TRP A 204 -25.32 5.21 14.81
CA TRP A 204 -24.28 5.87 15.58
C TRP A 204 -24.56 5.74 17.10
N VAL A 218 -30.53 2.52 19.28
CA VAL A 218 -30.82 1.84 20.55
C VAL A 218 -31.18 0.39 20.18
N GLU A 219 -32.35 -0.06 20.63
CA GLU A 219 -32.82 -1.40 20.31
C GLU A 219 -33.37 -1.24 18.90
N GLN A 220 -33.51 0.01 18.49
CA GLN A 220 -34.01 0.35 17.17
C GLN A 220 -33.03 -0.17 16.14
N SER A 221 -31.76 0.09 16.38
CA SER A 221 -30.72 -0.36 15.47
C SER A 221 -30.70 -1.88 15.33
N THR A 222 -30.70 -2.57 16.47
CA THR A 222 -30.66 -4.02 16.47
C THR A 222 -31.91 -4.61 15.87
N ALA A 223 -33.05 -3.96 16.11
CA ALA A 223 -34.31 -4.44 15.57
C ALA A 223 -34.27 -4.39 14.05
N GLU A 224 -33.65 -3.34 13.52
CA GLU A 224 -33.54 -3.17 12.08
C GLU A 224 -32.52 -4.15 11.48
N LEU A 225 -31.42 -4.39 12.20
CA LEU A 225 -30.38 -5.33 11.75
C LEU A 225 -30.92 -6.75 11.65
N ILE A 226 -31.68 -7.16 12.68
CA ILE A 226 -32.27 -8.49 12.72
C ILE A 226 -33.26 -8.68 11.56
N SER A 227 -33.96 -7.61 11.21
CA SER A 227 -34.92 -7.65 10.12
C SER A 227 -34.20 -7.81 8.78
N SER A 228 -33.13 -7.04 8.60
CA SER A 228 -32.35 -7.13 7.38
C SER A 228 -31.73 -8.53 7.27
N PHE A 229 -31.38 -9.11 8.40
CA PHE A 229 -30.78 -10.44 8.41
C PHE A 229 -31.72 -11.45 7.77
N ASN A 230 -33.02 -11.34 8.07
CA ASN A 230 -34.02 -12.27 7.54
C ASN A 230 -34.26 -12.11 6.04
N LYS A 231 -33.69 -11.07 5.43
CA LYS A 231 -33.90 -10.85 3.99
C LYS A 231 -32.65 -11.13 3.18
N LEU A 232 -31.62 -11.62 3.84
CA LEU A 232 -30.35 -11.90 3.16
C LEU A 232 -30.37 -13.17 2.32
N ASP A 233 -29.67 -13.10 1.17
CA ASP A 233 -29.51 -14.23 0.25
C ASP A 233 -28.24 -14.06 -0.59
N ASN A 234 -28.00 -15.01 -1.49
CA ASN A 234 -26.80 -14.98 -2.35
C ASN A 234 -26.47 -13.57 -2.89
N SER A 235 -27.47 -12.73 -3.09
CA SER A 235 -27.27 -11.38 -3.63
C SER A 235 -26.63 -10.36 -2.68
N HIS A 236 -26.49 -10.71 -1.41
CA HIS A 236 -25.88 -9.77 -0.47
C HIS A 236 -24.49 -10.24 -0.10
N ASN A 237 -24.18 -11.48 -0.48
CA ASN A 237 -22.91 -12.11 -0.17
C ASN A 237 -21.65 -11.33 -0.54
N GLY A 238 -20.77 -11.17 0.45
CA GLY A 238 -19.53 -10.45 0.21
C GLY A 238 -19.66 -8.95 0.14
N ARG A 239 -20.79 -8.42 0.59
CA ARG A 239 -21.01 -6.99 0.54
C ARG A 239 -21.11 -6.33 1.91
N PHE A 240 -21.12 -5.00 1.90
CA PHE A 240 -21.18 -4.19 3.11
C PHE A 240 -22.39 -3.27 3.03
N PHE A 241 -23.31 -3.39 3.99
CA PHE A 241 -24.55 -2.60 4.01
C PHE A 241 -24.80 -1.80 5.28
N MET A 242 -25.84 -0.97 5.21
CA MET A 242 -26.29 -0.15 6.33
C MET A 242 -27.36 -1.02 6.98
N ARG A 243 -27.66 -0.78 8.25
CA ARG A 243 -28.65 -1.61 8.96
C ARG A 243 -29.98 -1.79 8.23
N ASN A 244 -30.35 -0.83 7.39
CA ASN A 244 -31.60 -0.93 6.63
C ASN A 244 -31.24 -1.51 5.29
N LEU A 245 -30.08 -2.14 5.24
CA LEU A 245 -29.54 -2.68 4.00
C LEU A 245 -29.07 -1.41 3.28
N LYS A 246 -29.09 -1.37 1.95
CA LYS A 246 -28.56 -0.18 1.25
C LYS A 246 -27.05 -0.34 1.39
N PRO A 247 -26.40 -0.79 0.31
CA PRO A 247 -24.96 -1.03 0.25
C PRO A 247 -23.97 0.12 0.41
N TYR A 248 -22.78 -0.22 0.88
CA TYR A 248 -21.69 0.72 1.03
C TYR A 248 -20.77 0.43 -0.16
N GLU A 249 -19.88 1.35 -0.48
CA GLU A 249 -19.02 1.10 -1.62
C GLU A 249 -17.66 0.46 -1.35
N PHE A 250 -17.27 0.41 -0.08
CA PHE A 250 -15.98 -0.17 0.35
C PHE A 250 -14.87 0.90 0.52
N MET B 1 8.40 19.92 -13.35
CA MET B 1 9.03 20.30 -12.05
C MET B 1 9.46 19.05 -11.30
N SER B 2 10.55 19.17 -10.53
CA SER B 2 11.05 18.02 -9.78
C SER B 2 11.16 18.27 -8.29
N PRO B 3 11.08 17.20 -7.48
CA PRO B 3 11.16 17.30 -6.01
C PRO B 3 12.57 17.53 -5.48
N GLY B 4 12.71 18.56 -4.65
CA GLY B 4 14.01 18.85 -4.07
C GLY B 4 14.60 17.61 -3.41
N SER B 5 13.79 16.93 -2.59
CA SER B 5 14.26 15.74 -1.91
C SER B 5 13.24 14.60 -1.95
N VAL B 6 13.76 13.39 -2.07
CA VAL B 6 12.93 12.19 -2.14
C VAL B 6 13.39 11.08 -1.20
N VAL B 7 12.44 10.43 -0.56
CA VAL B 7 12.73 9.32 0.33
C VAL B 7 12.04 8.10 -0.24
N VAL B 8 12.80 7.02 -0.46
CA VAL B 8 12.25 5.76 -0.95
C VAL B 8 12.65 4.71 0.09
N THR B 9 11.66 4.08 0.73
CA THR B 9 11.94 3.05 1.74
C THR B 9 12.08 1.65 1.16
N GLY B 10 12.90 0.83 1.80
CA GLY B 10 13.10 -0.54 1.35
C GLY B 10 13.45 -0.54 -0.12
N ALA B 11 14.52 0.16 -0.46
CA ALA B 11 14.97 0.28 -1.84
C ALA B 11 16.13 -0.66 -2.19
N ASN B 12 16.42 -1.61 -1.32
CA ASN B 12 17.53 -2.53 -1.55
C ASN B 12 17.23 -3.50 -2.69
N ARG B 13 16.02 -3.47 -3.20
CA ARG B 13 15.63 -4.36 -4.30
C ARG B 13 14.24 -4.00 -4.81
N GLY B 14 13.75 -4.79 -5.77
CA GLY B 14 12.43 -4.57 -6.34
C GLY B 14 12.12 -3.15 -6.77
N ILE B 15 10.85 -2.79 -6.64
CA ILE B 15 10.38 -1.47 -7.02
C ILE B 15 11.20 -0.35 -6.38
N GLY B 16 11.39 -0.43 -5.06
CA GLY B 16 12.15 0.58 -4.36
C GLY B 16 13.42 0.92 -5.12
N LEU B 17 14.25 -0.09 -5.33
CA LEU B 17 15.49 0.08 -6.07
C LEU B 17 15.19 0.70 -7.42
N GLY B 18 14.30 0.06 -8.17
CA GLY B 18 13.92 0.56 -9.49
C GLY B 18 13.53 2.03 -9.53
N LEU B 19 12.99 2.55 -8.42
CA LEU B 19 12.59 3.94 -8.35
C LEU B 19 13.81 4.85 -8.15
N VAL B 20 14.74 4.41 -7.31
CA VAL B 20 15.96 5.17 -7.06
C VAL B 20 16.76 5.28 -8.36
N GLN B 21 16.77 4.21 -9.15
CA GLN B 21 17.51 4.19 -10.40
C GLN B 21 16.87 5.13 -11.44
N GLN B 22 15.56 5.31 -11.33
CA GLN B 22 14.82 6.17 -12.25
C GLN B 22 14.90 7.61 -11.79
N LEU B 23 14.87 7.77 -10.48
CA LEU B 23 14.91 9.08 -9.84
C LEU B 23 16.25 9.79 -10.02
N VAL B 24 17.35 9.06 -9.88
CA VAL B 24 18.68 9.66 -10.02
C VAL B 24 18.88 10.21 -11.42
N LYS B 25 17.99 9.83 -12.35
CA LYS B 25 18.05 10.30 -13.72
C LYS B 25 17.58 11.75 -13.79
N ASP B 26 16.61 12.10 -12.94
CA ASP B 26 16.12 13.47 -12.90
C ASP B 26 17.25 14.29 -12.25
N LYS B 27 18.08 14.88 -13.08
CA LYS B 27 19.23 15.64 -12.65
C LYS B 27 18.92 16.87 -11.79
N ASN B 28 17.65 17.17 -11.60
CA ASN B 28 17.26 18.34 -10.82
C ASN B 28 16.98 18.10 -9.34
N ILE B 29 16.82 16.84 -8.97
CA ILE B 29 16.57 16.49 -7.57
C ILE B 29 17.84 16.79 -6.77
N ARG B 30 17.70 17.31 -5.56
CA ARG B 30 18.86 17.64 -4.74
C ARG B 30 19.28 16.52 -3.78
N HIS B 31 18.29 15.90 -3.13
CA HIS B 31 18.58 14.80 -2.21
C HIS B 31 17.74 13.56 -2.52
N ILE B 32 18.39 12.41 -2.52
CA ILE B 32 17.76 11.14 -2.81
C ILE B 32 18.12 10.14 -1.71
N ILE B 33 17.17 9.91 -0.81
CA ILE B 33 17.37 9.00 0.33
C ILE B 33 16.70 7.65 0.15
N ALA B 34 17.49 6.58 0.16
CA ALA B 34 17.01 5.21 0.01
C ALA B 34 17.38 4.38 1.24
N THR B 35 16.41 3.65 1.76
CA THR B 35 16.62 2.84 2.96
C THR B 35 16.73 1.34 2.72
N ALA B 36 17.40 0.70 3.67
CA ALA B 36 17.59 -0.74 3.64
C ALA B 36 17.65 -1.18 5.09
N ARG B 37 17.24 -2.41 5.34
CA ARG B 37 17.24 -2.94 6.70
C ARG B 37 18.66 -3.38 7.04
N ASP B 38 19.32 -4.04 6.09
CA ASP B 38 20.70 -4.48 6.29
C ASP B 38 21.54 -3.75 5.25
N VAL B 39 22.01 -2.57 5.61
CA VAL B 39 22.81 -1.72 4.74
C VAL B 39 24.00 -2.42 4.07
N GLU B 40 24.60 -3.36 4.80
CA GLU B 40 25.75 -4.09 4.27
C GLU B 40 25.36 -4.93 3.05
N LYS B 41 24.22 -5.60 3.13
CA LYS B 41 23.74 -6.46 2.04
C LYS B 41 23.21 -5.71 0.82
N ALA B 42 22.94 -4.42 0.97
CA ALA B 42 22.40 -3.61 -0.13
C ALA B 42 23.51 -3.24 -1.10
N THR B 43 24.16 -4.26 -1.65
CA THR B 43 25.27 -4.05 -2.58
C THR B 43 24.92 -3.32 -3.86
N GLU B 44 23.82 -3.71 -4.50
CA GLU B 44 23.42 -3.08 -5.75
C GLU B 44 22.93 -1.65 -5.58
N LEU B 45 22.57 -1.31 -4.35
CA LEU B 45 22.09 0.02 -4.06
C LEU B 45 23.31 0.89 -3.76
N LYS B 46 24.21 0.36 -2.93
CA LYS B 46 25.43 1.08 -2.56
C LYS B 46 26.32 1.30 -3.77
N SER B 47 26.29 0.37 -4.72
CA SER B 47 27.10 0.48 -5.92
C SER B 47 26.77 1.80 -6.61
N ILE B 48 25.50 2.19 -6.52
CA ILE B 48 25.05 3.44 -7.12
C ILE B 48 25.97 4.57 -6.67
N LYS B 49 26.67 5.13 -7.64
CA LYS B 49 27.59 6.24 -7.38
C LYS B 49 26.88 7.53 -7.75
N ASP B 50 26.69 8.39 -6.74
CA ASP B 50 26.00 9.65 -6.95
C ASP B 50 26.12 10.52 -5.71
N SER B 51 26.75 11.67 -5.87
CA SER B 51 26.97 12.61 -4.79
C SER B 51 25.75 12.89 -3.91
N ARG B 52 24.58 12.96 -4.53
CA ARG B 52 23.37 13.29 -3.80
C ARG B 52 22.51 12.14 -3.27
N VAL B 53 23.01 10.90 -3.34
CA VAL B 53 22.29 9.74 -2.86
C VAL B 53 22.74 9.32 -1.45
N HIS B 54 21.78 9.10 -0.56
CA HIS B 54 22.06 8.68 0.83
C HIS B 54 21.41 7.33 1.13
N VAL B 55 22.22 6.38 1.58
CA VAL B 55 21.74 5.04 1.91
C VAL B 55 21.70 4.91 3.42
N LEU B 56 20.53 5.10 4.01
CA LEU B 56 20.45 5.00 5.45
C LEU B 56 19.79 3.72 5.93
N PRO B 57 20.26 3.20 7.07
CA PRO B 57 19.68 1.96 7.60
C PRO B 57 18.32 2.25 8.26
N LEU B 58 17.35 1.37 8.01
CA LEU B 58 16.03 1.54 8.60
C LEU B 58 15.26 0.23 8.62
N THR B 59 14.77 -0.14 9.78
CA THR B 59 14.00 -1.35 9.92
C THR B 59 12.61 -0.95 10.44
N VAL B 60 11.71 -0.66 9.49
CA VAL B 60 10.33 -0.22 9.72
C VAL B 60 9.56 -0.64 10.97
N THR B 61 9.82 -1.84 11.47
CA THR B 61 9.12 -2.33 12.66
C THR B 61 9.72 -1.89 13.99
N CYS B 62 10.86 -1.22 13.94
CA CYS B 62 11.55 -0.76 15.16
C CYS B 62 11.45 0.76 15.32
N ASP B 63 10.80 1.19 16.41
CA ASP B 63 10.60 2.61 16.67
C ASP B 63 11.91 3.40 16.86
N LYS B 64 12.95 2.75 17.38
CA LYS B 64 14.21 3.44 17.54
C LYS B 64 14.85 3.61 16.18
N SER B 65 14.72 2.59 15.34
CA SER B 65 15.27 2.67 14.00
C SER B 65 14.51 3.70 13.19
N LEU B 66 13.23 3.89 13.54
CA LEU B 66 12.40 4.89 12.86
C LEU B 66 12.86 6.30 13.20
N ASP B 67 12.89 6.62 14.50
CA ASP B 67 13.32 7.95 14.96
C ASP B 67 14.70 8.32 14.43
N THR B 68 15.68 7.46 14.68
CA THR B 68 17.04 7.70 14.22
C THR B 68 17.01 8.14 12.74
N PHE B 69 16.30 7.37 11.93
CA PHE B 69 16.16 7.64 10.50
C PHE B 69 15.59 9.05 10.23
N VAL B 70 14.46 9.34 10.86
CA VAL B 70 13.78 10.63 10.73
C VAL B 70 14.70 11.78 11.10
N SER B 71 15.58 11.52 12.07
CA SER B 71 16.54 12.53 12.49
C SER B 71 17.52 12.83 11.37
N LYS B 72 18.05 11.77 10.76
CA LYS B 72 19.02 11.94 9.68
C LYS B 72 18.44 12.59 8.43
N VAL B 73 17.22 12.24 8.05
CA VAL B 73 16.60 12.84 6.89
C VAL B 73 16.36 14.34 7.13
N GLY B 74 16.12 14.72 8.37
CA GLY B 74 15.91 16.13 8.68
C GLY B 74 17.24 16.82 8.59
N GLU B 75 18.27 16.10 9.02
CA GLU B 75 19.63 16.59 9.02
C GLU B 75 20.10 16.83 7.57
N ILE B 76 19.62 16.01 6.66
CA ILE B 76 19.98 16.09 5.25
C ILE B 76 19.20 17.16 4.45
N VAL B 77 17.89 17.25 4.68
CA VAL B 77 17.06 18.20 3.94
C VAL B 77 17.06 19.62 4.49
N GLY B 78 17.38 19.74 5.77
CA GLY B 78 17.42 21.05 6.40
C GLY B 78 16.09 21.75 6.43
N SER B 79 16.12 23.08 6.36
CA SER B 79 14.91 23.91 6.39
C SER B 79 14.05 23.79 5.14
N ASP B 80 14.56 23.09 4.12
CA ASP B 80 13.81 22.91 2.88
C ASP B 80 12.73 21.83 3.00
N GLY B 81 12.84 20.99 4.03
CA GLY B 81 11.87 19.94 4.21
C GLY B 81 12.01 18.81 3.21
N LEU B 82 11.25 17.75 3.44
CA LEU B 82 11.24 16.58 2.57
C LEU B 82 10.09 16.77 1.61
N SER B 83 10.38 16.86 0.32
CA SER B 83 9.33 17.07 -0.67
C SER B 83 8.59 15.81 -1.14
N LEU B 84 9.23 14.65 -1.04
CA LEU B 84 8.60 13.43 -1.52
C LEU B 84 8.85 12.21 -0.65
N LEU B 85 7.77 11.69 -0.06
CA LEU B 85 7.88 10.49 0.77
C LEU B 85 7.17 9.35 0.05
N ILE B 86 7.94 8.41 -0.48
CA ILE B 86 7.33 7.28 -1.15
C ILE B 86 7.58 6.02 -0.33
N ASN B 87 6.49 5.49 0.23
CA ASN B 87 6.51 4.29 1.08
C ASN B 87 6.51 3.02 0.23
N ASN B 88 7.68 2.39 0.12
CA ASN B 88 7.80 1.17 -0.65
C ASN B 88 8.07 -0.03 0.24
N ALA B 89 8.84 0.17 1.31
CA ALA B 89 9.15 -0.94 2.20
C ALA B 89 7.89 -1.73 2.57
N GLY B 90 7.88 -3.01 2.23
CA GLY B 90 6.71 -3.83 2.54
C GLY B 90 7.01 -5.31 2.46
N VAL B 91 5.99 -6.15 2.68
CA VAL B 91 6.19 -7.59 2.63
C VAL B 91 4.92 -8.39 2.40
N LEU B 92 5.09 -9.59 1.86
CA LEU B 92 3.98 -10.49 1.61
C LEU B 92 4.19 -11.73 2.49
N LEU B 93 3.31 -11.93 3.45
CA LEU B 93 3.40 -13.11 4.33
C LEU B 93 2.27 -14.06 3.94
N SER B 94 2.61 -15.31 3.67
CA SER B 94 1.62 -16.31 3.27
C SER B 94 0.52 -16.55 4.34
N TYR B 95 -0.74 -16.36 3.95
CA TYR B 95 -1.87 -16.54 4.88
C TYR B 95 -3.24 -16.38 4.21
N GLY B 96 -4.01 -17.48 4.16
CA GLY B 96 -5.35 -17.48 3.58
C GLY B 96 -6.41 -17.94 4.58
N THR B 97 -7.69 -17.91 4.20
CA THR B 97 -8.72 -18.32 5.13
C THR B 97 -8.60 -19.78 5.57
N ASN B 98 -8.10 -20.64 4.69
CA ASN B 98 -7.94 -22.05 5.02
C ASN B 98 -6.67 -22.34 5.81
N THR B 99 -5.76 -21.36 5.84
CA THR B 99 -4.53 -21.54 6.59
C THR B 99 -4.87 -21.82 8.06
N GLU B 100 -4.05 -22.63 8.71
CA GLU B 100 -4.25 -22.97 10.12
C GLU B 100 -4.14 -21.66 10.91
N PRO B 101 -5.21 -21.29 11.61
CA PRO B 101 -5.26 -20.05 12.41
C PRO B 101 -3.96 -19.68 13.12
N ASN B 102 -3.39 -18.52 12.79
CA ASN B 102 -2.14 -18.07 13.41
C ASN B 102 -2.13 -16.56 13.65
N ARG B 103 -2.26 -16.16 14.89
CA ARG B 103 -2.28 -14.75 15.26
C ARG B 103 -0.98 -13.99 14.86
N ALA B 104 0.18 -14.55 15.22
CA ALA B 104 1.45 -13.91 14.92
C ALA B 104 1.70 -13.51 13.46
N VAL B 105 1.33 -14.37 12.51
CA VAL B 105 1.52 -14.05 11.11
C VAL B 105 0.66 -12.85 10.67
N ILE B 106 -0.63 -12.90 10.94
CA ILE B 106 -1.53 -11.81 10.60
C ILE B 106 -0.98 -10.51 11.21
N ALA B 107 -0.54 -10.62 12.47
CA ALA B 107 0.01 -9.49 13.19
C ALA B 107 1.26 -8.93 12.54
N GLU B 108 2.04 -9.77 11.89
CA GLU B 108 3.26 -9.30 11.28
C GLU B 108 2.94 -8.61 9.96
N GLN B 109 2.04 -9.21 9.20
CA GLN B 109 1.65 -8.66 7.91
C GLN B 109 1.18 -7.22 8.09
N LEU B 110 0.25 -7.01 9.02
CA LEU B 110 -0.28 -5.68 9.27
C LEU B 110 0.75 -4.75 9.89
N ASP B 111 1.57 -5.29 10.77
CA ASP B 111 2.58 -4.47 11.42
C ASP B 111 3.58 -3.90 10.42
N VAL B 112 3.87 -4.65 9.38
CA VAL B 112 4.81 -4.19 8.38
C VAL B 112 4.16 -3.35 7.30
N ASN B 113 3.05 -3.82 6.75
CA ASN B 113 2.40 -3.09 5.67
C ASN B 113 1.47 -1.95 6.05
N THR B 114 1.04 -1.94 7.30
CA THR B 114 0.11 -0.91 7.77
C THR B 114 0.71 -0.02 8.83
N THR B 115 0.61 -0.44 10.08
CA THR B 115 1.11 0.35 11.19
C THR B 115 2.52 0.90 11.02
N SER B 116 3.45 0.11 10.51
CA SER B 116 4.81 0.63 10.33
C SER B 116 4.81 1.82 9.37
N VAL B 117 4.05 1.74 8.28
CA VAL B 117 4.01 2.82 7.31
C VAL B 117 3.34 4.09 7.86
N VAL B 118 2.27 3.89 8.63
CA VAL B 118 1.57 5.01 9.25
C VAL B 118 2.54 5.73 10.16
N LEU B 119 3.19 4.97 11.03
CA LEU B 119 4.17 5.53 11.96
C LEU B 119 5.26 6.35 11.25
N LEU B 120 5.89 5.78 10.23
CA LEU B 120 6.93 6.49 9.49
C LEU B 120 6.41 7.80 8.91
N THR B 121 5.22 7.75 8.34
CA THR B 121 4.59 8.91 7.73
C THR B 121 4.34 10.02 8.73
N GLN B 122 3.77 9.65 9.89
CA GLN B 122 3.48 10.64 10.91
C GLN B 122 4.77 11.34 11.37
N LYS B 123 5.78 10.54 11.63
CA LYS B 123 7.06 11.08 12.08
C LYS B 123 7.70 12.06 11.11
N LEU B 124 7.40 11.92 9.82
CA LEU B 124 7.96 12.80 8.80
C LEU B 124 7.08 14.01 8.46
N LEU B 125 5.84 14.00 8.94
CA LEU B 125 4.92 15.08 8.66
C LEU B 125 5.50 16.50 8.74
N PRO B 126 6.25 16.81 9.80
CA PRO B 126 6.81 18.16 9.88
C PRO B 126 7.62 18.50 8.62
N LEU B 127 8.57 17.63 8.29
CA LEU B 127 9.40 17.83 7.12
C LEU B 127 8.52 17.98 5.90
N LEU B 128 7.58 17.07 5.72
CA LEU B 128 6.68 17.11 4.59
C LEU B 128 5.88 18.42 4.52
N LYS B 129 5.42 18.90 5.67
CA LYS B 129 4.66 20.15 5.75
C LYS B 129 5.54 21.38 5.54
N ASN B 130 6.71 21.38 6.15
CA ASN B 130 7.62 22.49 5.99
C ASN B 130 7.93 22.65 4.50
N ALA B 131 8.06 21.53 3.79
CA ALA B 131 8.33 21.57 2.36
C ALA B 131 7.17 22.17 1.57
N ALA B 132 5.95 21.87 2.00
CA ALA B 132 4.77 22.37 1.31
C ALA B 132 4.54 23.85 1.55
N SER B 133 5.06 24.37 2.66
CA SER B 133 4.85 25.77 2.97
C SER B 133 5.79 26.71 2.24
N LYS B 134 6.68 26.16 1.43
CA LYS B 134 7.60 26.99 0.69
C LYS B 134 6.87 27.66 -0.47
N GLU B 135 5.82 27.01 -0.95
CA GLU B 135 5.03 27.54 -2.05
C GLU B 135 3.81 28.26 -1.50
N SER B 136 3.04 28.86 -2.41
CA SER B 136 1.83 29.59 -2.05
C SER B 136 0.62 28.93 -2.72
N GLY B 137 -0.56 29.11 -2.13
CA GLY B 137 -1.77 28.53 -2.70
C GLY B 137 -2.00 27.06 -2.41
N ASP B 138 -3.03 26.50 -3.03
CA ASP B 138 -3.37 25.11 -2.80
C ASP B 138 -3.10 24.17 -3.97
N GLN B 139 -1.93 24.31 -4.59
CA GLN B 139 -1.57 23.44 -5.70
C GLN B 139 -0.85 22.22 -5.16
N LEU B 140 -1.37 21.04 -5.47
CA LEU B 140 -0.77 19.78 -5.03
C LEU B 140 -0.01 19.09 -6.15
N SER B 141 1.24 18.72 -5.86
CA SER B 141 2.10 18.05 -6.83
C SER B 141 3.23 17.39 -6.05
N VAL B 142 3.95 16.46 -6.70
CA VAL B 142 5.05 15.78 -6.03
C VAL B 142 6.29 16.67 -5.89
N SER B 143 6.29 17.83 -6.53
CA SER B 143 7.41 18.77 -6.45
C SER B 143 7.26 19.67 -5.21
N ARG B 144 6.01 19.83 -4.79
CA ARG B 144 5.74 20.66 -3.62
C ARG B 144 5.96 19.82 -2.36
N ALA B 145 5.03 18.90 -2.13
CA ALA B 145 5.06 17.99 -0.98
C ALA B 145 4.06 16.88 -1.24
N ALA B 146 4.54 15.64 -1.24
CA ALA B 146 3.65 14.51 -1.46
C ALA B 146 4.06 13.24 -0.75
N VAL B 147 3.06 12.41 -0.45
CA VAL B 147 3.26 11.12 0.17
C VAL B 147 2.71 10.09 -0.80
N ILE B 148 3.61 9.31 -1.40
CA ILE B 148 3.24 8.27 -2.35
C ILE B 148 3.42 6.90 -1.70
N THR B 149 2.34 6.15 -1.59
CA THR B 149 2.42 4.85 -0.97
C THR B 149 2.21 3.71 -1.97
N ILE B 150 3.19 2.83 -2.05
CA ILE B 150 3.14 1.69 -2.96
C ILE B 150 2.24 0.61 -2.41
N SER B 151 0.99 0.58 -2.88
CA SER B 151 0.02 -0.40 -2.44
C SER B 151 -0.06 -1.56 -3.45
N SER B 152 -1.25 -2.13 -3.59
CA SER B 152 -1.45 -3.25 -4.50
C SER B 152 -2.91 -3.46 -4.90
N GLY B 153 -3.11 -3.86 -6.16
CA GLY B 153 -4.45 -4.11 -6.65
C GLY B 153 -5.20 -5.10 -5.78
N LEU B 154 -4.46 -5.99 -5.11
CA LEU B 154 -5.07 -6.97 -4.23
C LEU B 154 -5.65 -6.26 -3.01
N GLY B 155 -5.35 -4.97 -2.90
CA GLY B 155 -5.84 -4.19 -1.79
C GLY B 155 -7.21 -3.61 -2.07
N SER B 156 -7.68 -3.79 -3.29
CA SER B 156 -8.99 -3.28 -3.66
C SER B 156 -10.04 -4.28 -3.21
N ILE B 157 -10.97 -3.83 -2.38
CA ILE B 157 -12.00 -4.74 -1.90
C ILE B 157 -12.99 -4.99 -3.01
N THR B 158 -13.35 -3.92 -3.71
CA THR B 158 -14.32 -4.01 -4.80
C THR B 158 -13.86 -4.96 -5.91
N ASP B 159 -12.56 -5.05 -6.13
CA ASP B 159 -12.04 -5.91 -7.17
C ASP B 159 -11.75 -7.33 -6.73
N ASN B 160 -11.77 -7.57 -5.41
CA ASN B 160 -11.48 -8.91 -4.92
C ASN B 160 -12.55 -9.92 -5.26
N THR B 161 -12.26 -10.75 -6.25
CA THR B 161 -13.18 -11.80 -6.69
C THR B 161 -12.48 -13.16 -6.70
N SER B 162 -11.25 -13.21 -6.19
CA SER B 162 -10.49 -14.45 -6.14
C SER B 162 -10.09 -14.86 -4.71
N GLY B 163 -10.26 -13.95 -3.75
CA GLY B 163 -9.94 -14.23 -2.37
C GLY B 163 -8.61 -14.89 -2.07
N SER B 164 -8.63 -15.85 -1.13
CA SER B 164 -7.45 -16.62 -0.70
C SER B 164 -7.47 -17.98 -1.39
N ALA B 165 -8.34 -18.13 -2.37
CA ALA B 165 -8.46 -19.38 -3.10
C ALA B 165 -7.19 -19.64 -3.89
N GLN B 166 -6.97 -18.83 -4.92
CA GLN B 166 -5.79 -18.92 -5.77
C GLN B 166 -4.54 -18.88 -4.89
N PHE B 167 -4.19 -17.69 -4.39
CA PHE B 167 -3.03 -17.54 -3.52
C PHE B 167 -3.48 -17.22 -2.10
N PRO B 168 -2.65 -17.54 -1.10
CA PRO B 168 -2.96 -17.26 0.30
C PRO B 168 -2.58 -15.83 0.65
N VAL B 169 -3.34 -14.89 0.13
CA VAL B 169 -3.08 -13.48 0.34
C VAL B 169 -4.09 -12.73 1.21
N LEU B 170 -4.72 -13.40 2.18
CA LEU B 170 -5.71 -12.77 3.05
C LEU B 170 -5.15 -11.65 3.95
N ALA B 171 -4.13 -11.97 4.75
CA ALA B 171 -3.56 -10.96 5.62
C ALA B 171 -2.97 -9.82 4.80
N TYR B 172 -2.41 -10.17 3.64
CA TYR B 172 -1.82 -9.17 2.75
C TYR B 172 -2.91 -8.24 2.23
N ARG B 173 -3.98 -8.82 1.69
CA ARG B 173 -5.09 -8.06 1.17
C ARG B 173 -5.60 -7.07 2.23
N MET B 174 -5.77 -7.55 3.46
CA MET B 174 -6.24 -6.67 4.52
C MET B 174 -5.24 -5.55 4.82
N SER B 175 -3.95 -5.88 4.85
CA SER B 175 -2.93 -4.89 5.12
C SER B 175 -3.01 -3.76 4.08
N LYS B 176 -3.18 -4.14 2.81
CA LYS B 176 -3.25 -3.17 1.73
C LYS B 176 -4.51 -2.35 1.76
N ALA B 177 -5.63 -2.98 2.09
CA ALA B 177 -6.90 -2.26 2.17
C ALA B 177 -6.77 -1.12 3.20
N ALA B 178 -6.19 -1.47 4.34
CA ALA B 178 -6.00 -0.54 5.43
C ALA B 178 -5.13 0.64 5.06
N ILE B 179 -4.04 0.37 4.35
CA ILE B 179 -3.12 1.43 3.97
C ILE B 179 -3.75 2.32 2.89
N ASN B 180 -4.65 1.75 2.10
CA ASN B 180 -5.30 2.56 1.10
C ASN B 180 -6.23 3.50 1.89
N MET B 181 -6.76 2.99 2.99
CA MET B 181 -7.64 3.75 3.86
C MET B 181 -6.82 4.86 4.52
N PHE B 182 -5.57 4.56 4.84
CA PHE B 182 -4.69 5.57 5.44
C PHE B 182 -4.40 6.68 4.42
N GLY B 183 -4.26 6.31 3.15
CA GLY B 183 -3.99 7.29 2.12
C GLY B 183 -5.19 8.20 1.89
N ARG B 184 -6.38 7.61 1.99
CA ARG B 184 -7.61 8.35 1.83
C ARG B 184 -7.82 9.27 3.04
N THR B 185 -7.32 8.84 4.20
CA THR B 185 -7.45 9.61 5.43
C THR B 185 -6.44 10.76 5.54
N LEU B 186 -5.18 10.48 5.21
CA LEU B 186 -4.12 11.48 5.27
C LEU B 186 -4.43 12.61 4.33
N ALA B 187 -4.94 12.25 3.14
CA ALA B 187 -5.28 13.24 2.13
C ALA B 187 -6.25 14.25 2.70
N VAL B 188 -7.28 13.78 3.40
CA VAL B 188 -8.25 14.69 4.00
C VAL B 188 -7.61 15.43 5.19
N ASP B 189 -6.86 14.71 6.02
CA ASP B 189 -6.21 15.31 7.18
C ASP B 189 -5.13 16.37 6.84
N LEU B 190 -4.43 16.18 5.73
CA LEU B 190 -3.37 17.09 5.34
C LEU B 190 -3.79 18.11 4.31
N LYS B 191 -5.09 18.11 3.99
CA LYS B 191 -5.65 19.04 3.02
C LYS B 191 -5.14 20.47 3.16
N ASP B 192 -5.32 21.04 4.35
CA ASP B 192 -4.90 22.41 4.62
C ASP B 192 -3.39 22.63 4.70
N ASP B 193 -2.63 21.55 4.82
CA ASP B 193 -1.17 21.65 4.89
C ASP B 193 -0.63 21.55 3.45
N ASN B 194 -1.55 21.41 2.51
CA ASN B 194 -1.20 21.33 1.11
C ASN B 194 -0.19 20.26 0.74
N VAL B 195 -0.35 19.06 1.29
CA VAL B 195 0.57 17.99 0.93
C VAL B 195 -0.24 16.90 0.26
N LEU B 196 0.17 16.55 -0.93
CA LEU B 196 -0.49 15.55 -1.75
C LEU B 196 -0.25 14.11 -1.32
N VAL B 197 -1.30 13.30 -1.28
CA VAL B 197 -1.12 11.91 -0.93
C VAL B 197 -1.88 11.04 -1.93
N VAL B 198 -1.19 10.05 -2.46
CA VAL B 198 -1.75 9.15 -3.46
C VAL B 198 -1.19 7.74 -3.32
N ASN B 199 -1.98 6.74 -3.72
CA ASN B 199 -1.52 5.36 -3.63
C ASN B 199 -1.46 4.73 -5.02
N PHE B 200 -0.44 3.91 -5.25
CA PHE B 200 -0.26 3.22 -6.52
C PHE B 200 -0.04 1.74 -6.34
N CYS B 201 -0.35 1.00 -7.39
CA CYS B 201 -0.15 -0.43 -7.45
C CYS B 201 1.00 -0.47 -8.42
N PRO B 202 2.16 -0.98 -7.99
CA PRO B 202 3.27 -1.02 -8.94
C PRO B 202 2.88 -1.79 -10.20
N GLY B 203 1.79 -2.55 -10.12
CA GLY B 203 1.34 -3.34 -11.24
C GLY B 203 1.60 -4.82 -11.03
N GLU B 219 11.39 -2.02 -13.37
CA GLU B 219 12.04 -1.55 -14.58
C GLU B 219 11.09 -0.70 -15.44
N GLN B 220 10.25 -1.39 -16.21
CA GLN B 220 9.27 -0.72 -17.06
C GLN B 220 8.13 -0.21 -16.18
N SER B 221 8.06 -0.74 -14.97
CA SER B 221 7.05 -0.36 -14.00
C SER B 221 7.43 0.98 -13.36
N THR B 222 8.51 0.96 -12.59
CA THR B 222 9.00 2.14 -11.90
C THR B 222 9.15 3.32 -12.87
N ALA B 223 9.46 3.01 -14.12
CA ALA B 223 9.61 4.06 -15.13
C ALA B 223 8.23 4.64 -15.37
N GLU B 224 7.22 3.80 -15.36
CA GLU B 224 5.88 4.27 -15.60
C GLU B 224 5.30 5.01 -14.39
N LEU B 225 5.72 4.61 -13.21
CA LEU B 225 5.24 5.25 -12.00
C LEU B 225 5.71 6.70 -12.01
N ILE B 226 7.00 6.90 -12.22
CA ILE B 226 7.58 8.22 -12.23
C ILE B 226 6.86 9.20 -13.16
N SER B 227 6.60 8.79 -14.39
CA SER B 227 5.91 9.67 -15.33
C SER B 227 4.58 10.08 -14.71
N SER B 228 3.88 9.10 -14.15
CA SER B 228 2.60 9.36 -13.50
C SER B 228 2.78 10.37 -12.38
N PHE B 229 3.80 10.14 -11.54
CA PHE B 229 4.06 11.07 -10.43
C PHE B 229 4.15 12.49 -10.95
N ASN B 230 4.69 12.65 -12.16
CA ASN B 230 4.83 13.97 -12.76
C ASN B 230 3.55 14.57 -13.30
N LYS B 231 2.48 13.79 -13.30
CA LYS B 231 1.20 14.29 -13.80
C LYS B 231 0.25 14.49 -12.63
N LEU B 232 0.65 14.02 -11.45
CA LEU B 232 -0.20 14.13 -10.26
C LEU B 232 -0.56 15.56 -9.91
N ASP B 233 -1.85 15.78 -9.66
CA ASP B 233 -2.37 17.10 -9.29
C ASP B 233 -3.46 16.94 -8.22
N ASN B 234 -4.10 18.05 -7.87
CA ASN B 234 -5.15 18.08 -6.87
C ASN B 234 -6.24 17.03 -7.10
N SER B 235 -6.53 16.74 -8.37
CA SER B 235 -7.58 15.78 -8.72
C SER B 235 -7.22 14.32 -8.45
N HIS B 236 -5.97 14.07 -8.09
CA HIS B 236 -5.51 12.72 -7.83
C HIS B 236 -5.45 12.47 -6.32
N ASN B 237 -5.47 13.55 -5.56
CA ASN B 237 -5.38 13.45 -4.11
C ASN B 237 -6.36 12.45 -3.49
N GLY B 238 -5.87 11.75 -2.46
CA GLY B 238 -6.68 10.80 -1.74
C GLY B 238 -7.15 9.60 -2.53
N ARG B 239 -6.54 9.34 -3.69
CA ARG B 239 -6.97 8.20 -4.47
C ARG B 239 -5.91 7.14 -4.71
N PHE B 240 -6.35 6.04 -5.32
CA PHE B 240 -5.55 4.86 -5.60
C PHE B 240 -5.63 4.49 -7.11
N PHE B 241 -4.48 4.60 -7.78
CA PHE B 241 -4.42 4.32 -9.22
C PHE B 241 -3.44 3.21 -9.61
N MET B 242 -3.49 2.78 -10.87
CA MET B 242 -2.57 1.77 -11.39
C MET B 242 -1.39 2.61 -11.89
N ARG B 243 -0.29 1.96 -12.28
CA ARG B 243 0.88 2.71 -12.73
C ARG B 243 0.66 3.65 -13.91
N ASN B 244 -0.35 3.40 -14.73
CA ASN B 244 -0.63 4.26 -15.87
C ASN B 244 -1.68 5.30 -15.51
N LEU B 245 -1.96 5.41 -14.21
CA LEU B 245 -2.96 6.34 -13.70
C LEU B 245 -4.40 5.89 -13.92
N LYS B 246 -4.62 4.61 -14.16
CA LYS B 246 -6.00 4.12 -14.29
C LYS B 246 -6.41 3.94 -12.84
N PRO B 247 -7.59 4.44 -12.49
CA PRO B 247 -8.09 4.35 -11.12
C PRO B 247 -8.72 3.05 -10.69
N TYR B 248 -8.54 2.75 -9.40
CA TYR B 248 -9.12 1.57 -8.75
C TYR B 248 -10.37 2.03 -8.01
N GLU B 249 -11.20 1.10 -7.56
CA GLU B 249 -12.41 1.50 -6.87
C GLU B 249 -12.35 1.45 -5.36
N PHE B 250 -11.30 0.81 -4.81
CA PHE B 250 -11.14 0.64 -3.36
C PHE B 250 -11.80 -0.68 -2.94
N MET C 1 3.69 41.90 26.66
CA MET C 1 3.05 41.86 28.02
C MET C 1 2.14 40.63 28.08
N SER C 2 1.47 40.45 29.22
CA SER C 2 0.55 39.33 29.38
C SER C 2 -0.79 39.86 29.88
N PRO C 3 -1.89 39.14 29.58
CA PRO C 3 -3.15 39.67 30.08
C PRO C 3 -3.11 39.54 31.60
N GLY C 4 -3.60 40.55 32.32
CA GLY C 4 -3.58 40.47 33.76
C GLY C 4 -4.59 39.45 34.24
N SER C 5 -5.74 39.39 33.56
CA SER C 5 -6.82 38.48 33.93
C SER C 5 -7.35 37.65 32.75
N VAL C 6 -7.53 36.36 33.01
CA VAL C 6 -8.05 35.45 32.01
C VAL C 6 -9.17 34.60 32.57
N VAL C 7 -10.16 34.34 31.75
CA VAL C 7 -11.29 33.52 32.13
C VAL C 7 -11.37 32.39 31.10
N VAL C 8 -11.35 31.15 31.60
CA VAL C 8 -11.45 29.98 30.74
C VAL C 8 -12.65 29.14 31.18
N THR C 9 -13.70 29.15 30.36
CA THR C 9 -14.89 28.36 30.67
C THR C 9 -14.73 26.95 30.10
N GLY C 10 -15.42 25.99 30.68
CA GLY C 10 -15.32 24.61 30.22
C GLY C 10 -13.86 24.22 30.36
N ALA C 11 -13.32 24.35 31.56
CA ALA C 11 -11.92 24.06 31.81
C ALA C 11 -11.60 22.76 32.51
N ASN C 12 -12.60 21.93 32.77
CA ASN C 12 -12.34 20.67 33.48
C ASN C 12 -11.82 19.57 32.58
N ARG C 13 -11.75 19.86 31.27
CA ARG C 13 -11.29 18.87 30.31
C ARG C 13 -10.91 19.44 28.94
N GLY C 14 -10.31 18.57 28.12
CA GLY C 14 -9.90 18.93 26.78
C GLY C 14 -9.05 20.16 26.74
N ILE C 15 -9.30 20.98 25.72
CA ILE C 15 -8.60 22.23 25.45
C ILE C 15 -8.59 23.22 26.60
N GLY C 16 -9.71 23.30 27.31
CA GLY C 16 -9.80 24.22 28.43
C GLY C 16 -8.81 23.92 29.53
N LEU C 17 -8.80 22.68 30.01
CA LEU C 17 -7.87 22.31 31.07
C LEU C 17 -6.45 22.63 30.61
N GLY C 18 -6.15 22.32 29.36
CA GLY C 18 -4.83 22.58 28.82
C GLY C 18 -4.45 24.06 28.88
N LEU C 19 -5.29 24.91 28.31
CA LEU C 19 -5.01 26.35 28.29
C LEU C 19 -4.70 26.82 29.70
N VAL C 20 -5.53 26.43 30.65
CA VAL C 20 -5.31 26.80 32.03
C VAL C 20 -3.92 26.32 32.48
N GLN C 21 -3.56 25.09 32.16
CA GLN C 21 -2.25 24.59 32.55
C GLN C 21 -1.15 25.41 31.88
N GLN C 22 -1.39 25.84 30.64
CA GLN C 22 -0.40 26.65 29.90
C GLN C 22 -0.39 28.03 30.52
N LEU C 23 -1.58 28.59 30.72
CA LEU C 23 -1.69 29.92 31.32
C LEU C 23 -0.92 30.05 32.63
N VAL C 24 -1.02 29.07 33.53
CA VAL C 24 -0.32 29.16 34.82
C VAL C 24 1.21 29.24 34.69
N LYS C 25 1.75 28.71 33.61
CA LYS C 25 3.19 28.78 33.40
C LYS C 25 3.63 30.24 33.31
N ASP C 26 2.73 31.11 32.85
CA ASP C 26 3.04 32.53 32.73
C ASP C 26 2.76 33.24 34.05
N LYS C 27 3.81 33.42 34.84
CA LYS C 27 3.68 34.03 36.16
C LYS C 27 3.29 35.50 36.16
N ASN C 28 3.26 36.14 34.99
CA ASN C 28 2.89 37.55 34.97
C ASN C 28 1.39 37.77 34.88
N ILE C 29 0.66 36.70 34.63
CA ILE C 29 -0.79 36.77 34.59
C ILE C 29 -1.23 36.87 36.05
N ARG C 30 -2.05 37.87 36.37
CA ARG C 30 -2.50 38.03 37.74
C ARG C 30 -3.64 37.09 38.16
N HIS C 31 -4.62 36.89 37.28
CA HIS C 31 -5.76 36.05 37.61
C HIS C 31 -6.18 35.07 36.54
N ILE C 32 -6.39 33.82 36.94
CA ILE C 32 -6.80 32.76 36.03
C ILE C 32 -8.07 32.15 36.61
N ILE C 33 -9.19 32.37 35.92
CA ILE C 33 -10.50 31.89 36.38
C ILE C 33 -11.03 30.73 35.52
N ALA C 34 -11.01 29.53 36.09
CA ALA C 34 -11.46 28.30 35.43
C ALA C 34 -12.86 27.83 35.88
N THR C 35 -13.68 27.41 34.93
CA THR C 35 -15.03 26.95 35.28
C THR C 35 -15.34 25.53 34.81
N ALA C 36 -16.24 24.90 35.56
CA ALA C 36 -16.68 23.53 35.29
C ALA C 36 -18.14 23.47 35.74
N ARG C 37 -19.00 22.80 34.97
CA ARG C 37 -20.40 22.70 35.36
C ARG C 37 -20.42 21.89 36.65
N ASP C 38 -19.48 20.95 36.77
CA ASP C 38 -19.37 20.13 37.96
C ASP C 38 -17.98 20.28 38.55
N VAL C 39 -17.84 21.29 39.41
CA VAL C 39 -16.57 21.60 40.05
C VAL C 39 -16.12 20.53 41.06
N GLU C 40 -16.58 19.30 40.87
CA GLU C 40 -16.24 18.20 41.77
C GLU C 40 -15.51 17.07 41.06
N LYS C 41 -15.98 16.73 39.87
CA LYS C 41 -15.35 15.67 39.08
C LYS C 41 -14.15 16.26 38.36
N ALA C 42 -13.87 17.53 38.64
CA ALA C 42 -12.75 18.22 38.01
C ALA C 42 -11.53 18.11 38.89
N THR C 43 -11.22 16.87 39.28
CA THR C 43 -10.07 16.63 40.15
C THR C 43 -8.79 17.22 39.59
N GLU C 44 -8.52 16.99 38.31
CA GLU C 44 -7.30 17.52 37.74
C GLU C 44 -7.28 19.05 37.83
N LEU C 45 -8.43 19.68 37.63
CA LEU C 45 -8.49 21.13 37.71
C LEU C 45 -8.13 21.56 39.14
N LYS C 46 -8.89 21.07 40.11
CA LYS C 46 -8.66 21.38 41.52
C LYS C 46 -7.25 20.96 41.94
N SER C 47 -6.65 20.08 41.14
CA SER C 47 -5.31 19.61 41.44
C SER C 47 -4.27 20.74 41.39
N ILE C 48 -4.44 21.70 40.48
CA ILE C 48 -3.49 22.80 40.37
C ILE C 48 -3.48 23.64 41.65
N LYS C 49 -2.30 23.81 42.24
CA LYS C 49 -2.16 24.56 43.48
C LYS C 49 -1.50 25.90 43.23
N ASP C 50 -2.23 26.80 42.59
CA ASP C 50 -1.72 28.12 42.29
C ASP C 50 -2.78 29.04 42.85
N SER C 51 -2.39 30.00 43.68
CA SER C 51 -3.38 30.89 44.28
C SER C 51 -3.86 32.01 43.36
N ARG C 52 -3.41 31.99 42.11
CA ARG C 52 -3.85 32.99 41.13
C ARG C 52 -5.05 32.40 40.39
N VAL C 53 -5.20 31.07 40.46
CA VAL C 53 -6.29 30.41 39.76
C VAL C 53 -7.48 30.03 40.62
N HIS C 54 -8.64 30.53 40.19
CA HIS C 54 -9.91 30.30 40.86
C HIS C 54 -10.75 29.32 40.03
N VAL C 55 -11.07 28.18 40.63
CA VAL C 55 -11.88 27.18 39.97
C VAL C 55 -13.31 27.39 40.42
N LEU C 56 -14.05 28.24 39.73
CA LEU C 56 -15.42 28.54 40.08
C LEU C 56 -16.38 27.60 39.38
N PRO C 57 -17.62 27.49 39.89
CA PRO C 57 -18.55 26.59 39.20
C PRO C 57 -19.35 27.39 38.17
N LEU C 58 -19.76 26.73 37.11
CA LEU C 58 -20.56 27.37 36.08
C LEU C 58 -21.36 26.41 35.23
N THR C 59 -22.66 26.70 35.14
CA THR C 59 -23.60 25.94 34.33
C THR C 59 -24.05 26.99 33.32
N VAL C 60 -23.43 26.98 32.15
CA VAL C 60 -23.71 27.93 31.10
C VAL C 60 -25.18 28.09 30.72
N THR C 61 -25.94 27.01 30.80
CA THR C 61 -27.34 27.06 30.43
C THR C 61 -28.26 27.69 31.47
N CYS C 62 -27.73 27.93 32.67
CA CYS C 62 -28.52 28.57 33.73
C CYS C 62 -28.16 30.04 33.87
N ASP C 63 -29.12 30.92 33.59
CA ASP C 63 -28.88 32.37 33.68
C ASP C 63 -28.42 32.80 35.08
N LYS C 64 -29.02 32.23 36.11
CA LYS C 64 -28.66 32.56 37.48
C LYS C 64 -27.19 32.21 37.72
N SER C 65 -26.78 31.06 37.22
CA SER C 65 -25.40 30.61 37.37
C SER C 65 -24.50 31.64 36.69
N LEU C 66 -24.92 32.13 35.53
CA LEU C 66 -24.15 33.12 34.82
C LEU C 66 -23.96 34.34 35.69
N ASP C 67 -25.08 34.93 36.13
CA ASP C 67 -25.00 36.13 36.95
C ASP C 67 -24.14 35.94 38.20
N THR C 68 -24.25 34.79 38.84
CA THR C 68 -23.43 34.54 40.02
C THR C 68 -21.96 34.63 39.61
N PHE C 69 -21.60 33.87 38.57
CA PHE C 69 -20.25 33.83 38.05
C PHE C 69 -19.75 35.21 37.62
N VAL C 70 -20.51 35.90 36.78
CA VAL C 70 -20.10 37.21 36.32
C VAL C 70 -19.77 38.11 37.51
N SER C 71 -20.51 37.93 38.60
CA SER C 71 -20.27 38.72 39.78
C SER C 71 -18.92 38.36 40.45
N LYS C 72 -18.62 37.06 40.50
CA LYS C 72 -17.37 36.63 41.10
C LYS C 72 -16.18 37.13 40.30
N VAL C 73 -16.23 36.94 38.98
CA VAL C 73 -15.13 37.40 38.15
C VAL C 73 -15.03 38.92 38.27
N GLY C 74 -16.19 39.57 38.42
CA GLY C 74 -16.20 41.00 38.56
C GLY C 74 -15.37 41.47 39.74
N GLU C 75 -15.51 40.79 40.88
CA GLU C 75 -14.76 41.18 42.07
C GLU C 75 -13.34 40.63 42.14
N ILE C 76 -13.03 39.59 41.37
CA ILE C 76 -11.68 39.05 41.40
C ILE C 76 -10.75 40.01 40.68
N VAL C 77 -11.15 40.43 39.47
CA VAL C 77 -10.34 41.33 38.66
C VAL C 77 -10.41 42.79 39.13
N GLY C 78 -11.53 43.16 39.74
CA GLY C 78 -11.68 44.51 40.23
C GLY C 78 -11.65 45.58 39.17
N SER C 79 -11.16 46.77 39.56
CA SER C 79 -11.10 47.93 38.67
C SER C 79 -10.20 47.74 37.45
N ASP C 80 -9.44 46.66 37.41
CA ASP C 80 -8.56 46.41 36.28
C ASP C 80 -9.31 45.83 35.09
N GLY C 81 -10.53 45.34 35.32
CA GLY C 81 -11.34 44.76 34.26
C GLY C 81 -10.85 43.39 33.86
N LEU C 82 -11.60 42.72 32.99
CA LEU C 82 -11.23 41.38 32.52
C LEU C 82 -10.54 41.58 31.17
N SER C 83 -9.29 41.14 31.07
CA SER C 83 -8.55 41.32 29.84
C SER C 83 -8.70 40.21 28.80
N LEU C 84 -8.91 38.98 29.23
CA LEU C 84 -9.05 37.92 28.26
C LEU C 84 -10.14 36.94 28.63
N LEU C 85 -11.10 36.78 27.72
CA LEU C 85 -12.17 35.83 27.91
C LEU C 85 -12.09 34.75 26.83
N ILE C 86 -11.80 33.51 27.22
CA ILE C 86 -11.80 32.46 26.20
C ILE C 86 -13.00 31.53 26.44
N ASN C 87 -13.91 31.55 25.47
CA ASN C 87 -15.12 30.75 25.50
C ASN C 87 -14.83 29.34 25.00
N ASN C 88 -14.85 28.37 25.90
CA ASN C 88 -14.61 26.99 25.51
C ASN C 88 -15.69 26.05 26.02
N ALA C 89 -16.53 26.53 26.92
CA ALA C 89 -17.59 25.68 27.43
C ALA C 89 -18.40 25.30 26.19
N GLY C 90 -18.69 24.02 26.03
CA GLY C 90 -19.46 23.59 24.88
C GLY C 90 -19.70 22.10 24.93
N VAL C 91 -20.36 21.58 23.90
CA VAL C 91 -20.61 20.15 23.87
C VAL C 91 -21.01 19.71 22.48
N LEU C 92 -20.91 18.41 22.24
CA LEU C 92 -21.29 17.79 20.96
C LEU C 92 -22.43 16.82 21.26
N LEU C 93 -23.59 17.06 20.65
CA LEU C 93 -24.73 16.19 20.80
C LEU C 93 -24.91 15.52 19.43
N SER C 94 -25.23 14.23 19.41
CA SER C 94 -25.38 13.52 18.14
C SER C 94 -26.65 13.86 17.37
N TYR C 95 -26.50 14.39 16.17
CA TYR C 95 -27.66 14.73 15.35
C TYR C 95 -27.28 14.95 13.90
N GLY C 96 -27.96 14.27 13.00
CA GLY C 96 -27.69 14.42 11.57
C GLY C 96 -29.00 14.51 10.82
N THR C 97 -28.96 14.91 9.57
CA THR C 97 -30.19 15.02 8.80
C THR C 97 -31.08 13.76 8.84
N ASN C 98 -30.48 12.60 9.05
CA ASN C 98 -31.24 11.37 9.08
C ASN C 98 -31.62 10.83 10.44
N THR C 99 -31.27 11.57 11.50
CA THR C 99 -31.62 11.14 12.84
C THR C 99 -33.12 11.36 12.97
N GLU C 100 -33.80 10.55 13.78
CA GLU C 100 -35.24 10.72 13.96
C GLU C 100 -35.40 12.17 14.45
N PRO C 101 -36.24 12.96 13.77
CA PRO C 101 -36.49 14.37 14.14
C PRO C 101 -36.68 14.60 15.64
N ASN C 102 -35.97 15.58 16.20
CA ASN C 102 -36.06 15.86 17.63
C ASN C 102 -35.72 17.32 17.91
N ARG C 103 -36.73 18.13 18.19
CA ARG C 103 -36.53 19.54 18.46
C ARG C 103 -35.66 19.79 19.70
N ALA C 104 -35.71 18.86 20.65
CA ALA C 104 -34.96 18.98 21.90
C ALA C 104 -33.46 18.96 21.72
N VAL C 105 -32.97 17.92 21.07
CA VAL C 105 -31.54 17.82 20.86
C VAL C 105 -31.00 18.99 20.06
N ILE C 106 -31.76 19.47 19.07
CA ILE C 106 -31.27 20.60 18.29
C ILE C 106 -31.24 21.81 19.20
N ALA C 107 -32.31 22.00 19.95
CA ALA C 107 -32.42 23.13 20.87
C ALA C 107 -31.29 23.17 21.90
N GLU C 108 -30.90 22.02 22.45
CA GLU C 108 -29.85 22.03 23.47
C GLU C 108 -28.47 22.30 22.86
N GLN C 109 -28.20 21.72 21.69
CA GLN C 109 -26.93 21.93 21.01
C GLN C 109 -26.74 23.42 20.77
N LEU C 110 -27.80 24.09 20.33
CA LEU C 110 -27.75 25.52 20.07
C LEU C 110 -27.67 26.34 21.35
N ASP C 111 -28.51 25.99 22.32
CA ASP C 111 -28.54 26.68 23.60
C ASP C 111 -27.17 26.64 24.28
N VAL C 112 -26.55 25.47 24.26
CA VAL C 112 -25.25 25.28 24.88
C VAL C 112 -24.05 25.89 24.14
N ASN C 113 -24.00 25.71 22.82
CA ASN C 113 -22.88 26.21 22.03
C ASN C 113 -23.04 27.60 21.44
N THR C 114 -24.27 28.07 21.34
CA THR C 114 -24.45 29.40 20.77
C THR C 114 -24.92 30.43 21.79
N THR C 115 -26.22 30.43 22.11
CA THR C 115 -26.75 31.42 23.04
C THR C 115 -26.02 31.54 24.37
N SER C 116 -25.77 30.43 25.06
CA SER C 116 -25.07 30.48 26.32
C SER C 116 -23.73 31.20 26.19
N VAL C 117 -23.10 31.10 25.02
CA VAL C 117 -21.82 31.75 24.83
C VAL C 117 -22.08 33.24 24.59
N VAL C 118 -23.16 33.54 23.89
CA VAL C 118 -23.50 34.93 23.63
C VAL C 118 -23.83 35.61 24.96
N LEU C 119 -24.68 34.98 25.74
CA LEU C 119 -25.08 35.53 27.02
C LEU C 119 -23.90 35.77 27.96
N LEU C 120 -23.00 34.80 28.06
CA LEU C 120 -21.84 35.00 28.94
C LEU C 120 -21.00 36.18 28.50
N THR C 121 -20.68 36.24 27.21
CA THR C 121 -19.87 37.32 26.68
C THR C 121 -20.54 38.69 26.95
N GLN C 122 -21.80 38.83 26.57
CA GLN C 122 -22.51 40.09 26.77
C GLN C 122 -22.48 40.57 28.21
N LYS C 123 -22.66 39.63 29.14
CA LYS C 123 -22.65 39.98 30.55
C LYS C 123 -21.25 40.37 31.02
N LEU C 124 -20.23 39.97 30.27
CA LEU C 124 -18.85 40.28 30.63
C LEU C 124 -18.30 41.45 29.83
N LEU C 125 -19.10 42.02 28.94
CA LEU C 125 -18.61 43.14 28.14
C LEU C 125 -18.14 44.29 29.04
N PRO C 126 -18.93 44.64 30.07
CA PRO C 126 -18.49 45.73 30.95
C PRO C 126 -17.03 45.58 31.36
N LEU C 127 -16.72 44.41 31.89
CA LEU C 127 -15.36 44.11 32.33
C LEU C 127 -14.35 44.18 31.19
N LEU C 128 -14.72 43.69 30.02
CA LEU C 128 -13.82 43.70 28.86
C LEU C 128 -13.56 45.13 28.39
N LYS C 129 -14.63 45.91 28.25
CA LYS C 129 -14.49 47.29 27.81
C LYS C 129 -13.61 48.05 28.80
N ASN C 130 -13.91 47.86 30.08
CA ASN C 130 -13.15 48.53 31.11
C ASN C 130 -11.65 48.19 31.02
N ALA C 131 -11.33 46.92 30.82
CA ALA C 131 -9.93 46.52 30.71
C ALA C 131 -9.27 47.19 29.51
N ALA C 132 -9.99 47.23 28.40
CA ALA C 132 -9.49 47.83 27.16
C ALA C 132 -9.32 49.35 27.26
N SER C 133 -9.99 49.97 28.22
CA SER C 133 -9.92 51.41 28.38
C SER C 133 -8.74 51.86 29.24
N LYS C 134 -7.94 50.92 29.73
CA LYS C 134 -6.77 51.26 30.55
C LYS C 134 -5.61 51.58 29.60
N GLU C 135 -5.92 51.68 28.31
CA GLU C 135 -4.96 51.99 27.27
C GLU C 135 -5.56 52.93 26.24
N SER C 136 -4.72 53.68 25.55
CA SER C 136 -5.20 54.59 24.54
C SER C 136 -4.72 54.07 23.18
N GLY C 137 -5.41 54.47 22.12
CA GLY C 137 -5.02 54.01 20.80
C GLY C 137 -5.90 52.88 20.30
N ASP C 138 -5.60 52.41 19.10
CA ASP C 138 -6.36 51.34 18.44
C ASP C 138 -5.72 49.97 18.50
N GLN C 139 -4.54 49.85 19.08
CA GLN C 139 -3.90 48.54 19.13
C GLN C 139 -4.73 47.47 19.81
N LEU C 140 -4.92 46.36 19.11
CA LEU C 140 -5.70 45.24 19.60
C LEU C 140 -4.73 44.12 20.00
N SER C 141 -4.99 43.49 21.15
CA SER C 141 -4.16 42.38 21.64
C SER C 141 -4.87 41.62 22.75
N VAL C 142 -4.44 40.39 23.03
CA VAL C 142 -5.06 39.62 24.10
C VAL C 142 -4.64 40.15 25.48
N SER C 143 -3.51 40.85 25.56
CA SER C 143 -3.07 41.38 26.85
C SER C 143 -3.85 42.65 27.19
N ARG C 144 -4.48 43.26 26.18
CA ARG C 144 -5.28 44.45 26.41
C ARG C 144 -6.72 44.03 26.74
N ALA C 145 -7.42 43.49 25.75
CA ALA C 145 -8.80 43.04 25.92
C ALA C 145 -9.18 42.16 24.74
N ALA C 146 -9.63 40.94 25.04
CA ALA C 146 -9.98 40.01 23.98
C ALA C 146 -11.04 38.95 24.31
N VAL C 147 -11.76 38.53 23.27
CA VAL C 147 -12.76 37.49 23.41
C VAL C 147 -12.36 36.49 22.34
N ILE C 148 -11.90 35.34 22.79
CA ILE C 148 -11.47 34.26 21.92
C ILE C 148 -12.43 33.11 22.18
N THR C 149 -13.13 32.68 21.13
CA THR C 149 -14.05 31.57 21.26
C THR C 149 -13.45 30.30 20.70
N ILE C 150 -13.68 29.19 21.37
CA ILE C 150 -13.15 27.95 20.85
C ILE C 150 -14.29 27.40 20.02
N SER C 151 -14.14 27.48 18.69
CA SER C 151 -15.17 26.99 17.78
C SER C 151 -14.73 25.64 17.17
N SER C 152 -14.91 25.46 15.87
CA SER C 152 -14.53 24.23 15.19
C SER C 152 -14.56 24.34 13.67
N GLY C 153 -13.61 23.66 13.02
CA GLY C 153 -13.55 23.68 11.58
C GLY C 153 -14.85 23.17 11.00
N LEU C 154 -15.59 22.44 11.80
CA LEU C 154 -16.89 21.94 11.36
C LEU C 154 -17.87 23.11 11.28
N GLY C 155 -17.50 24.24 11.88
CA GLY C 155 -18.35 25.41 11.83
C GLY C 155 -18.24 26.12 10.50
N SER C 156 -17.20 25.81 9.74
CA SER C 156 -17.00 26.44 8.44
C SER C 156 -18.02 25.91 7.45
N ILE C 157 -18.81 26.80 6.86
CA ILE C 157 -19.81 26.38 5.89
C ILE C 157 -19.17 26.07 4.53
N THR C 158 -18.17 26.86 4.17
CA THR C 158 -17.51 26.64 2.89
C THR C 158 -16.63 25.39 2.88
N ASP C 159 -16.03 25.03 4.00
CA ASP C 159 -15.21 23.83 4.03
C ASP C 159 -16.01 22.56 4.27
N ASN C 160 -17.32 22.72 4.42
CA ASN C 160 -18.19 21.58 4.67
C ASN C 160 -18.42 20.70 3.46
N THR C 161 -17.78 19.53 3.45
CA THR C 161 -17.93 18.58 2.36
C THR C 161 -18.26 17.18 2.89
N SER C 162 -18.32 17.02 4.20
CA SER C 162 -18.65 15.74 4.81
C SER C 162 -20.01 15.88 5.47
N GLY C 163 -20.07 16.84 6.38
CA GLY C 163 -21.26 17.18 7.15
C GLY C 163 -22.37 16.16 7.32
N SER C 164 -22.45 15.58 8.52
CA SER C 164 -23.51 14.62 8.86
C SER C 164 -23.42 13.21 8.26
N ALA C 165 -22.93 13.03 7.03
CA ALA C 165 -22.84 11.68 6.45
C ALA C 165 -21.86 10.77 7.21
N GLN C 166 -20.78 11.36 7.71
CA GLN C 166 -19.77 10.60 8.45
C GLN C 166 -20.06 10.56 9.95
N PHE C 167 -20.30 11.73 10.53
CA PHE C 167 -20.61 11.87 11.97
C PHE C 167 -21.89 12.68 12.17
N PRO C 168 -22.67 12.35 13.21
CA PRO C 168 -23.93 13.03 13.52
C PRO C 168 -23.69 14.46 14.03
N VAL C 169 -23.19 15.31 13.13
CA VAL C 169 -22.86 16.67 13.47
C VAL C 169 -23.68 17.78 12.80
N LEU C 170 -24.92 17.51 12.44
CA LEU C 170 -25.72 18.54 11.81
C LEU C 170 -25.92 19.70 12.79
N ALA C 171 -26.41 19.39 13.98
CA ALA C 171 -26.66 20.40 15.03
C ALA C 171 -25.38 21.12 15.46
N TYR C 172 -24.30 20.35 15.67
CA TYR C 172 -23.01 20.92 16.07
C TYR C 172 -22.53 21.97 15.07
N ARG C 173 -22.39 21.57 13.81
CA ARG C 173 -21.96 22.47 12.75
C ARG C 173 -22.72 23.80 12.79
N MET C 174 -24.05 23.73 12.88
CA MET C 174 -24.87 24.92 12.90
C MET C 174 -24.58 25.81 14.10
N SER C 175 -24.34 25.19 15.25
CA SER C 175 -24.07 25.95 16.45
C SER C 175 -22.72 26.64 16.32
N LYS C 176 -21.78 25.99 15.61
CA LYS C 176 -20.46 26.58 15.45
C LYS C 176 -20.49 27.67 14.41
N ALA C 177 -21.32 27.50 13.39
CA ALA C 177 -21.43 28.53 12.36
C ALA C 177 -22.07 29.71 13.08
N ALA C 178 -23.04 29.41 13.93
CA ALA C 178 -23.76 30.42 14.69
C ALA C 178 -22.78 31.27 15.49
N ILE C 179 -21.97 30.62 16.32
CA ILE C 179 -21.00 31.36 17.13
C ILE C 179 -19.91 32.04 16.28
N ASN C 180 -19.54 31.46 15.14
CA ASN C 180 -18.53 32.11 14.30
C ASN C 180 -19.13 33.43 13.80
N MET C 181 -20.43 33.40 13.54
CA MET C 181 -21.17 34.59 13.10
C MET C 181 -21.18 35.61 14.25
N PHE C 182 -21.35 35.11 15.47
CA PHE C 182 -21.37 35.94 16.65
C PHE C 182 -20.04 36.67 16.82
N GLY C 183 -18.94 35.98 16.48
CA GLY C 183 -17.63 36.58 16.59
C GLY C 183 -17.48 37.69 15.57
N ARG C 184 -17.91 37.41 14.35
CA ARG C 184 -17.85 38.36 13.26
C ARG C 184 -18.64 39.62 13.64
N THR C 185 -19.83 39.42 14.20
CA THR C 185 -20.68 40.53 14.62
C THR C 185 -20.11 41.25 15.85
N LEU C 186 -19.59 40.46 16.79
CA LEU C 186 -19.03 41.02 18.01
C LEU C 186 -17.83 41.94 17.75
N ALA C 187 -17.04 41.58 16.74
CA ALA C 187 -15.88 42.38 16.39
C ALA C 187 -16.29 43.78 15.93
N VAL C 188 -17.24 43.85 15.01
CA VAL C 188 -17.69 45.14 14.51
C VAL C 188 -18.37 45.95 15.59
N ASP C 189 -19.12 45.29 16.46
CA ASP C 189 -19.84 45.99 17.52
C ASP C 189 -18.96 46.49 18.66
N LEU C 190 -17.73 45.97 18.76
CA LEU C 190 -16.86 46.42 19.82
C LEU C 190 -15.64 47.19 19.30
N LYS C 191 -15.64 47.50 18.00
CA LYS C 191 -14.53 48.21 17.37
C LYS C 191 -14.14 49.46 18.15
N ASP C 192 -15.11 50.29 18.50
CA ASP C 192 -14.82 51.50 19.26
C ASP C 192 -14.43 51.23 20.73
N ASP C 193 -14.65 50.01 21.20
CA ASP C 193 -14.27 49.68 22.57
C ASP C 193 -12.87 49.05 22.59
N ASN C 194 -12.29 48.93 21.41
CA ASN C 194 -10.96 48.36 21.24
C ASN C 194 -10.73 46.95 21.77
N VAL C 195 -11.78 46.15 21.84
CA VAL C 195 -11.60 44.78 22.31
C VAL C 195 -11.57 43.85 21.11
N LEU C 196 -10.52 43.04 21.08
CA LEU C 196 -10.30 42.08 20.01
C LEU C 196 -11.21 40.86 20.14
N VAL C 197 -11.66 40.34 19.01
CA VAL C 197 -12.48 39.14 19.03
C VAL C 197 -12.16 38.24 17.84
N VAL C 198 -11.67 37.05 18.17
CA VAL C 198 -11.26 36.04 17.21
C VAL C 198 -11.78 34.68 17.63
N ASN C 199 -12.11 33.86 16.64
CA ASN C 199 -12.57 32.49 16.89
C ASN C 199 -11.53 31.52 16.36
N PHE C 200 -11.40 30.39 17.06
CA PHE C 200 -10.41 29.36 16.72
C PHE C 200 -11.00 27.97 16.61
N CYS C 201 -10.26 27.10 15.93
CA CYS C 201 -10.60 25.69 15.80
C CYS C 201 -9.44 25.04 16.53
N PRO C 202 -9.69 24.41 17.68
CA PRO C 202 -8.58 23.79 18.41
C PRO C 202 -7.89 22.63 17.68
N GLY C 203 -8.54 22.08 16.66
CA GLY C 203 -7.94 20.97 15.94
C GLY C 203 -8.77 19.69 16.00
N TRP C 204 -9.57 19.58 17.05
CA TRP C 204 -10.43 18.42 17.20
C TRP C 204 -11.61 18.75 18.11
N VAL C 205 -12.71 18.03 17.92
CA VAL C 205 -13.90 18.22 18.73
C VAL C 205 -13.76 17.49 20.08
N GLN C 206 -14.09 18.16 21.17
CA GLN C 206 -14.01 17.55 22.49
C GLN C 206 -15.03 16.40 22.61
N THR C 207 -14.54 15.16 22.69
CA THR C 207 -15.40 13.96 22.80
C THR C 207 -14.68 12.81 23.48
N VAL C 218 -3.62 17.92 22.34
CA VAL C 218 -3.08 17.60 23.65
C VAL C 218 -2.52 18.87 24.32
N GLU C 219 -1.40 18.75 25.03
CA GLU C 219 -0.82 19.93 25.65
C GLU C 219 -0.07 20.67 24.55
N GLN C 220 0.19 19.94 23.46
CA GLN C 220 0.86 20.48 22.29
C GLN C 220 -0.10 21.42 21.57
N SER C 221 -1.35 20.98 21.44
CA SER C 221 -2.37 21.81 20.79
C SER C 221 -2.49 23.16 21.50
N THR C 222 -2.80 23.10 22.79
CA THR C 222 -2.95 24.30 23.60
C THR C 222 -1.70 25.19 23.64
N ALA C 223 -0.52 24.56 23.69
CA ALA C 223 0.73 25.36 23.71
C ALA C 223 0.81 26.12 22.39
N GLU C 224 0.27 25.53 21.34
CA GLU C 224 0.29 26.22 20.07
C GLU C 224 -0.73 27.35 20.11
N LEU C 225 -1.96 27.04 20.55
CA LEU C 225 -3.02 28.05 20.64
C LEU C 225 -2.47 29.28 21.36
N ILE C 226 -1.75 29.02 22.45
CA ILE C 226 -1.18 30.11 23.23
C ILE C 226 -0.31 30.95 22.32
N SER C 227 0.63 30.33 21.63
CA SER C 227 1.53 31.04 20.73
C SER C 227 0.79 31.91 19.70
N SER C 228 -0.33 31.43 19.18
CA SER C 228 -1.08 32.21 18.21
C SER C 228 -1.80 33.35 18.91
N PHE C 229 -2.05 33.17 20.21
CA PHE C 229 -2.71 34.20 21.00
C PHE C 229 -1.77 35.39 21.18
N ASN C 230 -0.47 35.10 21.31
CA ASN C 230 0.52 36.16 21.48
C ASN C 230 0.72 36.95 20.20
N LYS C 231 0.53 36.32 19.05
CA LYS C 231 0.73 37.01 17.78
C LYS C 231 -0.50 37.80 17.35
N LEU C 232 -1.64 37.56 18.00
CA LEU C 232 -2.88 38.24 17.63
C LEU C 232 -2.89 39.77 17.64
N ASP C 233 -3.32 40.35 16.52
CA ASP C 233 -3.43 41.81 16.40
C ASP C 233 -4.64 42.24 15.56
N ASN C 234 -4.79 43.55 15.37
CA ASN C 234 -5.89 44.12 14.60
C ASN C 234 -6.28 43.34 13.34
N SER C 235 -5.29 42.79 12.65
CA SER C 235 -5.57 42.07 11.41
C SER C 235 -6.30 40.74 11.60
N HIS C 236 -6.34 40.25 12.83
CA HIS C 236 -7.02 38.99 13.10
C HIS C 236 -8.43 39.23 13.63
N ASN C 237 -8.72 40.48 13.94
CA ASN C 237 -10.01 40.86 14.49
C ASN C 237 -11.18 40.45 13.61
N GLY C 238 -12.13 39.74 14.21
CA GLY C 238 -13.31 39.30 13.50
C GLY C 238 -13.11 38.12 12.56
N ARG C 239 -12.07 37.33 12.80
CA ARG C 239 -11.80 36.20 11.93
C ARG C 239 -11.70 34.82 12.59
N PHE C 240 -11.77 33.79 11.74
CA PHE C 240 -11.72 32.40 12.19
C PHE C 240 -10.47 31.70 11.67
N PHE C 241 -9.63 31.21 12.58
CA PHE C 241 -8.38 30.54 12.19
C PHE C 241 -8.22 29.15 12.78
N MET C 242 -7.21 28.43 12.30
CA MET C 242 -6.87 27.11 12.83
C MET C 242 -5.83 27.50 13.86
N ARG C 243 -5.38 26.59 14.72
CA ARG C 243 -4.42 27.02 15.73
C ARG C 243 -3.05 27.47 15.20
N ASN C 244 -2.74 27.11 13.96
CA ASN C 244 -1.48 27.50 13.33
C ASN C 244 -1.63 28.91 12.76
N LEU C 245 -2.77 29.53 13.04
CA LEU C 245 -3.09 30.87 12.56
C LEU C 245 -3.53 30.95 11.11
N LYS C 246 -3.66 29.81 10.45
CA LYS C 246 -4.12 29.82 9.07
C LYS C 246 -5.63 30.06 9.10
N PRO C 247 -6.10 31.09 8.37
CA PRO C 247 -7.50 31.48 8.28
C PRO C 247 -8.48 30.49 7.64
N TYR C 248 -9.69 30.43 8.19
CA TYR C 248 -10.77 29.57 7.69
C TYR C 248 -11.66 30.42 6.77
N GLU C 249 -12.61 29.79 6.09
CA GLU C 249 -13.45 30.57 5.21
C GLU C 249 -14.90 30.82 5.65
N PHE C 250 -15.23 30.50 6.89
CA PHE C 250 -16.60 30.74 7.40
C PHE C 250 -17.65 29.82 6.82
N MET D 1 -38.66 22.85 -17.07
CA MET D 1 -40.00 22.33 -16.68
C MET D 1 -40.41 22.85 -15.32
N SER D 2 -41.57 22.40 -14.85
CA SER D 2 -42.08 22.84 -13.55
C SER D 2 -42.28 21.67 -12.59
N PRO D 3 -42.29 21.95 -11.28
CA PRO D 3 -42.48 20.91 -10.26
C PRO D 3 -43.94 20.55 -10.16
N GLY D 4 -44.22 19.32 -9.73
CA GLY D 4 -45.59 18.90 -9.62
C GLY D 4 -46.26 19.60 -8.46
N SER D 5 -45.56 19.60 -7.33
CA SER D 5 -46.07 20.23 -6.12
C SER D 5 -45.01 21.15 -5.49
N VAL D 6 -45.48 22.18 -4.80
CA VAL D 6 -44.63 23.15 -4.12
C VAL D 6 -45.25 23.44 -2.75
N VAL D 7 -44.42 23.60 -1.74
CA VAL D 7 -44.93 23.90 -0.40
C VAL D 7 -44.29 25.17 0.11
N VAL D 8 -45.07 26.26 0.16
CA VAL D 8 -44.58 27.54 0.66
C VAL D 8 -45.14 27.75 2.06
N THR D 9 -44.25 27.90 3.03
CA THR D 9 -44.67 28.10 4.41
C THR D 9 -44.73 29.58 4.75
N GLY D 10 -45.66 29.93 5.64
CA GLY D 10 -45.82 31.32 6.04
C GLY D 10 -46.17 32.24 4.89
N ALA D 11 -46.86 31.71 3.89
CA ALA D 11 -47.26 32.48 2.72
C ALA D 11 -48.53 33.29 3.00
N ASN D 12 -48.88 33.39 4.29
CA ASN D 12 -50.04 34.15 4.70
C ASN D 12 -49.84 35.61 4.33
N ARG D 13 -48.57 35.99 4.15
CA ARG D 13 -48.21 37.35 3.78
C ARG D 13 -46.76 37.46 3.31
N GLY D 14 -46.42 38.61 2.74
CA GLY D 14 -45.07 38.87 2.26
C GLY D 14 -44.52 38.03 1.13
N ILE D 15 -43.22 37.77 1.21
CA ILE D 15 -42.52 36.97 0.22
C ILE D 15 -43.25 35.64 0.06
N GLY D 16 -43.71 35.10 1.17
CA GLY D 16 -44.44 33.84 1.15
C GLY D 16 -45.65 33.93 0.25
N LEU D 17 -46.43 34.99 0.42
CA LEU D 17 -47.62 35.21 -0.39
C LEU D 17 -47.19 35.62 -1.79
N GLY D 18 -46.09 36.35 -1.88
CA GLY D 18 -45.60 36.79 -3.16
C GLY D 18 -45.23 35.66 -4.12
N LEU D 19 -44.81 34.52 -3.57
CA LEU D 19 -44.41 33.38 -4.38
C LEU D 19 -45.63 32.58 -4.84
N VAL D 20 -46.56 32.34 -3.91
CA VAL D 20 -47.78 31.61 -4.21
C VAL D 20 -48.54 32.28 -5.35
N GLN D 21 -48.37 33.58 -5.50
CA GLN D 21 -49.04 34.35 -6.54
C GLN D 21 -48.32 34.17 -7.87
N GLN D 22 -47.01 33.96 -7.80
CA GLN D 22 -46.20 33.76 -8.99
C GLN D 22 -46.28 32.29 -9.37
N LEU D 23 -46.61 31.47 -8.38
CA LEU D 23 -46.74 30.03 -8.56
C LEU D 23 -47.99 29.67 -9.35
N VAL D 24 -49.08 30.41 -9.12
CA VAL D 24 -50.32 30.15 -9.83
C VAL D 24 -50.17 30.67 -11.26
N LYS D 25 -49.21 31.57 -11.45
CA LYS D 25 -48.91 32.15 -12.75
C LYS D 25 -48.38 31.04 -13.66
N ASP D 26 -48.00 29.92 -13.06
CA ASP D 26 -47.50 28.78 -13.82
C ASP D 26 -48.67 27.84 -14.08
N LYS D 27 -48.78 27.33 -15.30
CA LYS D 27 -49.88 26.44 -15.67
C LYS D 27 -49.57 24.97 -15.47
N ASN D 28 -48.29 24.62 -15.54
CA ASN D 28 -47.83 23.24 -15.40
C ASN D 28 -47.81 22.69 -13.98
N ILE D 29 -47.57 23.54 -12.98
CA ILE D 29 -47.57 23.08 -11.60
C ILE D 29 -48.96 22.50 -11.31
N ARG D 30 -49.02 21.41 -10.57
CA ARG D 30 -50.31 20.80 -10.26
C ARG D 30 -50.79 21.08 -8.84
N HIS D 31 -49.84 21.26 -7.91
CA HIS D 31 -50.23 21.55 -6.53
C HIS D 31 -49.43 22.70 -5.93
N ILE D 32 -50.14 23.60 -5.27
CA ILE D 32 -49.54 24.75 -4.62
C ILE D 32 -50.02 24.73 -3.18
N ILE D 33 -49.11 24.40 -2.26
CA ILE D 33 -49.43 24.30 -0.85
C ILE D 33 -48.85 25.44 -0.01
N ALA D 34 -49.73 26.32 0.47
CA ALA D 34 -49.33 27.46 1.30
C ALA D 34 -49.88 27.30 2.71
N THR D 35 -49.05 27.53 3.71
CA THR D 35 -49.48 27.41 5.09
C THR D 35 -49.56 28.77 5.76
N ALA D 36 -50.25 28.80 6.90
CA ALA D 36 -50.41 30.01 7.69
C ALA D 36 -50.61 29.57 9.12
N ARG D 37 -49.98 30.27 10.05
CA ARG D 37 -50.12 29.94 11.47
C ARG D 37 -51.59 30.01 11.85
N ASP D 38 -52.24 31.07 11.37
CA ASP D 38 -53.66 31.30 11.63
C ASP D 38 -54.42 31.22 10.30
N VAL D 39 -54.80 29.99 9.93
CA VAL D 39 -55.52 29.73 8.68
C VAL D 39 -56.74 30.63 8.45
N GLU D 40 -57.35 31.08 9.54
CA GLU D 40 -58.52 31.94 9.45
C GLU D 40 -58.20 33.37 9.07
N LYS D 41 -57.57 34.08 10.00
CA LYS D 41 -57.21 35.48 9.79
C LYS D 41 -56.33 35.75 8.57
N ALA D 42 -55.85 34.67 7.94
CA ALA D 42 -55.01 34.80 6.76
C ALA D 42 -55.91 34.72 5.53
N THR D 43 -56.74 35.76 5.36
CA THR D 43 -57.71 35.82 4.27
C THR D 43 -57.18 36.35 2.93
N GLU D 44 -56.24 37.29 2.97
CA GLU D 44 -55.71 37.84 1.73
C GLU D 44 -55.04 36.77 0.88
N LEU D 45 -54.90 35.57 1.44
CA LEU D 45 -54.29 34.46 0.73
C LEU D 45 -55.41 33.61 0.14
N LYS D 46 -56.48 33.47 0.91
CA LYS D 46 -57.65 32.70 0.50
C LYS D 46 -58.40 33.47 -0.59
N SER D 47 -57.82 34.59 -1.03
CA SER D 47 -58.42 35.44 -2.07
C SER D 47 -57.99 34.97 -3.46
N ILE D 48 -56.94 34.16 -3.51
CA ILE D 48 -56.44 33.64 -4.77
C ILE D 48 -57.43 32.59 -5.26
N LYS D 49 -58.03 32.84 -6.42
CA LYS D 49 -59.03 31.96 -7.03
C LYS D 49 -58.56 30.52 -7.29
N ASP D 50 -57.47 30.39 -8.05
CA ASP D 50 -56.90 29.10 -8.41
C ASP D 50 -57.34 27.91 -7.54
N SER D 51 -57.76 26.83 -8.19
CA SER D 51 -58.25 25.62 -7.52
C SER D 51 -57.16 24.69 -7.02
N ARG D 52 -55.96 24.82 -7.59
CA ARG D 52 -54.87 23.94 -7.19
C ARG D 52 -53.98 24.49 -6.07
N VAL D 53 -54.50 25.44 -5.31
CA VAL D 53 -53.74 25.99 -4.19
C VAL D 53 -54.48 25.53 -2.95
N HIS D 54 -53.74 25.12 -1.92
CA HIS D 54 -54.35 24.66 -0.67
C HIS D 54 -53.82 25.46 0.50
N VAL D 55 -54.73 26.04 1.29
CA VAL D 55 -54.30 26.80 2.45
C VAL D 55 -54.45 25.91 3.66
N LEU D 56 -53.32 25.50 4.24
CA LEU D 56 -53.33 24.63 5.40
C LEU D 56 -52.68 25.33 6.57
N PRO D 57 -53.14 25.04 7.80
CA PRO D 57 -52.53 25.68 8.97
C PRO D 57 -51.11 25.17 9.20
N LEU D 58 -50.47 25.68 10.25
CA LEU D 58 -49.11 25.28 10.62
C LEU D 58 -48.42 26.25 11.53
N THR D 59 -48.02 25.77 12.70
CA THR D 59 -47.28 26.58 13.64
C THR D 59 -45.96 25.82 13.71
N VAL D 60 -45.04 26.21 12.83
CA VAL D 60 -43.73 25.58 12.73
C VAL D 60 -43.07 25.21 14.06
N THR D 61 -43.36 26.01 15.09
CA THR D 61 -42.79 25.79 16.42
C THR D 61 -43.48 24.68 17.22
N CYS D 62 -44.54 24.12 16.65
CA CYS D 62 -45.29 23.06 17.30
C CYS D 62 -45.08 21.76 16.53
N ASP D 63 -44.42 20.80 17.16
CA ASP D 63 -44.14 19.51 16.53
C ASP D 63 -45.41 18.80 16.04
N LYS D 64 -46.51 18.93 16.77
CA LYS D 64 -47.74 18.29 16.34
C LYS D 64 -48.29 18.98 15.09
N SER D 65 -48.18 20.31 15.06
CA SER D 65 -48.65 21.07 13.91
C SER D 65 -47.85 20.65 12.67
N LEU D 66 -46.57 20.40 12.87
CA LEU D 66 -45.70 19.95 11.79
C LEU D 66 -46.19 18.59 11.33
N ASP D 67 -46.23 17.65 12.26
CA ASP D 67 -46.66 16.30 11.95
C ASP D 67 -47.97 16.30 11.19
N THR D 68 -49.00 16.87 11.79
CA THR D 68 -50.30 16.95 11.13
C THR D 68 -50.09 17.44 9.70
N PHE D 69 -49.54 18.64 9.56
CA PHE D 69 -49.29 19.22 8.25
C PHE D 69 -48.73 18.20 7.25
N VAL D 70 -47.57 17.63 7.58
CA VAL D 70 -46.91 16.66 6.72
C VAL D 70 -47.85 15.55 6.24
N SER D 71 -48.70 15.06 7.14
CA SER D 71 -49.64 14.00 6.76
C SER D 71 -50.54 14.49 5.64
N LYS D 72 -50.98 15.74 5.74
CA LYS D 72 -51.84 16.30 4.71
C LYS D 72 -51.05 16.52 3.43
N VAL D 73 -49.80 16.95 3.58
CA VAL D 73 -48.96 17.18 2.42
C VAL D 73 -48.83 15.86 1.67
N GLY D 74 -48.64 14.79 2.43
CA GLY D 74 -48.51 13.46 1.84
C GLY D 74 -49.85 12.99 1.31
N GLU D 75 -50.91 13.53 1.90
CA GLU D 75 -52.26 13.20 1.47
C GLU D 75 -52.46 13.86 0.11
N ILE D 76 -52.12 15.14 0.04
CA ILE D 76 -52.28 15.90 -1.18
C ILE D 76 -51.49 15.37 -2.37
N VAL D 77 -50.17 15.21 -2.18
CA VAL D 77 -49.29 14.74 -3.25
C VAL D 77 -49.32 13.24 -3.58
N GLY D 78 -49.42 12.40 -2.55
CA GLY D 78 -49.46 10.97 -2.79
C GLY D 78 -48.21 10.44 -3.46
N SER D 79 -48.34 9.26 -4.08
CA SER D 79 -47.23 8.60 -4.75
C SER D 79 -46.24 9.49 -5.48
N ASP D 80 -46.70 10.58 -6.09
CA ASP D 80 -45.79 11.47 -6.82
C ASP D 80 -44.76 12.15 -5.92
N GLY D 81 -45.05 12.21 -4.63
CA GLY D 81 -44.14 12.86 -3.70
C GLY D 81 -44.17 14.38 -3.83
N LEU D 82 -43.40 15.07 -3.00
CA LEU D 82 -43.35 16.52 -3.04
C LEU D 82 -42.17 16.95 -3.91
N SER D 83 -42.43 17.73 -4.94
CA SER D 83 -41.36 18.15 -5.84
C SER D 83 -40.52 19.33 -5.36
N LEU D 84 -41.13 20.24 -4.61
CA LEU D 84 -40.41 21.43 -4.15
C LEU D 84 -40.80 21.92 -2.77
N LEU D 85 -39.83 21.91 -1.86
CA LEU D 85 -40.07 22.41 -0.50
C LEU D 85 -39.43 23.78 -0.42
N ILE D 86 -40.23 24.80 -0.11
CA ILE D 86 -39.71 26.15 -0.01
C ILE D 86 -39.99 26.77 1.36
N ASN D 87 -38.96 26.73 2.22
CA ASN D 87 -39.02 27.25 3.59
C ASN D 87 -39.00 28.76 3.64
N ASN D 88 -40.19 29.34 3.79
CA ASN D 88 -40.30 30.78 3.85
C ASN D 88 -40.61 31.26 5.27
N ALA D 89 -41.39 30.48 6.01
CA ALA D 89 -41.77 30.85 7.37
C ALA D 89 -40.52 31.25 8.17
N GLY D 90 -40.64 32.35 8.91
CA GLY D 90 -39.52 32.83 9.70
C GLY D 90 -39.86 34.16 10.35
N VAL D 91 -39.08 34.55 11.35
CA VAL D 91 -39.36 35.81 12.03
C VAL D 91 -38.06 36.55 12.36
N LEU D 92 -38.17 37.86 12.54
CA LEU D 92 -37.00 38.67 12.89
C LEU D 92 -37.19 39.37 14.24
N LEU D 93 -36.63 38.79 15.30
CA LEU D 93 -36.74 39.39 16.62
C LEU D 93 -35.70 40.50 16.69
N SER D 94 -35.74 41.30 17.74
CA SER D 94 -34.78 42.37 17.91
C SER D 94 -33.78 41.89 18.94
N TYR D 95 -32.49 41.99 18.61
CA TYR D 95 -31.45 41.55 19.53
C TYR D 95 -30.08 41.93 19.00
N GLY D 96 -29.35 42.69 19.79
CA GLY D 96 -28.00 43.10 19.42
C GLY D 96 -27.02 42.78 20.55
N THR D 97 -25.73 43.02 20.34
CA THR D 97 -24.78 42.72 21.40
C THR D 97 -25.05 43.62 22.62
N ASN D 98 -25.67 44.77 22.37
CA ASN D 98 -25.96 45.72 23.43
C ASN D 98 -27.32 45.53 24.10
N THR D 99 -28.21 44.77 23.44
CA THR D 99 -29.51 44.49 24.03
C THR D 99 -29.26 43.92 25.40
N GLU D 100 -30.21 44.04 26.31
CA GLU D 100 -30.05 43.49 27.65
C GLU D 100 -30.11 41.97 27.50
N PRO D 101 -29.10 41.26 28.03
CA PRO D 101 -29.06 39.79 27.94
C PRO D 101 -30.39 39.08 28.18
N ASN D 102 -30.97 38.53 27.12
CA ASN D 102 -32.24 37.81 27.19
C ASN D 102 -32.10 36.45 26.46
N ARG D 103 -32.10 35.36 27.21
CA ARG D 103 -31.95 34.04 26.61
C ARG D 103 -33.15 33.64 25.77
N ALA D 104 -34.33 33.85 26.31
CA ALA D 104 -35.59 33.52 25.66
C ALA D 104 -35.72 34.10 24.26
N VAL D 105 -35.16 35.28 24.05
CA VAL D 105 -35.28 35.90 22.74
C VAL D 105 -34.36 35.24 21.73
N ILE D 106 -33.14 34.91 22.15
CA ILE D 106 -32.20 34.26 21.23
C ILE D 106 -32.77 32.88 20.89
N ALA D 107 -33.19 32.16 21.93
CA ALA D 107 -33.75 30.82 21.78
C ALA D 107 -34.93 30.79 20.82
N GLU D 108 -35.81 31.78 20.92
CA GLU D 108 -36.97 31.80 20.05
C GLU D 108 -36.55 32.18 18.63
N GLN D 109 -35.61 33.11 18.51
CA GLN D 109 -35.16 33.52 17.18
C GLN D 109 -34.60 32.31 16.44
N LEU D 110 -33.87 31.46 17.15
CA LEU D 110 -33.28 30.27 16.57
C LEU D 110 -34.31 29.14 16.39
N ASP D 111 -35.16 28.95 17.40
CA ASP D 111 -36.18 27.90 17.34
C ASP D 111 -37.06 28.07 16.12
N VAL D 112 -37.37 29.31 15.77
CA VAL D 112 -38.21 29.61 14.61
C VAL D 112 -37.43 29.47 13.31
N ASN D 113 -36.43 30.32 13.14
CA ASN D 113 -35.63 30.37 11.92
C ASN D 113 -34.66 29.22 11.62
N THR D 114 -34.28 28.45 12.64
CA THR D 114 -33.33 27.38 12.43
C THR D 114 -33.89 25.98 12.70
N THR D 115 -34.02 25.62 13.97
CA THR D 115 -34.53 24.30 14.27
C THR D 115 -35.91 23.98 13.69
N SER D 116 -36.79 24.97 13.59
CA SER D 116 -38.12 24.71 13.01
C SER D 116 -38.09 24.38 11.52
N VAL D 117 -37.15 24.97 10.77
CA VAL D 117 -37.07 24.68 9.35
C VAL D 117 -36.38 23.34 9.14
N VAL D 118 -35.35 23.08 9.93
CA VAL D 118 -34.64 21.82 9.83
C VAL D 118 -35.66 20.74 10.11
N LEU D 119 -36.43 20.93 11.18
CA LEU D 119 -37.45 19.98 11.59
C LEU D 119 -38.47 19.72 10.47
N LEU D 120 -39.04 20.77 9.91
CA LEU D 120 -40.02 20.59 8.85
C LEU D 120 -39.39 19.88 7.64
N THR D 121 -38.17 20.27 7.30
CA THR D 121 -37.50 19.67 6.16
C THR D 121 -37.19 18.19 6.34
N GLN D 122 -36.68 17.83 7.51
CA GLN D 122 -36.35 16.44 7.80
C GLN D 122 -37.60 15.56 7.65
N LYS D 123 -38.70 16.01 8.22
CA LYS D 123 -39.96 15.28 8.17
C LYS D 123 -40.49 15.11 6.74
N LEU D 124 -40.18 16.06 5.86
CA LEU D 124 -40.61 15.99 4.46
C LEU D 124 -39.60 15.25 3.58
N LEU D 125 -38.50 14.78 4.18
CA LEU D 125 -37.46 14.07 3.43
C LEU D 125 -38.01 12.91 2.64
N PRO D 126 -38.81 12.05 3.28
CA PRO D 126 -39.38 10.90 2.57
C PRO D 126 -40.15 11.31 1.31
N LEU D 127 -41.04 12.28 1.44
CA LEU D 127 -41.80 12.75 0.29
C LEU D 127 -40.92 13.36 -0.80
N LEU D 128 -39.85 14.02 -0.39
CA LEU D 128 -38.94 14.65 -1.34
C LEU D 128 -38.06 13.60 -2.06
N LYS D 129 -37.67 12.57 -1.33
CA LYS D 129 -36.85 11.51 -1.92
C LYS D 129 -37.70 10.80 -2.99
N ASN D 130 -38.97 10.55 -2.66
CA ASN D 130 -39.88 9.89 -3.57
C ASN D 130 -39.95 10.70 -4.86
N ALA D 131 -40.39 11.95 -4.74
CA ALA D 131 -40.49 12.80 -5.92
C ALA D 131 -39.21 12.78 -6.74
N ALA D 132 -38.09 12.67 -6.05
CA ALA D 132 -36.78 12.65 -6.69
C ALA D 132 -36.56 11.37 -7.50
N SER D 133 -37.16 10.28 -7.02
CA SER D 133 -37.02 8.99 -7.68
C SER D 133 -37.88 8.81 -8.94
N LYS D 134 -38.78 9.74 -9.21
CA LYS D 134 -39.61 9.62 -10.40
C LYS D 134 -38.75 9.84 -11.65
N GLU D 135 -37.48 10.17 -11.41
CA GLU D 135 -36.50 10.39 -12.46
C GLU D 135 -35.29 9.52 -12.14
N SER D 136 -34.34 9.45 -13.06
CA SER D 136 -33.14 8.66 -12.85
C SER D 136 -31.98 9.45 -13.41
N GLY D 137 -30.75 9.08 -13.05
CA GLY D 137 -29.59 9.79 -13.55
C GLY D 137 -29.04 10.85 -12.59
N ASP D 138 -28.20 11.73 -13.13
CA ASP D 138 -27.58 12.79 -12.33
C ASP D 138 -28.50 14.00 -12.08
N GLN D 139 -28.95 14.63 -13.17
CA GLN D 139 -29.82 15.81 -13.12
C GLN D 139 -30.44 16.21 -11.79
N LEU D 140 -30.23 17.48 -11.45
CA LEU D 140 -30.73 18.06 -10.22
C LEU D 140 -31.50 19.34 -10.57
N SER D 141 -32.78 19.40 -10.21
CA SER D 141 -33.60 20.60 -10.50
C SER D 141 -34.86 20.69 -9.65
N VAL D 142 -35.44 21.88 -9.61
CA VAL D 142 -36.65 22.11 -8.82
C VAL D 142 -37.78 21.27 -9.35
N SER D 143 -37.68 20.87 -10.61
CA SER D 143 -38.73 20.06 -11.22
C SER D 143 -38.65 18.63 -10.71
N ARG D 144 -37.45 18.22 -10.30
CA ARG D 144 -37.26 16.88 -9.77
C ARG D 144 -37.57 16.87 -8.28
N ALA D 145 -36.71 17.52 -7.49
CA ALA D 145 -36.90 17.59 -6.05
C ALA D 145 -35.93 18.58 -5.43
N ALA D 146 -36.46 19.61 -4.78
CA ALA D 146 -35.61 20.62 -4.16
C ALA D 146 -36.15 21.19 -2.87
N VAL D 147 -35.23 21.67 -2.04
CA VAL D 147 -35.56 22.30 -0.78
C VAL D 147 -34.91 23.67 -0.87
N ILE D 148 -35.73 24.68 -1.14
CA ILE D 148 -35.29 26.07 -1.27
C ILE D 148 -35.58 26.83 0.03
N THR D 149 -34.54 27.32 0.69
CA THR D 149 -34.71 28.04 1.95
C THR D 149 -34.53 29.54 1.83
N ILE D 150 -35.54 30.28 2.33
CA ILE D 150 -35.50 31.74 2.33
C ILE D 150 -34.54 32.17 3.44
N SER D 151 -33.36 32.64 3.04
CA SER D 151 -32.36 33.07 4.01
C SER D 151 -32.31 34.59 3.97
N SER D 152 -31.15 35.15 4.33
CA SER D 152 -30.96 36.60 4.32
C SER D 152 -29.48 36.92 4.15
N GLY D 153 -29.18 37.95 3.36
CA GLY D 153 -27.80 38.32 3.15
C GLY D 153 -27.10 38.65 4.47
N LEU D 154 -27.90 38.95 5.49
CA LEU D 154 -27.37 39.27 6.81
C LEU D 154 -26.78 37.98 7.39
N GLY D 155 -27.04 36.87 6.69
CA GLY D 155 -26.56 35.56 7.13
C GLY D 155 -25.13 35.27 6.74
N SER D 156 -24.65 35.90 5.67
CA SER D 156 -23.27 35.70 5.23
C SER D 156 -22.37 36.29 6.29
N ILE D 157 -21.50 35.47 6.85
CA ILE D 157 -20.59 35.91 7.88
C ILE D 157 -19.51 36.79 7.26
N THR D 158 -19.02 36.41 6.09
CA THR D 158 -17.98 37.20 5.46
C THR D 158 -18.48 38.60 5.08
N ASP D 159 -19.71 38.69 4.59
CA ASP D 159 -20.27 39.98 4.17
C ASP D 159 -20.68 40.87 5.32
N ASN D 160 -20.57 40.36 6.54
CA ASN D 160 -20.97 41.10 7.73
C ASN D 160 -20.00 42.21 8.11
N THR D 161 -20.30 43.43 7.69
CA THR D 161 -19.44 44.56 7.99
C THR D 161 -20.11 45.55 8.95
N SER D 162 -21.38 45.29 9.25
CA SER D 162 -22.12 46.13 10.19
C SER D 162 -22.79 45.20 11.19
N GLY D 163 -22.10 44.91 12.30
CA GLY D 163 -22.63 44.01 13.30
C GLY D 163 -24.09 44.23 13.65
N SER D 164 -24.39 44.29 14.95
CA SER D 164 -25.75 44.52 15.41
C SER D 164 -25.77 45.87 16.09
N ALA D 165 -24.95 46.77 15.59
CA ALA D 165 -24.85 48.11 16.13
C ALA D 165 -26.11 48.93 15.87
N GLN D 166 -26.24 49.48 14.66
CA GLN D 166 -27.38 50.29 14.28
C GLN D 166 -28.68 49.49 14.18
N PHE D 167 -28.59 48.19 13.96
CA PHE D 167 -29.78 47.34 13.85
C PHE D 167 -29.62 46.08 14.69
N PRO D 168 -30.52 45.89 15.67
CA PRO D 168 -30.51 44.75 16.59
C PRO D 168 -30.82 43.45 15.86
N VAL D 169 -29.89 43.04 14.99
CA VAL D 169 -30.07 41.83 14.20
C VAL D 169 -29.13 40.67 14.53
N LEU D 170 -28.50 40.68 15.70
CA LEU D 170 -27.55 39.62 16.06
C LEU D 170 -28.18 38.20 16.05
N ALA D 171 -29.32 38.06 16.70
CA ALA D 171 -29.99 36.77 16.76
C ALA D 171 -30.50 36.36 15.37
N TYR D 172 -30.79 37.34 14.54
CA TYR D 172 -31.30 37.07 13.19
C TYR D 172 -30.15 36.58 12.31
N ARG D 173 -29.00 37.23 12.40
CA ARG D 173 -27.83 36.83 11.62
C ARG D 173 -27.51 35.38 11.95
N MET D 174 -27.31 35.09 13.23
CA MET D 174 -26.99 33.75 13.65
C MET D 174 -27.95 32.70 13.11
N SER D 175 -29.25 32.97 13.14
CA SER D 175 -30.22 32.00 12.65
C SER D 175 -30.11 31.75 11.14
N LYS D 176 -29.84 32.79 10.37
CA LYS D 176 -29.70 32.63 8.92
C LYS D 176 -28.40 31.92 8.59
N ALA D 177 -27.32 32.28 9.27
CA ALA D 177 -26.06 31.63 9.02
C ALA D 177 -26.19 30.15 9.41
N ALA D 178 -26.89 29.89 10.50
CA ALA D 178 -27.09 28.52 10.94
C ALA D 178 -27.90 27.74 9.90
N ILE D 179 -28.89 28.40 9.32
CA ILE D 179 -29.73 27.74 8.32
C ILE D 179 -28.97 27.66 6.98
N ASN D 180 -27.91 28.46 6.84
CA ASN D 180 -27.11 28.41 5.62
C ASN D 180 -26.14 27.25 5.76
N MET D 181 -25.88 26.87 7.01
CA MET D 181 -25.02 25.73 7.29
C MET D 181 -25.89 24.48 7.08
N PHE D 182 -27.17 24.59 7.36
CA PHE D 182 -28.08 23.46 7.15
C PHE D 182 -28.10 23.12 5.67
N GLY D 183 -28.40 24.11 4.83
CA GLY D 183 -28.45 23.88 3.41
C GLY D 183 -27.19 23.22 2.87
N ARG D 184 -26.06 23.79 3.24
CA ARG D 184 -24.78 23.27 2.80
C ARG D 184 -24.69 21.79 3.10
N THR D 185 -24.91 21.46 4.37
CA THR D 185 -24.87 20.09 4.87
C THR D 185 -25.88 19.13 4.25
N LEU D 186 -27.11 19.61 4.08
CA LEU D 186 -28.17 18.80 3.49
C LEU D 186 -27.79 18.43 2.05
N ALA D 187 -27.25 19.39 1.31
CA ALA D 187 -26.85 19.13 -0.06
C ALA D 187 -26.00 17.87 -0.04
N VAL D 188 -24.99 17.88 0.80
CA VAL D 188 -24.10 16.75 0.93
C VAL D 188 -24.79 15.46 1.36
N ASP D 189 -25.59 15.53 2.42
CA ASP D 189 -26.27 14.35 2.95
C ASP D 189 -27.28 13.72 2.01
N LEU D 190 -27.90 14.53 1.17
CA LEU D 190 -28.91 14.02 0.25
C LEU D 190 -28.30 13.74 -1.12
N LYS D 191 -26.98 13.82 -1.20
CA LYS D 191 -26.25 13.58 -2.45
C LYS D 191 -26.82 12.40 -3.23
N ASP D 192 -26.82 11.22 -2.60
CA ASP D 192 -27.33 9.99 -3.24
C ASP D 192 -28.82 10.01 -3.52
N ASP D 193 -29.54 10.94 -2.92
CA ASP D 193 -30.98 10.99 -3.14
C ASP D 193 -31.37 11.94 -4.27
N ASN D 194 -30.42 12.74 -4.73
CA ASN D 194 -30.67 13.64 -5.84
C ASN D 194 -31.57 14.82 -5.57
N VAL D 195 -31.69 15.23 -4.32
CA VAL D 195 -32.53 16.37 -4.02
C VAL D 195 -31.66 17.60 -3.96
N LEU D 196 -32.02 18.59 -4.77
CA LEU D 196 -31.27 19.83 -4.85
C LEU D 196 -31.59 20.71 -3.66
N VAL D 197 -30.57 21.39 -3.14
CA VAL D 197 -30.79 22.29 -2.02
C VAL D 197 -30.13 23.64 -2.34
N VAL D 198 -30.91 24.71 -2.20
CA VAL D 198 -30.40 26.05 -2.46
C VAL D 198 -31.04 27.03 -1.48
N ASN D 199 -30.28 28.06 -1.13
CA ASN D 199 -30.74 29.11 -0.22
C ASN D 199 -30.73 30.44 -0.95
N PHE D 200 -31.72 31.29 -0.66
CA PHE D 200 -31.81 32.61 -1.31
C PHE D 200 -32.16 33.72 -0.34
N CYS D 201 -31.85 34.95 -0.76
CA CYS D 201 -32.18 36.13 0.02
C CYS D 201 -33.15 36.90 -0.84
N PRO D 202 -34.36 37.16 -0.34
CA PRO D 202 -35.32 37.92 -1.14
C PRO D 202 -34.86 39.35 -1.32
N GLY D 203 -34.00 39.80 -0.40
CA GLY D 203 -33.54 41.18 -0.44
C GLY D 203 -34.53 41.92 0.43
N TRP D 204 -34.40 43.23 0.58
CA TRP D 204 -35.35 43.95 1.42
C TRP D 204 -36.63 44.30 0.65
N GLU D 219 -39.18 45.62 -4.50
CA GLU D 219 -40.58 45.39 -4.20
C GLU D 219 -41.09 44.04 -4.76
N GLN D 220 -40.65 43.66 -5.96
CA GLN D 220 -41.08 42.38 -6.54
C GLN D 220 -39.95 41.42 -6.91
N SER D 221 -39.37 40.81 -5.88
CA SER D 221 -38.29 39.86 -6.05
C SER D 221 -38.85 38.47 -6.29
N THR D 222 -40.04 38.21 -5.78
CA THR D 222 -40.67 36.92 -5.95
C THR D 222 -40.70 36.56 -7.43
N ALA D 223 -40.83 37.58 -8.27
CA ALA D 223 -40.87 37.38 -9.70
C ALA D 223 -39.55 36.76 -10.15
N GLU D 224 -38.47 37.52 -10.05
CA GLU D 224 -37.16 37.04 -10.47
C GLU D 224 -36.65 35.84 -9.69
N LEU D 225 -37.07 35.71 -8.44
CA LEU D 225 -36.66 34.57 -7.63
C LEU D 225 -37.06 33.32 -8.39
N ILE D 226 -38.35 33.21 -8.65
CA ILE D 226 -38.92 32.07 -9.36
C ILE D 226 -38.18 31.84 -10.68
N SER D 227 -37.86 32.93 -11.36
CA SER D 227 -37.14 32.85 -12.63
C SER D 227 -35.81 32.12 -12.41
N SER D 228 -35.29 32.21 -11.20
CA SER D 228 -34.02 31.56 -10.87
C SER D 228 -34.28 30.13 -10.40
N PHE D 229 -35.39 29.93 -9.70
CA PHE D 229 -35.78 28.60 -9.22
C PHE D 229 -35.76 27.66 -10.42
N ASN D 230 -36.25 28.14 -11.56
CA ASN D 230 -36.31 27.34 -12.76
C ASN D 230 -35.00 27.31 -13.53
N LYS D 231 -33.94 27.84 -12.94
CA LYS D 231 -32.63 27.84 -13.60
C LYS D 231 -31.62 27.01 -12.81
N LEU D 232 -32.03 26.59 -11.61
CA LEU D 232 -31.17 25.82 -10.74
C LEU D 232 -30.85 24.40 -11.22
N ASP D 233 -29.59 24.02 -11.02
CA ASP D 233 -29.10 22.70 -11.39
C ASP D 233 -27.95 22.32 -10.46
N ASN D 234 -27.37 21.14 -10.70
CA ASN D 234 -26.26 20.62 -9.91
C ASN D 234 -25.25 21.65 -9.45
N SER D 235 -25.07 22.70 -10.23
CA SER D 235 -24.08 23.71 -9.88
C SER D 235 -24.45 24.56 -8.68
N HIS D 236 -25.74 24.66 -8.39
CA HIS D 236 -26.20 25.48 -7.29
C HIS D 236 -26.36 24.75 -5.95
N ASN D 237 -26.29 23.42 -6.00
CA ASN D 237 -26.44 22.58 -4.82
C ASN D 237 -25.61 23.00 -3.60
N GLY D 238 -26.29 23.07 -2.45
CA GLY D 238 -25.63 23.44 -1.21
C GLY D 238 -24.97 24.80 -1.25
N ARG D 239 -25.61 25.76 -1.93
CA ARG D 239 -25.09 27.10 -2.02
C ARG D 239 -26.12 28.17 -1.68
N PHE D 240 -25.61 29.37 -1.39
CA PHE D 240 -26.41 30.52 -0.98
C PHE D 240 -26.36 31.57 -2.08
N PHE D 241 -27.53 32.00 -2.52
CA PHE D 241 -27.62 32.99 -3.58
C PHE D 241 -28.63 34.06 -3.23
N MET D 242 -28.45 35.24 -3.81
CA MET D 242 -29.43 36.29 -3.62
C MET D 242 -30.15 36.14 -4.95
N ARG D 243 -31.34 36.71 -5.08
CA ARG D 243 -32.08 36.61 -6.34
C ARG D 243 -31.11 36.94 -7.48
N ASN D 244 -31.53 36.80 -8.73
CA ASN D 244 -30.66 37.08 -9.88
C ASN D 244 -29.43 36.19 -9.88
N LEU D 245 -29.45 35.20 -8.99
CA LEU D 245 -28.38 34.22 -8.84
C LEU D 245 -26.95 34.67 -8.57
N LYS D 246 -26.79 35.81 -7.89
CA LYS D 246 -25.44 36.24 -7.55
C LYS D 246 -25.09 35.44 -6.29
N PRO D 247 -24.02 34.66 -6.35
CA PRO D 247 -23.62 33.87 -5.19
C PRO D 247 -23.00 34.68 -4.05
N TYR D 248 -23.30 34.25 -2.82
CA TYR D 248 -22.77 34.86 -1.60
C TYR D 248 -21.59 34.01 -1.10
N GLU D 249 -20.85 34.53 -0.13
CA GLU D 249 -19.70 33.79 0.37
C GLU D 249 -19.86 32.98 1.66
N PHE D 250 -21.01 33.10 2.32
CA PHE D 250 -21.26 32.38 3.58
C PHE D 250 -20.67 33.12 4.78
N SER E 2 12.84 -18.34 2.02
CA SER E 2 13.71 -19.48 2.43
C SER E 2 13.25 -20.80 1.80
N PRO E 3 14.17 -21.54 1.18
CA PRO E 3 13.78 -22.81 0.56
C PRO E 3 13.56 -23.89 1.62
N GLY E 4 12.61 -24.77 1.37
CA GLY E 4 12.32 -25.84 2.30
C GLY E 4 13.52 -26.73 2.56
N SER E 5 14.16 -27.19 1.48
CA SER E 5 15.33 -28.06 1.61
C SER E 5 16.44 -27.62 0.67
N VAL E 6 17.67 -27.69 1.17
CA VAL E 6 18.84 -27.31 0.38
C VAL E 6 19.84 -28.43 0.44
N VAL E 7 20.68 -28.52 -0.58
CA VAL E 7 21.73 -29.51 -0.67
C VAL E 7 23.01 -28.77 -0.99
N VAL E 8 24.09 -29.05 -0.24
CA VAL E 8 25.39 -28.42 -0.49
C VAL E 8 26.45 -29.53 -0.55
N THR E 9 26.94 -29.81 -1.75
CA THR E 9 27.97 -30.84 -1.92
C THR E 9 29.34 -30.33 -1.49
N GLY E 10 30.16 -31.24 -0.95
CA GLY E 10 31.49 -30.88 -0.49
C GLY E 10 31.44 -29.73 0.48
N ALA E 11 30.65 -29.87 1.54
CA ALA E 11 30.50 -28.83 2.54
C ALA E 11 31.49 -28.92 3.71
N ASN E 12 32.35 -29.93 3.70
CA ASN E 12 33.29 -30.08 4.81
C ASN E 12 34.35 -28.97 4.91
N ARG E 13 34.64 -28.27 3.82
CA ARG E 13 35.63 -27.22 3.87
C ARG E 13 35.20 -25.99 3.07
N GLY E 14 36.08 -25.01 3.01
CA GLY E 14 35.86 -23.77 2.27
C GLY E 14 34.44 -23.27 2.10
N ILE E 15 34.14 -22.82 0.88
CA ILE E 15 32.84 -22.29 0.50
C ILE E 15 31.67 -23.11 1.05
N GLY E 16 31.64 -24.39 0.71
CA GLY E 16 30.56 -25.27 1.16
C GLY E 16 30.26 -25.22 2.64
N LEU E 17 31.30 -25.38 3.45
CA LEU E 17 31.18 -25.35 4.89
C LEU E 17 30.67 -24.00 5.38
N GLY E 18 31.04 -22.92 4.68
CA GLY E 18 30.60 -21.60 5.06
C GLY E 18 29.17 -21.41 4.62
N LEU E 19 28.84 -21.95 3.46
CA LEU E 19 27.49 -21.85 2.93
C LEU E 19 26.51 -22.42 3.93
N VAL E 20 26.81 -23.63 4.41
CA VAL E 20 25.96 -24.30 5.38
C VAL E 20 25.83 -23.46 6.65
N GLN E 21 26.96 -23.02 7.19
CA GLN E 21 26.98 -22.20 8.40
C GLN E 21 26.02 -21.02 8.22
N GLN E 22 25.91 -20.53 6.99
CA GLN E 22 25.02 -19.41 6.68
C GLN E 22 23.58 -19.91 6.68
N LEU E 23 23.34 -21.04 6.03
CA LEU E 23 21.98 -21.59 5.96
C LEU E 23 21.35 -21.84 7.34
N VAL E 24 22.14 -22.30 8.31
CA VAL E 24 21.60 -22.58 9.63
C VAL E 24 21.02 -21.34 10.30
N LYS E 25 21.58 -20.18 9.96
CA LYS E 25 21.11 -18.93 10.53
C LYS E 25 19.68 -18.70 10.08
N ASP E 26 19.33 -19.20 8.90
CA ASP E 26 17.98 -19.04 8.36
C ASP E 26 17.03 -20.10 8.94
N LYS E 27 16.44 -19.80 10.10
CA LYS E 27 15.53 -20.72 10.76
C LYS E 27 14.26 -21.04 9.98
N ASN E 28 14.24 -20.68 8.69
CA ASN E 28 13.05 -20.98 7.89
C ASN E 28 13.25 -22.16 6.95
N ILE E 29 14.43 -22.77 6.99
CA ILE E 29 14.68 -23.93 6.16
C ILE E 29 14.40 -25.18 6.99
N ARG E 30 13.91 -26.23 6.33
CA ARG E 30 13.59 -27.47 7.03
C ARG E 30 14.71 -28.50 6.99
N HIS E 31 15.35 -28.63 5.82
CA HIS E 31 16.43 -29.59 5.64
C HIS E 31 17.69 -29.04 4.98
N ILE E 32 18.80 -29.10 5.70
CA ILE E 32 20.06 -28.64 5.15
C ILE E 32 20.93 -29.87 4.94
N ILE E 33 21.06 -30.30 3.69
CA ILE E 33 21.85 -31.47 3.36
C ILE E 33 23.26 -31.17 2.83
N ALA E 34 24.25 -31.36 3.72
CA ALA E 34 25.67 -31.13 3.43
C ALA E 34 26.38 -32.46 3.24
N THR E 35 27.26 -32.52 2.24
CA THR E 35 27.96 -33.77 1.96
C THR E 35 29.47 -33.66 2.09
N ALA E 36 30.09 -34.80 2.35
CA ALA E 36 31.54 -34.90 2.46
C ALA E 36 31.93 -36.22 1.82
N ARG E 37 33.10 -36.27 1.19
CA ARG E 37 33.54 -37.50 0.58
C ARG E 37 33.77 -38.48 1.71
N ASP E 38 34.43 -37.98 2.74
CA ASP E 38 34.80 -38.72 3.92
C ASP E 38 34.18 -38.04 5.14
N VAL E 39 32.95 -38.45 5.47
CA VAL E 39 32.22 -37.87 6.60
C VAL E 39 32.93 -38.05 7.93
N GLU E 40 33.38 -39.27 8.19
CA GLU E 40 34.06 -39.59 9.45
C GLU E 40 35.14 -38.59 9.82
N LYS E 41 35.61 -37.81 8.86
CA LYS E 41 36.65 -36.82 9.12
C LYS E 41 36.18 -35.37 8.95
N ALA E 42 34.93 -35.20 8.55
CA ALA E 42 34.37 -33.86 8.37
C ALA E 42 34.06 -33.26 9.74
N THR E 43 35.07 -33.29 10.60
CA THR E 43 34.95 -32.80 11.97
C THR E 43 34.38 -31.39 12.15
N GLU E 44 34.86 -30.42 11.38
CA GLU E 44 34.33 -29.07 11.56
C GLU E 44 32.86 -28.98 11.17
N LEU E 45 32.47 -29.73 10.12
CA LEU E 45 31.08 -29.71 9.68
C LEU E 45 30.19 -30.43 10.70
N LYS E 46 30.64 -31.60 11.15
CA LYS E 46 29.91 -32.39 12.13
C LYS E 46 29.74 -31.64 13.44
N SER E 47 30.49 -30.54 13.63
CA SER E 47 30.40 -29.77 14.87
C SER E 47 29.13 -28.92 14.93
N ILE E 48 28.55 -28.61 13.77
CA ILE E 48 27.31 -27.85 13.77
C ILE E 48 26.28 -28.73 14.46
N LYS E 49 25.65 -28.20 15.51
CA LYS E 49 24.68 -28.97 16.29
C LYS E 49 23.28 -29.04 15.68
N ASP E 50 22.86 -27.95 15.05
CA ASP E 50 21.55 -27.83 14.40
C ASP E 50 20.99 -29.16 13.88
N SER E 51 19.77 -29.50 14.29
CA SER E 51 19.14 -30.76 13.88
C SER E 51 18.51 -30.73 12.49
N ARG E 52 18.58 -29.59 11.81
CA ARG E 52 18.01 -29.50 10.48
C ARG E 52 19.03 -29.99 9.45
N VAL E 53 20.30 -30.06 9.84
CA VAL E 53 21.36 -30.49 8.93
C VAL E 53 21.65 -32.00 8.98
N HIS E 54 21.75 -32.61 7.81
CA HIS E 54 22.06 -34.04 7.69
C HIS E 54 23.34 -34.22 6.88
N VAL E 55 24.44 -34.57 7.57
CA VAL E 55 25.70 -34.79 6.88
C VAL E 55 25.72 -36.15 6.17
N LEU E 56 25.66 -36.13 4.85
CA LEU E 56 25.68 -37.37 4.10
C LEU E 56 27.01 -37.55 3.39
N PRO E 57 27.44 -38.81 3.23
CA PRO E 57 28.72 -39.08 2.56
C PRO E 57 28.50 -39.02 1.05
N LEU E 58 29.47 -38.48 0.33
CA LEU E 58 29.31 -38.42 -1.11
C LEU E 58 30.59 -38.17 -1.86
N THR E 59 30.84 -39.03 -2.84
CA THR E 59 32.00 -38.91 -3.71
C THR E 59 31.36 -38.82 -5.10
N VAL E 60 31.34 -37.60 -5.62
CA VAL E 60 30.71 -37.29 -6.89
C VAL E 60 31.12 -38.12 -8.11
N THR E 61 32.31 -38.66 -8.12
CA THR E 61 32.76 -39.42 -9.28
C THR E 61 32.22 -40.84 -9.36
N CYS E 62 31.63 -41.33 -8.27
CA CYS E 62 31.06 -42.68 -8.23
C CYS E 62 29.55 -42.63 -8.49
N ASP E 63 29.11 -43.32 -9.54
CA ASP E 63 27.70 -43.34 -9.91
C ASP E 63 26.84 -43.98 -8.82
N LYS E 64 27.38 -45.00 -8.17
CA LYS E 64 26.64 -45.68 -7.12
C LYS E 64 26.44 -44.75 -5.92
N SER E 65 27.48 -43.99 -5.59
CA SER E 65 27.40 -43.05 -4.48
C SER E 65 26.28 -42.07 -4.79
N LEU E 66 26.31 -41.50 -5.99
CA LEU E 66 25.28 -40.56 -6.44
C LEU E 66 23.89 -41.16 -6.30
N ASP E 67 23.67 -42.31 -6.92
CA ASP E 67 22.37 -42.98 -6.83
C ASP E 67 21.91 -43.07 -5.37
N THR E 68 22.83 -43.43 -4.48
CA THR E 68 22.49 -43.56 -3.07
C THR E 68 22.14 -42.22 -2.42
N PHE E 69 23.02 -41.24 -2.57
CA PHE E 69 22.80 -39.91 -2.03
C PHE E 69 21.45 -39.37 -2.50
N VAL E 70 21.16 -39.58 -3.79
CA VAL E 70 19.90 -39.12 -4.37
C VAL E 70 18.72 -39.83 -3.73
N SER E 71 18.93 -41.11 -3.44
CA SER E 71 17.91 -41.92 -2.81
C SER E 71 17.63 -41.37 -1.41
N LYS E 72 18.72 -41.00 -0.71
CA LYS E 72 18.62 -40.46 0.64
C LYS E 72 17.93 -39.09 0.74
N VAL E 73 18.35 -38.11 -0.05
CA VAL E 73 17.72 -36.79 0.01
C VAL E 73 16.25 -36.92 -0.32
N GLY E 74 15.92 -37.84 -1.22
CA GLY E 74 14.53 -38.05 -1.57
C GLY E 74 13.75 -38.48 -0.35
N GLU E 75 14.36 -39.36 0.44
CA GLU E 75 13.74 -39.88 1.65
C GLU E 75 13.49 -38.78 2.65
N ILE E 76 14.51 -37.93 2.81
CA ILE E 76 14.50 -36.79 3.73
C ILE E 76 13.50 -35.70 3.37
N VAL E 77 13.51 -35.29 2.10
CA VAL E 77 12.61 -34.23 1.66
C VAL E 77 11.17 -34.72 1.45
N GLY E 78 11.03 -35.96 1.01
CA GLY E 78 9.71 -36.53 0.79
C GLY E 78 8.93 -36.01 -0.41
N SER E 79 7.62 -35.82 -0.23
CA SER E 79 6.73 -35.37 -1.30
C SER E 79 6.85 -33.87 -1.57
N ASP E 80 7.72 -33.21 -0.81
CA ASP E 80 7.95 -31.78 -0.96
C ASP E 80 8.95 -31.54 -2.09
N GLY E 81 9.85 -32.50 -2.28
CA GLY E 81 10.86 -32.36 -3.31
C GLY E 81 12.09 -31.61 -2.81
N LEU E 82 13.06 -31.38 -3.69
CA LEU E 82 14.28 -30.69 -3.31
C LEU E 82 14.17 -29.25 -3.78
N SER E 83 14.11 -28.32 -2.83
CA SER E 83 13.99 -26.92 -3.17
C SER E 83 15.25 -26.34 -3.84
N LEU E 84 16.43 -26.58 -3.25
CA LEU E 84 17.64 -26.01 -3.82
C LEU E 84 18.86 -26.93 -3.86
N LEU E 85 19.53 -26.93 -5.00
CA LEU E 85 20.73 -27.70 -5.17
C LEU E 85 21.86 -26.71 -5.45
N ILE E 86 22.88 -26.71 -4.60
CA ILE E 86 24.00 -25.84 -4.84
C ILE E 86 25.21 -26.73 -5.05
N ASN E 87 25.67 -26.79 -6.30
CA ASN E 87 26.82 -27.59 -6.65
C ASN E 87 28.08 -26.86 -6.23
N ASN E 88 28.66 -27.28 -5.12
CA ASN E 88 29.87 -26.65 -4.61
C ASN E 88 31.08 -27.56 -4.76
N ALA E 89 30.87 -28.85 -4.53
CA ALA E 89 31.94 -29.82 -4.64
C ALA E 89 32.74 -29.59 -5.92
N GLY E 90 34.06 -29.71 -5.82
CA GLY E 90 34.92 -29.50 -6.98
C GLY E 90 36.38 -29.49 -6.57
N VAL E 91 37.29 -29.28 -7.53
CA VAL E 91 38.72 -29.28 -7.24
C VAL E 91 39.56 -28.58 -8.31
N LEU E 92 40.79 -28.23 -7.95
CA LEU E 92 41.70 -27.57 -8.88
C LEU E 92 42.98 -28.37 -9.08
N LEU E 93 43.04 -29.13 -10.17
CA LEU E 93 44.23 -29.90 -10.47
C LEU E 93 45.18 -28.95 -11.17
N SER E 94 46.47 -29.10 -10.93
CA SER E 94 47.45 -28.22 -11.58
C SER E 94 47.74 -28.69 -13.01
N TYR E 95 47.45 -27.83 -13.98
CA TYR E 95 47.69 -28.20 -15.37
C TYR E 95 47.66 -26.96 -16.25
N GLY E 96 48.73 -26.78 -17.02
CA GLY E 96 48.83 -25.64 -17.92
C GLY E 96 49.26 -26.11 -19.30
N THR E 97 49.32 -25.21 -20.27
CA THR E 97 49.70 -25.61 -21.61
C THR E 97 51.12 -26.16 -21.65
N ASN E 98 52.03 -25.57 -20.88
CA ASN E 98 53.41 -26.05 -20.89
C ASN E 98 53.65 -27.22 -19.95
N THR E 99 52.60 -27.68 -19.26
CA THR E 99 52.75 -28.83 -18.38
C THR E 99 52.99 -30.02 -19.29
N GLU E 100 53.88 -30.92 -18.88
CA GLU E 100 54.15 -32.08 -19.71
C GLU E 100 52.83 -32.85 -19.82
N PRO E 101 52.36 -33.06 -21.07
CA PRO E 101 51.11 -33.75 -21.39
C PRO E 101 50.77 -34.94 -20.48
N ASN E 102 49.50 -35.04 -20.12
CA ASN E 102 48.98 -36.09 -19.26
C ASN E 102 47.46 -36.12 -19.39
N ARG E 103 46.93 -37.13 -20.07
CA ARG E 103 45.48 -37.23 -20.28
C ARG E 103 44.72 -37.44 -18.97
N ALA E 104 45.32 -38.17 -18.05
CA ALA E 104 44.69 -38.47 -16.75
C ALA E 104 44.31 -37.23 -15.96
N VAL E 105 45.24 -36.28 -15.84
CA VAL E 105 44.99 -35.06 -15.09
C VAL E 105 43.79 -34.29 -15.65
N ILE E 106 43.82 -34.07 -16.96
CA ILE E 106 42.74 -33.35 -17.63
C ILE E 106 41.39 -34.05 -17.43
N ALA E 107 41.42 -35.37 -17.47
CA ALA E 107 40.22 -36.17 -17.30
C ALA E 107 39.65 -36.08 -15.89
N GLU E 108 40.52 -36.05 -14.89
CA GLU E 108 40.05 -35.96 -13.50
C GLU E 108 39.44 -34.59 -13.21
N GLN E 109 40.03 -33.57 -13.81
CA GLN E 109 39.56 -32.20 -13.63
C GLN E 109 38.18 -32.02 -14.24
N LEU E 110 37.97 -32.58 -15.42
CA LEU E 110 36.69 -32.46 -16.10
C LEU E 110 35.69 -33.44 -15.53
N ASP E 111 36.17 -34.60 -15.09
CA ASP E 111 35.26 -35.58 -14.52
C ASP E 111 34.71 -35.07 -13.19
N VAL E 112 35.53 -34.32 -12.47
CA VAL E 112 35.11 -33.78 -11.18
C VAL E 112 34.30 -32.49 -11.29
N ASN E 113 34.88 -31.47 -11.93
CA ASN E 113 34.21 -30.17 -12.06
C ASN E 113 33.09 -30.14 -13.10
N THR E 114 33.14 -31.04 -14.07
CA THR E 114 32.10 -31.04 -15.11
C THR E 114 31.12 -32.22 -15.06
N THR E 115 31.51 -33.34 -15.67
CA THR E 115 30.62 -34.49 -15.74
C THR E 115 29.92 -34.90 -14.45
N SER E 116 30.64 -34.95 -13.34
CA SER E 116 30.02 -35.31 -12.06
C SER E 116 28.91 -34.34 -11.67
N VAL E 117 29.14 -33.04 -11.86
CA VAL E 117 28.15 -32.03 -11.52
C VAL E 117 26.92 -32.16 -12.40
N VAL E 118 27.17 -32.29 -13.69
CA VAL E 118 26.11 -32.42 -14.67
C VAL E 118 25.29 -33.66 -14.37
N LEU E 119 25.97 -34.71 -13.94
CA LEU E 119 25.35 -35.97 -13.59
C LEU E 119 24.43 -35.89 -12.36
N LEU E 120 24.94 -35.32 -11.27
CA LEU E 120 24.18 -35.19 -10.03
C LEU E 120 22.92 -34.35 -10.25
N THR E 121 23.11 -33.20 -10.89
CA THR E 121 21.99 -32.31 -11.16
C THR E 121 20.88 -33.13 -11.81
N GLN E 122 21.22 -33.85 -12.87
CA GLN E 122 20.24 -34.65 -13.57
C GLN E 122 19.51 -35.62 -12.65
N LYS E 123 20.28 -36.41 -11.89
CA LYS E 123 19.69 -37.40 -10.98
C LYS E 123 18.73 -36.78 -9.96
N LEU E 124 18.89 -35.50 -9.70
CA LEU E 124 18.06 -34.79 -8.75
C LEU E 124 16.97 -33.96 -9.38
N LEU E 125 16.86 -34.00 -10.72
CA LEU E 125 15.84 -33.21 -11.41
C LEU E 125 14.43 -33.60 -10.97
N PRO E 126 14.17 -34.89 -10.78
CA PRO E 126 12.83 -35.32 -10.34
C PRO E 126 12.39 -34.60 -9.06
N LEU E 127 13.26 -34.61 -8.06
CA LEU E 127 12.98 -33.95 -6.80
C LEU E 127 12.89 -32.44 -7.00
N LEU E 128 13.78 -31.90 -7.83
CA LEU E 128 13.79 -30.47 -8.07
C LEU E 128 12.51 -30.06 -8.78
N LYS E 129 12.13 -30.80 -9.81
CA LYS E 129 10.91 -30.50 -10.55
C LYS E 129 9.70 -30.63 -9.64
N ASN E 130 9.60 -31.76 -8.97
CA ASN E 130 8.47 -31.98 -8.07
C ASN E 130 8.34 -30.78 -7.11
N ALA E 131 9.47 -30.28 -6.63
CA ALA E 131 9.50 -29.17 -5.70
C ALA E 131 9.00 -27.87 -6.34
N ALA E 132 9.15 -27.77 -7.65
CA ALA E 132 8.73 -26.57 -8.37
C ALA E 132 7.22 -26.58 -8.62
N SER E 133 6.63 -27.78 -8.74
CA SER E 133 5.18 -27.89 -8.99
C SER E 133 4.29 -27.47 -7.82
N LYS E 134 4.88 -27.11 -6.69
CA LYS E 134 4.11 -26.67 -5.52
C LYS E 134 3.59 -25.24 -5.75
N GLU E 135 4.02 -24.63 -6.85
CA GLU E 135 3.60 -23.29 -7.17
C GLU E 135 3.04 -23.17 -8.59
N SER E 136 2.20 -22.16 -8.79
CA SER E 136 1.61 -21.89 -10.08
C SER E 136 2.29 -20.60 -10.53
N GLY E 137 2.40 -20.41 -11.84
CA GLY E 137 3.04 -19.21 -12.32
C GLY E 137 4.44 -19.51 -12.81
N ASP E 138 5.17 -18.46 -13.13
CA ASP E 138 6.52 -18.60 -13.64
C ASP E 138 7.58 -17.93 -12.78
N GLN E 139 7.18 -17.23 -11.72
CA GLN E 139 8.15 -16.59 -10.86
C GLN E 139 9.18 -17.64 -10.42
N LEU E 140 10.46 -17.37 -10.68
CA LEU E 140 11.53 -18.29 -10.33
C LEU E 140 12.26 -17.82 -9.08
N SER E 141 12.58 -18.75 -8.20
CA SER E 141 13.28 -18.39 -6.97
C SER E 141 13.96 -19.60 -6.35
N VAL E 142 14.85 -19.34 -5.38
CA VAL E 142 15.55 -20.41 -4.69
C VAL E 142 14.57 -21.02 -3.67
N SER E 143 13.47 -20.32 -3.43
CA SER E 143 12.45 -20.80 -2.50
C SER E 143 11.54 -21.81 -3.21
N ARG E 144 11.42 -21.68 -4.52
CA ARG E 144 10.58 -22.58 -5.31
C ARG E 144 11.34 -23.82 -5.75
N ALA E 145 12.43 -23.62 -6.49
CA ALA E 145 13.27 -24.70 -6.97
C ALA E 145 14.45 -24.07 -7.70
N ALA E 146 15.66 -24.47 -7.35
CA ALA E 146 16.82 -23.88 -8.00
C ALA E 146 18.09 -24.74 -7.99
N VAL E 147 18.92 -24.52 -8.99
CA VAL E 147 20.19 -25.22 -9.12
C VAL E 147 21.23 -24.13 -9.24
N ILE E 148 21.93 -23.88 -8.13
CA ILE E 148 22.98 -22.86 -8.10
C ILE E 148 24.34 -23.58 -8.09
N THR E 149 25.16 -23.29 -9.10
CA THR E 149 26.46 -23.93 -9.22
C THR E 149 27.62 -23.01 -8.91
N ILE E 150 28.48 -23.44 -7.98
CA ILE E 150 29.66 -22.66 -7.62
C ILE E 150 30.68 -22.83 -8.74
N SER E 151 30.78 -21.82 -9.60
CA SER E 151 31.72 -21.88 -10.71
C SER E 151 32.94 -21.03 -10.36
N SER E 152 33.50 -20.35 -11.36
CA SER E 152 34.67 -19.50 -11.15
C SER E 152 34.88 -18.49 -12.27
N GLY E 153 35.46 -17.34 -11.91
CA GLY E 153 35.73 -16.32 -12.89
C GLY E 153 36.72 -16.82 -13.93
N LEU E 154 37.65 -17.67 -13.51
CA LEU E 154 38.63 -18.22 -14.44
C LEU E 154 37.89 -18.96 -15.54
N GLY E 155 36.68 -19.41 -15.20
CA GLY E 155 35.86 -20.13 -16.16
C GLY E 155 35.39 -19.21 -17.26
N SER E 156 35.38 -17.91 -16.98
CA SER E 156 34.97 -16.92 -17.96
C SER E 156 36.01 -16.86 -19.05
N ILE E 157 35.58 -17.10 -20.28
CA ILE E 157 36.49 -17.04 -21.41
C ILE E 157 36.89 -15.60 -21.70
N THR E 158 35.91 -14.76 -22.05
CA THR E 158 36.20 -13.37 -22.37
C THR E 158 37.12 -12.68 -21.34
N ASP E 159 36.95 -13.03 -20.07
CA ASP E 159 37.76 -12.44 -19.01
C ASP E 159 39.04 -13.22 -18.77
N ASN E 160 39.42 -14.05 -19.74
CA ASN E 160 40.64 -14.85 -19.66
C ASN E 160 41.74 -14.12 -20.45
N THR E 161 42.59 -13.37 -19.75
CA THR E 161 43.67 -12.64 -20.40
C THR E 161 45.00 -13.14 -19.89
N SER E 162 44.94 -14.10 -18.98
CA SER E 162 46.12 -14.69 -18.38
C SER E 162 46.13 -16.19 -18.68
N GLY E 163 45.06 -16.84 -18.26
CA GLY E 163 44.89 -18.27 -18.45
C GLY E 163 46.14 -19.12 -18.60
N SER E 164 46.50 -19.85 -17.55
CA SER E 164 47.66 -20.73 -17.55
C SER E 164 49.00 -19.99 -17.54
N ALA E 165 49.01 -18.75 -18.04
CA ALA E 165 50.23 -17.94 -18.07
C ALA E 165 50.76 -17.79 -16.65
N GLN E 166 49.95 -17.21 -15.78
CA GLN E 166 50.34 -17.04 -14.38
C GLN E 166 50.23 -18.38 -13.67
N PHE E 167 49.03 -18.95 -13.57
CA PHE E 167 48.86 -20.23 -12.90
C PHE E 167 48.44 -21.40 -13.78
N PRO E 168 48.87 -22.62 -13.42
CA PRO E 168 48.60 -23.88 -14.11
C PRO E 168 47.14 -24.34 -14.01
N VAL E 169 46.25 -23.52 -14.56
CA VAL E 169 44.82 -23.81 -14.50
C VAL E 169 44.12 -24.03 -15.85
N LEU E 170 44.86 -24.46 -16.87
CA LEU E 170 44.27 -24.70 -18.17
C LEU E 170 43.06 -25.62 -18.07
N ALA E 171 43.29 -26.79 -17.48
CA ALA E 171 42.24 -27.78 -17.33
C ALA E 171 41.13 -27.27 -16.41
N TYR E 172 41.49 -26.50 -15.39
CA TYR E 172 40.49 -25.96 -14.48
C TYR E 172 39.61 -24.96 -15.25
N ARG E 173 40.25 -24.12 -16.05
CA ARG E 173 39.52 -23.14 -16.83
C ARG E 173 38.56 -23.83 -17.77
N MET E 174 38.94 -24.98 -18.29
CA MET E 174 38.06 -25.66 -19.20
C MET E 174 36.85 -26.24 -18.49
N SER E 175 37.11 -26.95 -17.39
CA SER E 175 36.04 -27.54 -16.61
C SER E 175 34.97 -26.53 -16.24
N LYS E 176 35.37 -25.37 -15.73
CA LYS E 176 34.39 -24.35 -15.35
C LYS E 176 33.69 -23.73 -16.56
N ALA E 177 34.42 -23.57 -17.65
CA ALA E 177 33.81 -23.01 -18.84
C ALA E 177 32.69 -23.95 -19.29
N ALA E 178 32.94 -25.26 -19.21
CA ALA E 178 31.95 -26.27 -19.59
C ALA E 178 30.72 -26.23 -18.67
N ILE E 179 30.97 -26.12 -17.37
CA ILE E 179 29.91 -26.08 -16.38
C ILE E 179 29.07 -24.81 -16.51
N ASN E 180 29.67 -23.72 -16.94
CA ASN E 180 28.90 -22.50 -17.13
C ASN E 180 28.00 -22.69 -18.35
N MET E 181 28.45 -23.54 -19.27
CA MET E 181 27.71 -23.84 -20.49
C MET E 181 26.50 -24.65 -20.06
N PHE E 182 26.74 -25.55 -19.10
CA PHE E 182 25.69 -26.39 -18.55
C PHE E 182 24.66 -25.47 -17.90
N GLY E 183 25.16 -24.55 -17.08
CA GLY E 183 24.27 -23.61 -16.42
C GLY E 183 23.36 -23.02 -17.47
N ARG E 184 23.96 -22.48 -18.53
CA ARG E 184 23.22 -21.87 -19.63
C ARG E 184 22.21 -22.84 -20.23
N THR E 185 22.66 -24.06 -20.55
CA THR E 185 21.81 -25.08 -21.15
C THR E 185 20.62 -25.48 -20.27
N LEU E 186 20.91 -25.85 -19.03
CA LEU E 186 19.90 -26.28 -18.05
C LEU E 186 18.74 -25.31 -17.94
N ALA E 187 19.05 -24.04 -17.69
CA ALA E 187 18.04 -22.99 -17.56
C ALA E 187 17.09 -23.00 -18.75
N VAL E 188 17.62 -23.31 -19.92
CA VAL E 188 16.81 -23.33 -21.13
C VAL E 188 15.91 -24.54 -21.21
N ASP E 189 16.43 -25.70 -20.84
CA ASP E 189 15.65 -26.93 -20.90
C ASP E 189 14.62 -27.01 -19.78
N LEU E 190 14.93 -26.42 -18.64
CA LEU E 190 14.03 -26.47 -17.50
C LEU E 190 13.09 -25.24 -17.38
N LYS E 191 12.75 -24.63 -18.52
CA LYS E 191 11.88 -23.46 -18.53
C LYS E 191 10.44 -23.79 -18.15
N ASP E 192 9.88 -24.87 -18.68
CA ASP E 192 8.51 -25.24 -18.37
C ASP E 192 8.37 -25.82 -16.95
N ASP E 193 9.48 -26.31 -16.41
CA ASP E 193 9.45 -26.90 -15.09
C ASP E 193 9.71 -25.88 -14.00
N ASN E 194 9.89 -24.62 -14.42
CA ASN E 194 10.13 -23.52 -13.49
C ASN E 194 11.28 -23.74 -12.52
N VAL E 195 12.35 -24.37 -12.99
CA VAL E 195 13.48 -24.58 -12.13
C VAL E 195 14.49 -23.50 -12.48
N LEU E 196 14.94 -22.77 -11.48
CA LEU E 196 15.89 -21.69 -11.69
C LEU E 196 17.34 -22.18 -11.61
N VAL E 197 18.16 -21.78 -12.57
CA VAL E 197 19.57 -22.17 -12.56
C VAL E 197 20.44 -20.93 -12.67
N VAL E 198 21.44 -20.84 -11.82
CA VAL E 198 22.34 -19.70 -11.81
C VAL E 198 23.72 -20.16 -11.38
N ASN E 199 24.74 -19.59 -12.01
CA ASN E 199 26.14 -19.93 -11.70
C ASN E 199 26.84 -18.74 -11.06
N PHE E 200 27.60 -19.00 -9.99
CA PHE E 200 28.31 -17.96 -9.27
C PHE E 200 29.82 -18.15 -9.15
N CYS E 201 30.51 -17.09 -8.74
CA CYS E 201 31.94 -17.12 -8.50
C CYS E 201 32.17 -16.56 -7.11
N PRO E 202 32.56 -17.42 -6.16
CA PRO E 202 32.81 -17.00 -4.77
C PRO E 202 33.83 -15.87 -4.68
N GLY E 203 35.06 -16.11 -5.16
CA GLY E 203 36.08 -15.09 -5.12
C GLY E 203 37.46 -15.60 -4.75
N VAL E 218 36.01 -15.70 3.51
CA VAL E 218 35.19 -16.90 3.42
C VAL E 218 33.77 -16.65 3.91
N GLU E 219 33.62 -16.37 5.20
CA GLU E 219 32.32 -16.09 5.78
C GLU E 219 31.74 -14.84 5.14
N GLN E 220 32.65 -14.05 4.57
CA GLN E 220 32.27 -12.82 3.88
C GLN E 220 31.74 -13.20 2.50
N SER E 221 32.52 -14.00 1.78
CA SER E 221 32.14 -14.47 0.46
C SER E 221 30.76 -15.12 0.46
N THR E 222 30.62 -16.15 1.29
CA THR E 222 29.37 -16.90 1.40
C THR E 222 28.21 -16.03 1.84
N ALA E 223 28.46 -15.17 2.83
CA ALA E 223 27.42 -14.27 3.33
C ALA E 223 26.84 -13.46 2.16
N GLU E 224 27.69 -13.08 1.22
CA GLU E 224 27.27 -12.34 0.05
C GLU E 224 26.49 -13.24 -0.90
N LEU E 225 26.99 -14.47 -1.09
CA LEU E 225 26.34 -15.44 -1.95
C LEU E 225 24.91 -15.71 -1.52
N ILE E 226 24.74 -16.06 -0.23
CA ILE E 226 23.42 -16.33 0.32
C ILE E 226 22.47 -15.16 0.09
N SER E 227 22.94 -13.97 0.44
CA SER E 227 22.15 -12.76 0.26
C SER E 227 21.77 -12.65 -1.20
N SER E 228 22.75 -12.83 -2.07
CA SER E 228 22.48 -12.75 -3.49
C SER E 228 21.57 -13.86 -3.97
N PHE E 229 21.37 -14.89 -3.15
CA PHE E 229 20.49 -15.99 -3.55
C PHE E 229 19.02 -15.62 -3.42
N ASN E 230 18.69 -14.81 -2.42
CA ASN E 230 17.32 -14.38 -2.21
C ASN E 230 16.86 -13.33 -3.21
N LYS E 231 17.81 -12.60 -3.79
CA LYS E 231 17.47 -11.57 -4.76
C LYS E 231 17.29 -12.16 -6.16
N LEU E 232 17.58 -13.45 -6.30
CA LEU E 232 17.46 -14.13 -7.59
C LEU E 232 16.02 -14.27 -8.06
N ASP E 233 15.84 -14.14 -9.36
CA ASP E 233 14.53 -14.29 -9.99
C ASP E 233 14.79 -14.59 -11.46
N ASN E 234 13.72 -14.73 -12.24
CA ASN E 234 13.84 -15.04 -13.67
C ASN E 234 14.94 -14.22 -14.36
N SER E 235 15.04 -12.95 -13.97
CA SER E 235 16.04 -12.04 -14.54
C SER E 235 17.46 -12.58 -14.42
N HIS E 236 17.68 -13.50 -13.49
CA HIS E 236 19.01 -14.06 -13.28
C HIS E 236 19.21 -15.42 -13.93
N ASN E 237 18.13 -15.99 -14.46
CA ASN E 237 18.18 -17.32 -15.06
C ASN E 237 19.17 -17.42 -16.22
N GLY E 238 19.91 -18.53 -16.24
CA GLY E 238 20.88 -18.79 -17.29
C GLY E 238 22.12 -17.91 -17.32
N ARG E 239 22.35 -17.13 -16.27
CA ARG E 239 23.51 -16.25 -16.24
C ARG E 239 24.56 -16.60 -15.19
N PHE E 240 25.73 -15.99 -15.32
CA PHE E 240 26.86 -16.21 -14.43
C PHE E 240 27.25 -14.90 -13.74
N PHE E 241 27.19 -14.88 -12.41
CA PHE E 241 27.50 -13.67 -11.68
C PHE E 241 28.60 -13.82 -10.65
N MET E 242 28.87 -12.72 -9.94
CA MET E 242 29.86 -12.70 -8.88
C MET E 242 29.03 -12.72 -7.60
N ARG E 243 29.65 -13.02 -6.47
CA ARG E 243 28.96 -13.10 -5.18
C ARG E 243 27.99 -11.94 -4.92
N ASN E 244 28.33 -10.75 -5.38
CA ASN E 244 27.48 -9.57 -5.19
C ASN E 244 26.54 -9.35 -6.36
N LEU E 245 26.22 -10.44 -7.08
CA LEU E 245 25.31 -10.41 -8.22
C LEU E 245 25.71 -9.59 -9.43
N LYS E 246 27.00 -9.26 -9.55
CA LYS E 246 27.44 -8.51 -10.73
C LYS E 246 27.72 -9.58 -11.80
N PRO E 247 27.20 -9.38 -13.01
CA PRO E 247 27.36 -10.30 -14.14
C PRO E 247 28.79 -10.52 -14.62
N TYR E 248 28.94 -11.53 -15.48
CA TYR E 248 30.21 -11.91 -16.10
C TYR E 248 29.89 -12.04 -17.59
N GLU E 249 30.90 -12.22 -18.42
CA GLU E 249 30.66 -12.35 -19.85
C GLU E 249 30.96 -13.72 -20.44
N PHE E 250 30.86 -14.77 -19.62
CA PHE E 250 31.12 -16.13 -20.09
C PHE E 250 32.47 -16.28 -20.78
N SER F 2 51.27 -17.67 -47.77
CA SER F 2 50.86 -19.10 -47.65
C SER F 2 51.67 -19.81 -46.57
N PRO F 3 51.09 -20.84 -45.94
CA PRO F 3 51.74 -21.62 -44.88
C PRO F 3 52.74 -22.66 -45.40
N GLY F 4 53.75 -22.95 -44.59
CA GLY F 4 54.75 -23.93 -44.98
C GLY F 4 54.25 -25.36 -44.93
N SER F 5 53.89 -25.82 -43.73
CA SER F 5 53.37 -27.19 -43.55
C SER F 5 51.98 -27.10 -42.95
N VAL F 6 51.16 -28.14 -43.17
CA VAL F 6 49.79 -28.13 -42.64
C VAL F 6 49.33 -29.51 -42.18
N VAL F 7 48.77 -29.56 -40.98
CA VAL F 7 48.24 -30.81 -40.45
C VAL F 7 46.76 -30.62 -40.18
N VAL F 8 45.95 -31.45 -40.84
CA VAL F 8 44.51 -31.40 -40.68
C VAL F 8 43.99 -32.71 -40.12
N THR F 9 43.50 -32.67 -38.88
CA THR F 9 42.96 -33.86 -38.24
C THR F 9 41.51 -34.04 -38.66
N GLY F 10 41.01 -35.27 -38.54
CA GLY F 10 39.64 -35.55 -38.92
C GLY F 10 39.34 -35.08 -40.32
N ALA F 11 40.06 -35.62 -41.29
CA ALA F 11 39.86 -35.24 -42.69
C ALA F 11 39.26 -36.39 -43.46
N ASN F 12 38.81 -37.42 -42.75
CA ASN F 12 38.20 -38.58 -43.39
C ASN F 12 36.98 -38.06 -44.14
N ARG F 13 36.32 -37.08 -43.52
CA ARG F 13 35.13 -36.47 -44.10
C ARG F 13 34.88 -35.08 -43.50
N GLY F 14 33.77 -34.48 -43.91
CA GLY F 14 33.37 -33.18 -43.40
C GLY F 14 34.21 -31.99 -43.83
N ILE F 15 34.48 -31.11 -42.87
CA ILE F 15 35.28 -29.91 -43.11
C ILE F 15 36.75 -30.25 -43.33
N GLY F 16 37.22 -31.31 -42.67
CA GLY F 16 38.61 -31.72 -42.82
C GLY F 16 39.00 -32.00 -44.26
N LEU F 17 38.29 -32.95 -44.87
CA LEU F 17 38.55 -33.32 -46.25
C LEU F 17 38.38 -32.11 -47.16
N GLY F 18 37.35 -31.31 -46.90
CA GLY F 18 37.10 -30.13 -47.71
C GLY F 18 38.25 -29.16 -47.71
N LEU F 19 38.93 -29.02 -46.57
CA LEU F 19 40.06 -28.10 -46.46
C LEU F 19 41.30 -28.65 -47.16
N VAL F 20 41.50 -29.97 -47.06
CA VAL F 20 42.64 -30.63 -47.69
C VAL F 20 42.57 -30.45 -49.21
N GLN F 21 41.37 -30.31 -49.74
CA GLN F 21 41.18 -30.14 -51.17
C GLN F 21 41.49 -28.70 -51.61
N GLN F 22 41.14 -27.75 -50.76
CA GLN F 22 41.39 -26.33 -51.05
C GLN F 22 42.88 -26.10 -50.88
N LEU F 23 43.48 -26.90 -50.00
CA LEU F 23 44.89 -26.82 -49.69
C LEU F 23 45.80 -27.26 -50.83
N VAL F 24 45.42 -28.33 -51.53
CA VAL F 24 46.24 -28.81 -52.64
C VAL F 24 46.26 -27.78 -53.76
N LYS F 25 45.28 -26.88 -53.77
CA LYS F 25 45.20 -25.82 -54.77
C LYS F 25 46.31 -24.80 -54.53
N ASP F 26 46.96 -24.91 -53.38
CA ASP F 26 48.03 -24.01 -52.99
C ASP F 26 49.39 -24.69 -53.18
N LYS F 27 50.02 -24.43 -54.31
CA LYS F 27 51.31 -25.03 -54.64
C LYS F 27 52.44 -24.57 -53.71
N ASN F 28 52.32 -23.36 -53.16
CA ASN F 28 53.32 -22.80 -52.25
C ASN F 28 53.49 -23.57 -50.95
N ILE F 29 52.57 -24.49 -50.66
CA ILE F 29 52.69 -25.28 -49.45
C ILE F 29 53.56 -26.47 -49.82
N ARG F 30 54.46 -26.86 -48.93
CA ARG F 30 55.36 -27.97 -49.20
C ARG F 30 54.84 -29.32 -48.73
N HIS F 31 54.37 -29.38 -47.49
CA HIS F 31 53.87 -30.64 -46.94
C HIS F 31 52.47 -30.51 -46.35
N ILE F 32 51.65 -31.52 -46.62
CA ILE F 32 50.27 -31.55 -46.15
C ILE F 32 49.95 -32.87 -45.45
N ILE F 33 49.71 -32.79 -44.15
CA ILE F 33 49.39 -33.98 -43.38
C ILE F 33 47.90 -34.00 -43.03
N ALA F 34 47.22 -35.04 -43.50
CA ALA F 34 45.80 -35.21 -43.26
C ALA F 34 45.65 -36.54 -42.52
N THR F 35 44.82 -36.56 -41.48
CA THR F 35 44.64 -37.78 -40.71
C THR F 35 43.21 -38.32 -40.78
N ALA F 36 43.03 -39.57 -40.38
CA ALA F 36 41.72 -40.18 -40.41
C ALA F 36 41.48 -41.20 -39.30
N ARG F 37 40.24 -41.20 -38.79
CA ARG F 37 39.81 -42.10 -37.73
C ARG F 37 39.95 -43.55 -38.18
N ASP F 38 39.89 -43.75 -39.49
CA ASP F 38 40.02 -45.05 -40.15
C ASP F 38 40.52 -44.79 -41.57
N VAL F 39 41.84 -44.89 -41.78
CA VAL F 39 42.42 -44.63 -43.08
C VAL F 39 41.89 -45.54 -44.18
N GLU F 40 41.43 -46.73 -43.82
CA GLU F 40 40.89 -47.68 -44.79
C GLU F 40 39.57 -47.24 -45.42
N LYS F 41 38.86 -46.35 -44.75
CA LYS F 41 37.57 -45.87 -45.25
C LYS F 41 37.60 -44.45 -45.81
N ALA F 42 38.75 -43.80 -45.78
CA ALA F 42 38.91 -42.44 -46.28
C ALA F 42 38.54 -42.33 -47.76
N THR F 43 39.08 -43.24 -48.57
CA THR F 43 38.85 -43.29 -50.01
C THR F 43 38.86 -41.92 -50.69
N GLU F 44 37.83 -41.12 -50.48
CA GLU F 44 37.78 -39.80 -51.08
C GLU F 44 39.06 -39.08 -50.70
N LEU F 45 39.52 -39.33 -49.47
CA LEU F 45 40.76 -38.73 -48.99
C LEU F 45 41.90 -39.51 -49.64
N LYS F 46 41.83 -40.85 -49.51
CA LYS F 46 42.84 -41.74 -50.07
C LYS F 46 43.21 -41.44 -51.52
N SER F 47 42.28 -40.88 -52.28
CA SER F 47 42.55 -40.55 -53.67
C SER F 47 43.41 -39.30 -53.77
N ASP F 50 47.94 -35.80 -56.13
CA ASP F 50 49.01 -34.98 -55.55
C ASP F 50 50.07 -35.87 -54.92
N SER F 51 51.24 -35.31 -54.67
CA SER F 51 52.36 -36.06 -54.10
C SER F 51 52.85 -35.51 -52.76
N ARG F 52 52.71 -34.20 -52.58
CA ARG F 52 53.16 -33.58 -51.35
C ARG F 52 52.09 -33.73 -50.26
N VAL F 53 51.23 -34.72 -50.44
CA VAL F 53 50.15 -35.00 -49.50
C VAL F 53 50.45 -36.25 -48.67
N HIS F 54 50.15 -36.19 -47.39
CA HIS F 54 50.38 -37.30 -46.49
C HIS F 54 49.05 -37.64 -45.79
N VAL F 55 48.66 -38.91 -45.88
CA VAL F 55 47.42 -39.39 -45.26
C VAL F 55 47.78 -40.37 -44.14
N LEU F 56 47.72 -39.92 -42.90
CA LEU F 56 48.06 -40.78 -41.77
C LEU F 56 46.88 -41.10 -40.86
N PRO F 57 46.95 -42.24 -40.16
CA PRO F 57 45.90 -42.68 -39.24
C PRO F 57 46.05 -41.94 -37.92
N LEU F 58 44.93 -41.78 -37.19
CA LEU F 58 44.97 -41.08 -35.92
C LEU F 58 43.79 -41.38 -35.03
N THR F 59 44.11 -41.84 -33.83
CA THR F 59 43.11 -42.14 -32.82
C THR F 59 43.41 -41.14 -31.71
N VAL F 60 42.82 -39.95 -31.84
CA VAL F 60 43.02 -38.87 -30.89
C VAL F 60 42.86 -39.36 -29.46
N THR F 61 41.98 -40.33 -29.25
CA THR F 61 41.75 -40.84 -27.91
C THR F 61 42.88 -41.73 -27.40
N CYS F 62 43.80 -42.10 -28.30
CA CYS F 62 44.94 -42.96 -27.95
C CYS F 62 46.25 -42.15 -27.91
N ASP F 63 46.87 -42.10 -26.74
CA ASP F 63 48.12 -41.37 -26.55
C ASP F 63 49.21 -41.97 -27.42
N LYS F 64 49.22 -43.30 -27.45
CA LYS F 64 50.18 -44.04 -28.26
C LYS F 64 50.04 -43.52 -29.69
N SER F 65 48.85 -43.69 -30.26
CA SER F 65 48.55 -43.24 -31.61
C SER F 65 48.86 -41.73 -31.70
N LEU F 66 48.87 -41.06 -30.55
CA LEU F 66 49.17 -39.63 -30.51
C LEU F 66 50.66 -39.40 -30.70
N ASP F 67 51.46 -40.04 -29.87
CA ASP F 67 52.91 -39.87 -29.96
C ASP F 67 53.46 -40.40 -31.29
N THR F 68 52.93 -41.52 -31.77
CA THR F 68 53.36 -42.08 -33.05
C THR F 68 53.20 -41.00 -34.11
N PHE F 69 51.97 -40.54 -34.27
CA PHE F 69 51.63 -39.51 -35.24
C PHE F 69 52.55 -38.28 -35.17
N VAL F 70 52.98 -37.93 -33.96
CA VAL F 70 53.84 -36.77 -33.77
C VAL F 70 55.22 -36.97 -34.40
N SER F 71 55.85 -38.09 -34.09
CA SER F 71 57.17 -38.40 -34.63
C SER F 71 57.22 -38.29 -36.14
N LYS F 72 56.21 -38.85 -36.79
CA LYS F 72 56.11 -38.84 -38.25
C LYS F 72 56.04 -37.43 -38.83
N VAL F 73 55.16 -36.60 -38.27
CA VAL F 73 55.03 -35.24 -38.77
C VAL F 73 56.34 -34.46 -38.59
N GLY F 74 56.94 -34.59 -37.41
CA GLY F 74 58.20 -33.91 -37.14
C GLY F 74 59.24 -34.33 -38.15
N GLU F 75 59.19 -35.60 -38.54
CA GLU F 75 60.11 -36.15 -39.52
C GLU F 75 59.84 -35.50 -40.86
N ILE F 76 58.58 -35.50 -41.28
CA ILE F 76 58.18 -34.92 -42.55
C ILE F 76 58.47 -33.42 -42.65
N VAL F 77 58.34 -32.70 -41.55
CA VAL F 77 58.60 -31.25 -41.55
C VAL F 77 60.08 -30.88 -41.30
N GLY F 78 60.83 -31.82 -40.74
CA GLY F 78 62.23 -31.57 -40.46
C GLY F 78 62.50 -30.46 -39.47
N SER F 79 63.30 -29.48 -39.87
CA SER F 79 63.65 -28.36 -39.00
C SER F 79 62.88 -27.09 -39.35
N ASP F 80 61.56 -27.21 -39.44
CA ASP F 80 60.71 -26.06 -39.77
C ASP F 80 59.37 -26.12 -39.03
N SER F 83 54.10 -25.79 -38.49
CA SER F 83 53.72 -24.54 -39.15
C SER F 83 52.24 -24.15 -38.95
N LEU F 84 51.32 -25.04 -39.32
CA LEU F 84 49.90 -24.74 -39.18
C LEU F 84 49.07 -25.99 -38.81
N LEU F 85 48.53 -25.96 -37.60
CA LEU F 85 47.72 -27.04 -37.06
C LEU F 85 46.22 -26.78 -37.09
N ILE F 86 45.50 -27.50 -37.94
CA ILE F 86 44.05 -27.36 -38.02
C ILE F 86 43.43 -28.51 -37.24
N ASN F 87 42.99 -28.23 -36.02
CA ASN F 87 42.35 -29.25 -35.20
C ASN F 87 40.89 -29.36 -35.63
N ASN F 88 40.55 -30.49 -36.24
CA ASN F 88 39.18 -30.71 -36.71
C ASN F 88 38.63 -32.08 -36.35
N ALA F 89 39.48 -32.98 -35.87
CA ALA F 89 39.02 -34.30 -35.49
C ALA F 89 37.99 -34.08 -34.39
N GLY F 90 36.82 -34.70 -34.52
CA GLY F 90 35.79 -34.53 -33.51
C GLY F 90 34.57 -35.39 -33.71
N VAL F 91 33.56 -35.18 -32.85
CA VAL F 91 32.36 -35.96 -32.97
C VAL F 91 31.22 -35.41 -32.12
N LEU F 92 29.99 -35.80 -32.49
CA LEU F 92 28.80 -35.40 -31.74
C LEU F 92 28.12 -36.65 -31.20
N LEU F 93 27.99 -36.71 -29.88
CA LEU F 93 27.32 -37.83 -29.22
C LEU F 93 26.06 -37.28 -28.60
N SER F 94 24.92 -37.88 -28.97
CA SER F 94 23.63 -37.48 -28.45
C SER F 94 23.58 -37.45 -26.92
N TYR F 95 23.16 -36.31 -26.36
CA TYR F 95 23.02 -36.20 -24.93
C TYR F 95 22.37 -34.89 -24.53
N GLY F 96 21.23 -35.00 -23.86
CA GLY F 96 20.53 -33.83 -23.40
C GLY F 96 20.30 -33.95 -21.90
N THR F 97 19.87 -32.85 -21.29
CA THR F 97 19.61 -32.84 -19.86
C THR F 97 18.52 -33.83 -19.44
N ASN F 98 17.67 -34.25 -20.38
CA ASN F 98 16.62 -35.20 -20.04
C ASN F 98 16.97 -36.61 -20.50
N THR F 99 18.23 -36.81 -20.85
CA THR F 99 18.69 -38.12 -21.29
C THR F 99 18.97 -38.97 -20.06
N GLU F 100 18.67 -40.26 -20.14
CA GLU F 100 18.92 -41.13 -19.00
C GLU F 100 20.39 -40.90 -18.64
N PRO F 101 20.67 -40.40 -17.43
CA PRO F 101 22.03 -40.11 -16.93
C PRO F 101 23.07 -41.16 -17.32
N ASN F 102 24.09 -40.72 -18.08
CA ASN F 102 25.14 -41.62 -18.51
C ASN F 102 26.51 -40.96 -18.46
N ARG F 103 27.36 -41.45 -17.56
CA ARG F 103 28.69 -40.88 -17.40
C ARG F 103 29.60 -41.10 -18.60
N ALA F 104 29.64 -42.33 -19.09
CA ALA F 104 30.48 -42.68 -20.24
C ALA F 104 30.25 -41.81 -21.47
N VAL F 105 28.99 -41.50 -21.74
CA VAL F 105 28.65 -40.68 -22.90
C VAL F 105 29.22 -39.27 -22.75
N ILE F 106 29.13 -38.72 -21.54
CA ILE F 106 29.64 -37.37 -21.31
C ILE F 106 31.17 -37.36 -21.39
N ALA F 107 31.80 -38.33 -20.72
CA ALA F 107 33.25 -38.42 -20.70
C ALA F 107 33.86 -38.59 -22.09
N GLU F 108 33.21 -39.41 -22.92
CA GLU F 108 33.72 -39.65 -24.25
C GLU F 108 33.61 -38.39 -25.08
N GLN F 109 32.45 -37.73 -24.99
CA GLN F 109 32.20 -36.51 -25.73
C GLN F 109 33.30 -35.49 -25.41
N LEU F 110 33.62 -35.35 -24.12
CA LEU F 110 34.65 -34.39 -23.71
C LEU F 110 36.07 -34.89 -24.03
N ASP F 111 36.30 -36.19 -23.84
CA ASP F 111 37.62 -36.76 -24.11
C ASP F 111 38.00 -36.59 -25.56
N VAL F 112 37.05 -36.87 -26.45
CA VAL F 112 37.28 -36.75 -27.89
C VAL F 112 37.39 -35.29 -28.37
N ASN F 113 36.43 -34.48 -27.97
CA ASN F 113 36.39 -33.08 -28.40
C ASN F 113 37.21 -32.10 -27.58
N THR F 114 37.51 -32.47 -26.34
CA THR F 114 38.26 -31.56 -25.50
C THR F 114 39.66 -32.05 -25.19
N THR F 115 39.82 -32.89 -24.18
CA THR F 115 41.16 -33.34 -23.82
C THR F 115 41.99 -33.84 -25.01
N SER F 116 41.46 -34.77 -25.80
CA SER F 116 42.19 -35.30 -26.97
C SER F 116 42.72 -34.21 -27.89
N VAL F 117 41.93 -33.16 -28.10
CA VAL F 117 42.35 -32.07 -28.96
C VAL F 117 43.51 -31.35 -28.30
N VAL F 118 43.35 -31.06 -27.01
CA VAL F 118 44.37 -30.37 -26.23
C VAL F 118 45.69 -31.13 -26.20
N LEU F 119 45.65 -32.43 -25.91
CA LEU F 119 46.88 -33.20 -25.86
C LEU F 119 47.66 -33.07 -27.17
N LEU F 120 46.97 -33.31 -28.30
CA LEU F 120 47.63 -33.22 -29.59
C LEU F 120 48.30 -31.87 -29.83
N THR F 121 47.60 -30.78 -29.53
CA THR F 121 48.15 -29.45 -29.71
C THR F 121 49.41 -29.26 -28.87
N GLN F 122 49.39 -29.77 -27.65
CA GLN F 122 50.54 -29.63 -26.76
C GLN F 122 51.71 -30.43 -27.27
N LYS F 123 51.44 -31.68 -27.64
CA LYS F 123 52.45 -32.60 -28.14
C LYS F 123 53.02 -32.19 -29.51
N LEU F 124 52.66 -31.00 -29.98
CA LEU F 124 53.15 -30.51 -31.26
C LEU F 124 53.66 -29.08 -31.08
N LEU F 125 53.60 -28.59 -29.85
CA LEU F 125 54.06 -27.25 -29.54
C LEU F 125 55.51 -27.00 -29.95
N PRO F 126 56.41 -27.95 -29.66
CA PRO F 126 57.80 -27.75 -30.05
C PRO F 126 57.93 -27.50 -31.56
N LEU F 127 57.26 -28.33 -32.35
CA LEU F 127 57.31 -28.19 -33.79
C LEU F 127 56.65 -26.88 -34.21
N LEU F 128 55.54 -26.56 -33.56
CA LEU F 128 54.84 -25.33 -33.87
C LEU F 128 55.74 -24.14 -33.50
N LYS F 129 56.08 -24.01 -32.22
CA LYS F 129 56.92 -22.92 -31.75
C LYS F 129 58.23 -22.87 -32.53
N ASN F 130 58.76 -24.04 -32.88
CA ASN F 130 59.99 -24.12 -33.63
C ASN F 130 59.84 -23.42 -34.97
N ALA F 131 58.67 -23.56 -35.59
CA ALA F 131 58.38 -22.94 -36.88
C ALA F 131 58.21 -21.43 -36.71
N ALA F 132 57.73 -21.02 -35.54
CA ALA F 132 57.52 -19.61 -35.25
C ALA F 132 58.86 -18.91 -35.06
N SER F 133 59.86 -19.67 -34.62
CA SER F 133 61.19 -19.12 -34.37
C SER F 133 61.92 -18.91 -35.69
N LYS F 134 61.26 -18.23 -36.62
CA LYS F 134 61.85 -17.93 -37.91
C LYS F 134 61.37 -16.54 -38.33
N GLU F 135 61.38 -15.61 -37.37
CA GLU F 135 60.93 -14.26 -37.66
C GLU F 135 61.04 -13.36 -36.42
N ASP F 138 56.98 -10.35 -34.37
CA ASP F 138 55.83 -9.77 -33.67
C ASP F 138 54.51 -10.23 -34.28
N GLN F 139 54.40 -10.16 -35.60
CA GLN F 139 53.18 -10.55 -36.33
C GLN F 139 52.81 -12.02 -36.10
N LEU F 140 51.56 -12.37 -36.41
CA LEU F 140 51.08 -13.74 -36.18
C LEU F 140 50.80 -14.65 -37.40
N SER F 141 50.11 -14.12 -38.42
CA SER F 141 49.77 -14.86 -39.64
C SER F 141 49.89 -16.39 -39.62
N VAL F 142 48.81 -17.07 -40.03
CA VAL F 142 48.78 -18.53 -40.06
C VAL F 142 49.86 -19.08 -40.97
N SER F 143 50.53 -18.18 -41.69
CA SER F 143 51.60 -18.57 -42.60
C SER F 143 52.81 -18.93 -41.75
N ARG F 144 53.08 -18.06 -40.77
CA ARG F 144 54.19 -18.27 -39.85
C ARG F 144 53.98 -19.56 -39.07
N ALA F 145 53.17 -19.47 -38.03
CA ALA F 145 52.84 -20.62 -37.18
C ALA F 145 51.46 -20.36 -36.61
N ALA F 146 50.63 -21.39 -36.52
CA ALA F 146 49.30 -21.21 -35.98
C ALA F 146 48.55 -22.50 -35.67
N VAL F 147 47.63 -22.41 -34.71
CA VAL F 147 46.80 -23.53 -34.31
C VAL F 147 45.35 -23.09 -34.52
N ILE F 148 44.68 -23.74 -35.47
CA ILE F 148 43.30 -23.41 -35.77
C ILE F 148 42.40 -24.56 -35.39
N THR F 149 41.38 -24.26 -34.60
CA THR F 149 40.45 -25.28 -34.15
C THR F 149 39.06 -25.07 -34.74
N ILE F 150 38.48 -26.16 -35.23
CA ILE F 150 37.15 -26.15 -35.79
C ILE F 150 36.19 -26.42 -34.66
N SER F 151 35.63 -25.34 -34.11
CA SER F 151 34.70 -25.43 -32.99
C SER F 151 33.25 -25.47 -33.51
N SER F 152 32.39 -24.66 -32.87
CA SER F 152 30.98 -24.56 -33.25
C SER F 152 30.27 -23.46 -32.48
N GLY F 153 29.22 -22.91 -33.10
CA GLY F 153 28.43 -21.86 -32.48
C GLY F 153 27.81 -22.37 -31.18
N LEU F 154 27.45 -23.64 -31.17
CA LEU F 154 26.87 -24.27 -29.98
C LEU F 154 27.86 -24.10 -28.82
N GLY F 155 29.11 -23.80 -29.17
CA GLY F 155 30.13 -23.61 -28.16
C GLY F 155 29.95 -22.28 -27.45
N SER F 156 29.27 -21.34 -28.12
CA SER F 156 29.03 -20.03 -27.53
C SER F 156 27.99 -20.12 -26.44
N ILE F 157 28.42 -19.88 -25.20
CA ILE F 157 27.52 -19.92 -24.06
C ILE F 157 26.53 -18.78 -24.17
N THR F 158 27.07 -17.59 -24.44
CA THR F 158 26.26 -16.39 -24.56
C THR F 158 25.24 -16.48 -25.68
N ASP F 159 25.60 -17.18 -26.75
CA ASP F 159 24.69 -17.32 -27.89
C ASP F 159 23.73 -18.49 -27.73
N ASN F 160 23.87 -19.21 -26.61
CA ASN F 160 23.04 -20.38 -26.31
C ASN F 160 21.60 -20.05 -25.92
N THR F 161 20.65 -20.35 -26.81
CA THR F 161 19.25 -20.07 -26.53
C THR F 161 18.37 -21.29 -26.77
N SER F 162 18.92 -22.29 -27.43
CA SER F 162 18.17 -23.50 -27.71
C SER F 162 18.38 -24.59 -26.67
N GLY F 163 19.51 -24.55 -25.98
CA GLY F 163 19.80 -25.59 -25.00
C GLY F 163 19.99 -26.93 -25.73
N SER F 164 19.36 -27.98 -25.22
CA SER F 164 19.44 -29.29 -25.86
C SER F 164 17.99 -29.71 -26.07
N ALA F 165 17.11 -28.71 -26.01
CA ALA F 165 15.68 -28.90 -26.19
C ALA F 165 15.40 -29.28 -27.65
N GLN F 166 16.11 -28.64 -28.57
CA GLN F 166 15.96 -28.90 -29.99
C GLN F 166 16.76 -30.13 -30.40
N PHE F 167 18.05 -30.14 -30.05
CA PHE F 167 18.96 -31.26 -30.37
C PHE F 167 19.70 -31.75 -29.14
N PRO F 168 20.00 -33.06 -29.08
CA PRO F 168 20.73 -33.64 -27.93
C PRO F 168 22.19 -33.24 -27.90
N VAL F 169 22.44 -31.96 -27.67
CA VAL F 169 23.80 -31.43 -27.68
C VAL F 169 24.32 -30.86 -26.36
N LEU F 170 23.93 -31.47 -25.24
CA LEU F 170 24.38 -31.00 -23.93
C LEU F 170 25.88 -31.24 -23.81
N ALA F 171 26.29 -32.50 -23.88
CA ALA F 171 27.69 -32.86 -23.79
C ALA F 171 28.47 -32.13 -24.89
N TYR F 172 27.87 -32.08 -26.08
CA TYR F 172 28.49 -31.41 -27.21
C TYR F 172 28.78 -29.97 -26.84
N ARG F 173 27.71 -29.18 -26.61
CA ARG F 173 27.87 -27.76 -26.26
C ARG F 173 29.00 -27.53 -25.27
N MET F 174 29.03 -28.34 -24.21
CA MET F 174 30.06 -28.24 -23.17
C MET F 174 31.47 -28.50 -23.70
N SER F 175 31.60 -29.47 -24.60
CA SER F 175 32.90 -29.81 -25.17
C SER F 175 33.51 -28.67 -26.01
N LYS F 176 32.67 -27.97 -26.76
CA LYS F 176 33.14 -26.87 -27.60
C LYS F 176 33.40 -25.63 -26.77
N ALA F 177 32.61 -25.46 -25.71
CA ALA F 177 32.80 -24.30 -24.84
C ALA F 177 34.18 -24.44 -24.19
N ALA F 178 34.52 -25.69 -23.87
CA ALA F 178 35.80 -26.02 -23.27
C ALA F 178 36.95 -25.80 -24.24
N ILE F 179 36.78 -26.26 -25.49
CA ILE F 179 37.83 -26.08 -26.49
C ILE F 179 38.00 -24.59 -26.79
N ASN F 180 36.90 -23.85 -26.72
CA ASN F 180 36.92 -22.41 -26.93
C ASN F 180 37.71 -21.75 -25.80
N MET F 181 37.63 -22.35 -24.62
CA MET F 181 38.38 -21.82 -23.48
C MET F 181 39.86 -22.15 -23.72
N PHE F 182 40.10 -23.32 -24.32
CA PHE F 182 41.46 -23.76 -24.62
C PHE F 182 42.16 -22.81 -25.57
N GLY F 183 41.54 -22.53 -26.72
CA GLY F 183 42.13 -21.63 -27.70
C GLY F 183 42.41 -20.27 -27.11
N ARG F 184 41.48 -19.82 -26.27
CA ARG F 184 41.63 -18.53 -25.62
C ARG F 184 42.90 -18.55 -24.77
N THR F 185 43.05 -19.62 -24.00
CA THR F 185 44.18 -19.81 -23.10
C THR F 185 45.50 -20.02 -23.84
N LEU F 186 45.54 -21.01 -24.73
CA LEU F 186 46.74 -21.28 -25.48
C LEU F 186 47.29 -19.99 -26.12
N ALA F 187 46.40 -19.17 -26.66
CA ALA F 187 46.80 -17.91 -27.30
C ALA F 187 47.69 -17.10 -26.37
N VAL F 188 47.21 -16.90 -25.16
CA VAL F 188 47.97 -16.14 -24.18
C VAL F 188 49.32 -16.81 -23.96
N ASP F 189 49.29 -18.08 -23.56
CA ASP F 189 50.50 -18.84 -23.29
C ASP F 189 51.48 -18.89 -24.45
N LEU F 190 51.02 -18.58 -25.65
CA LEU F 190 51.91 -18.64 -26.79
C LEU F 190 52.19 -17.25 -27.37
N LYS F 191 51.86 -16.20 -26.62
CA LYS F 191 52.09 -14.84 -27.11
C LYS F 191 53.55 -14.61 -27.48
N ASP F 192 54.44 -14.82 -26.51
CA ASP F 192 55.87 -14.61 -26.74
C ASP F 192 56.41 -15.55 -27.81
N ASP F 193 55.74 -16.69 -28.01
CA ASP F 193 56.19 -17.65 -29.01
C ASP F 193 55.73 -17.28 -30.41
N ASN F 194 54.90 -16.25 -30.50
CA ASN F 194 54.41 -15.76 -31.79
C ASN F 194 53.50 -16.68 -32.59
N VAL F 195 53.05 -17.80 -32.02
CA VAL F 195 52.15 -18.70 -32.74
C VAL F 195 50.68 -18.28 -32.59
N LEU F 196 50.02 -18.09 -33.72
CA LEU F 196 48.62 -17.69 -33.76
C LEU F 196 47.65 -18.80 -33.40
N VAL F 197 46.59 -18.47 -32.67
CA VAL F 197 45.60 -19.46 -32.26
C VAL F 197 44.21 -18.83 -32.28
N VAL F 198 43.37 -19.32 -33.19
CA VAL F 198 42.02 -18.82 -33.33
C VAL F 198 41.05 -19.96 -33.57
N ASN F 199 39.82 -19.78 -33.11
CA ASN F 199 38.77 -20.77 -33.26
C ASN F 199 37.68 -20.27 -34.21
N PHE F 200 37.23 -21.14 -35.09
CA PHE F 200 36.20 -20.76 -36.05
C PHE F 200 34.99 -21.66 -35.93
N CYS F 201 34.06 -21.47 -36.84
CA CYS F 201 32.86 -22.27 -36.88
C CYS F 201 32.21 -22.29 -38.23
N PRO F 202 32.22 -23.45 -38.90
CA PRO F 202 31.53 -23.43 -40.19
C PRO F 202 30.10 -23.56 -39.64
N GLY F 203 29.07 -23.28 -40.42
CA GLY F 203 27.73 -23.44 -39.85
C GLY F 203 27.38 -24.92 -39.72
N TRP F 204 28.31 -25.71 -39.20
CA TRP F 204 28.13 -27.16 -39.08
C TRP F 204 27.78 -27.56 -40.50
N VAL F 205 28.81 -27.68 -41.32
CA VAL F 205 28.69 -28.03 -42.72
C VAL F 205 29.50 -29.29 -43.00
N GLU F 219 34.12 -27.25 -51.26
CA GLU F 219 32.87 -26.51 -51.19
C GLU F 219 33.10 -25.09 -50.73
N GLN F 220 32.05 -24.26 -50.84
CA GLN F 220 32.12 -22.85 -50.46
C GLN F 220 32.32 -22.61 -48.97
N SER F 221 32.11 -23.65 -48.17
CA SER F 221 32.28 -23.55 -46.72
C SER F 221 33.78 -23.59 -46.40
N THR F 222 34.46 -24.61 -46.92
CA THR F 222 35.89 -24.76 -46.70
C THR F 222 36.64 -23.67 -47.47
N ALA F 223 36.07 -23.27 -48.61
CA ALA F 223 36.67 -22.23 -49.43
C ALA F 223 36.68 -20.91 -48.66
N GLU F 224 35.51 -20.50 -48.16
CA GLU F 224 35.42 -19.27 -47.40
C GLU F 224 36.32 -19.34 -46.18
N LEU F 225 36.41 -20.54 -45.59
CA LEU F 225 37.24 -20.74 -44.42
C LEU F 225 38.67 -20.33 -44.70
N ILE F 226 39.31 -21.06 -45.60
CA ILE F 226 40.69 -20.75 -45.95
C ILE F 226 40.73 -19.33 -46.48
N SER F 227 39.68 -18.94 -47.20
CA SER F 227 39.58 -17.59 -47.76
C SER F 227 39.88 -16.50 -46.72
N SER F 228 39.51 -16.76 -45.46
CA SER F 228 39.74 -15.82 -44.38
C SER F 228 40.82 -16.29 -43.42
N PHE F 229 41.40 -17.44 -43.72
CA PHE F 229 42.50 -17.99 -42.91
C PHE F 229 43.68 -17.08 -43.21
N ASN F 230 43.69 -16.54 -44.42
CA ASN F 230 44.75 -15.67 -44.90
C ASN F 230 44.67 -14.25 -44.36
N LYS F 231 43.56 -13.92 -43.70
CA LYS F 231 43.38 -12.58 -43.15
C LYS F 231 43.60 -12.52 -41.64
N LEU F 232 44.01 -13.65 -41.05
CA LEU F 232 44.22 -13.73 -39.62
C LEU F 232 45.54 -13.16 -39.09
N ASP F 233 45.47 -11.98 -38.47
CA ASP F 233 46.65 -11.36 -37.90
C ASP F 233 46.62 -11.47 -36.38
N ASN F 234 47.02 -10.40 -35.70
CA ASN F 234 47.05 -10.40 -34.23
C ASN F 234 45.72 -10.08 -33.57
N SER F 235 44.89 -9.30 -34.26
CA SER F 235 43.60 -8.90 -33.72
C SER F 235 42.60 -10.06 -33.60
N HIS F 236 42.92 -11.18 -34.24
CA HIS F 236 42.04 -12.36 -34.21
C HIS F 236 42.53 -13.35 -33.17
N ASN F 237 43.75 -13.15 -32.70
CA ASN F 237 44.36 -14.04 -31.74
C ASN F 237 43.53 -14.23 -30.47
N GLY F 238 43.30 -15.49 -30.10
CA GLY F 238 42.54 -15.83 -28.91
C GLY F 238 41.05 -15.56 -29.06
N ARG F 239 40.59 -15.52 -30.30
CA ARG F 239 39.19 -15.25 -30.56
C ARG F 239 38.45 -16.35 -31.33
N PHE F 240 37.12 -16.30 -31.22
CA PHE F 240 36.22 -17.26 -31.85
C PHE F 240 35.49 -16.51 -32.96
N PHE F 241 35.41 -17.12 -34.14
CA PHE F 241 34.75 -16.48 -35.28
C PHE F 241 33.93 -17.43 -36.12
N MET F 242 33.10 -16.85 -36.97
CA MET F 242 32.28 -17.60 -37.92
C MET F 242 33.15 -17.58 -39.18
N ARG F 243 32.96 -18.53 -40.09
CA ARG F 243 33.81 -18.57 -41.28
C ARG F 243 33.93 -17.24 -42.04
N ASN F 244 32.89 -16.40 -42.01
CA ASN F 244 32.93 -15.12 -42.71
C ASN F 244 33.72 -14.08 -41.91
N LEU F 245 34.30 -14.52 -40.80
CA LEU F 245 35.10 -13.69 -39.90
C LEU F 245 34.35 -12.82 -38.89
N LYS F 246 33.03 -12.93 -38.85
CA LYS F 246 32.26 -12.17 -37.88
C LYS F 246 32.49 -12.84 -36.53
N PRO F 247 32.91 -12.06 -35.52
CA PRO F 247 33.18 -12.58 -34.17
C PRO F 247 31.98 -13.12 -33.38
N TYR F 248 32.25 -14.02 -32.44
CA TYR F 248 31.25 -14.62 -31.58
C TYR F 248 31.44 -14.05 -30.18
N GLU F 249 30.50 -14.28 -29.26
CA GLU F 249 30.70 -13.73 -27.92
C GLU F 249 31.14 -14.69 -26.82
N PHE F 250 31.43 -15.93 -27.19
CA PHE F 250 31.91 -16.96 -26.24
C PHE F 250 30.86 -17.67 -25.39
#